data_5H4Y
# 
_entry.id   5H4Y 
# 
_audit_conform.dict_name       mmcif_pdbx.dic 
_audit_conform.dict_version    5.387 
_audit_conform.dict_location   http://mmcif.pdb.org/dictionaries/ascii/mmcif_pdbx.dic 
# 
loop_
_database_2.database_id 
_database_2.database_code 
_database_2.pdbx_database_accession 
_database_2.pdbx_DOI 
PDB   5H4Y         pdb_00005h4y 10.2210/pdb5h4y/pdb 
WWPDB D_1300002018 ?            ?                   
# 
loop_
_pdbx_audit_revision_history.ordinal 
_pdbx_audit_revision_history.data_content_type 
_pdbx_audit_revision_history.major_revision 
_pdbx_audit_revision_history.minor_revision 
_pdbx_audit_revision_history.revision_date 
1 'Structure model' 1 0 2016-11-30 
2 'Structure model' 1 1 2017-01-11 
3 'Structure model' 1 2 2017-08-16 
4 'Structure model' 1 3 2024-03-20 
# 
_pdbx_audit_revision_details.ordinal             1 
_pdbx_audit_revision_details.revision_ordinal    1 
_pdbx_audit_revision_details.data_content_type   'Structure model' 
_pdbx_audit_revision_details.provider            repository 
_pdbx_audit_revision_details.type                'Initial release' 
_pdbx_audit_revision_details.description         ? 
_pdbx_audit_revision_details.details             ? 
# 
loop_
_pdbx_audit_revision_group.ordinal 
_pdbx_audit_revision_group.revision_ordinal 
_pdbx_audit_revision_group.data_content_type 
_pdbx_audit_revision_group.group 
1 2 'Structure model' 'Database references'  
2 3 'Structure model' 'Database references'  
3 4 'Structure model' 'Data collection'      
4 4 'Structure model' 'Database references'  
5 4 'Structure model' 'Derived calculations' 
# 
loop_
_pdbx_audit_revision_category.ordinal 
_pdbx_audit_revision_category.revision_ordinal 
_pdbx_audit_revision_category.data_content_type 
_pdbx_audit_revision_category.category 
1 3 'Structure model' pdbx_related_exp_data_set 
2 4 'Structure model' chem_comp_atom            
3 4 'Structure model' chem_comp_bond            
4 4 'Structure model' database_2                
5 4 'Structure model' pdbx_struct_conn_angle    
6 4 'Structure model' struct_conn               
# 
loop_
_pdbx_audit_revision_item.ordinal 
_pdbx_audit_revision_item.revision_ordinal 
_pdbx_audit_revision_item.data_content_type 
_pdbx_audit_revision_item.item 
1 4 'Structure model' '_database_2.pdbx_DOI'                      
2 4 'Structure model' '_database_2.pdbx_database_accession'       
3 4 'Structure model' '_pdbx_struct_conn_angle.ptnr1_auth_seq_id' 
4 4 'Structure model' '_pdbx_struct_conn_angle.ptnr3_auth_seq_id' 
5 4 'Structure model' '_pdbx_struct_conn_angle.value'             
6 4 'Structure model' '_struct_conn.pdbx_dist_value'              
7 4 'Structure model' '_struct_conn.ptnr1_label_atom_id'          
8 4 'Structure model' '_struct_conn.ptnr2_auth_seq_id'            
9 4 'Structure model' '_struct_conn.ptnr2_label_asym_id'          
# 
_pdbx_database_status.status_code                     REL 
_pdbx_database_status.status_code_sf                  REL 
_pdbx_database_status.status_code_mr                  ? 
_pdbx_database_status.entry_id                        5H4Y 
_pdbx_database_status.recvd_initial_deposition_date   2016-11-02 
_pdbx_database_status.SG_entry                        N 
_pdbx_database_status.deposit_site                    PDBJ 
_pdbx_database_status.process_site                    PDBJ 
_pdbx_database_status.status_code_cs                  ? 
_pdbx_database_status.methods_development_category    ? 
_pdbx_database_status.pdb_format_compatible           Y 
_pdbx_database_status.status_code_nmr_data            ? 
# 
_pdbx_database_related.content_type   unspecified 
_pdbx_database_related.db_id          5H4Z 
_pdbx_database_related.db_name        PDB 
_pdbx_database_related.details        . 
# 
loop_
_audit_author.name 
_audit_author.pdbx_ordinal 
'Qiu, X.'  1 
'Gao, Y.'  2 
'Teng, M.' 3 
'Niu, L.'  4 
# 
_citation.abstract                  ? 
_citation.abstract_id_CAS           ? 
_citation.book_id_ISBN              ? 
_citation.book_publisher            ? 
_citation.book_publisher_city       ? 
_citation.book_title                ? 
_citation.coordinate_linkage        ? 
_citation.country                   UK 
_citation.database_id_Medline       ? 
_citation.details                   ? 
_citation.id                        primary 
_citation.journal_abbrev            'Int. J. Biol. Macromol.' 
_citation.journal_id_ASTM           IJBMDR 
_citation.journal_id_CSD            0708 
_citation.journal_id_ISSN           1879-0003 
_citation.journal_full              ? 
_citation.journal_issue             ? 
_citation.journal_volume            95 
_citation.language                  ? 
_citation.page_first                946 
_citation.page_last                 953 
_citation.title                     'Structural analysis of Ca(2+)-binding pocket of synaptotagmin 5 C2A domain' 
_citation.year                      2017 
_citation.database_id_CSD           ? 
_citation.pdbx_database_id_DOI      10.1016/j.ijbiomac.2016.10.083 
_citation.pdbx_database_id_PubMed   27793683 
_citation.unpublished_flag          ? 
# 
loop_
_citation_author.citation_id 
_citation_author.name 
_citation_author.ordinal 
_citation_author.identifier_ORCID 
primary 'Qiu, X.'  1 ? 
primary 'Ge, J.'   2 ? 
primary 'Gao, Y.'  3 ? 
primary 'Teng, M.' 4 ? 
primary 'Niu, L.'  5 ? 
# 
loop_
_entity.id 
_entity.type 
_entity.src_method 
_entity.pdbx_description 
_entity.formula_weight 
_entity.pdbx_number_of_molecules 
_entity.pdbx_ec 
_entity.pdbx_mutation 
_entity.pdbx_fragment 
_entity.details 
1 polymer     man Synaptotagmin-5 17181.443 1   ? R111Q 'UNP residues 102-242' ? 
2 non-polymer syn 'CALCIUM ION'   40.078    3   ? ?     ?                      ? 
3 non-polymer syn 'ACETATE ION'   59.044    1   ? ?     ?                      ? 
4 water       nat water           18.015    128 ? ?     ?                      ? 
# 
_entity_name_com.entity_id   1 
_entity_name_com.name        'Synaptotagmin V,SytV' 
# 
_entity_poly.entity_id                      1 
_entity_poly.type                           'polypeptide(L)' 
_entity_poly.nstd_linkage                   no 
_entity_poly.nstd_monomer                   no 
_entity_poly.pdbx_seq_one_letter_code       
;MGHHHHHHMQVADKHELGQLQYSLDYDFQSGQLLVGILQAMGLAALDLGGSSDPYVRVYLLPDKRRRYETKVHRQTLNPH
FGETFAFKVPYVELGGRVLVMAVYDFDRFSRNDAIGEVRVPMSSVDLGRPVQAWRELQAAPREEQEKLGD
;
_entity_poly.pdbx_seq_one_letter_code_can   
;MGHHHHHHMQVADKHELGQLQYSLDYDFQSGQLLVGILQAMGLAALDLGGSSDPYVRVYLLPDKRRRYETKVHRQTLNPH
FGETFAFKVPYVELGGRVLVMAVYDFDRFSRNDAIGEVRVPMSSVDLGRPVQAWRELQAAPREEQEKLGD
;
_entity_poly.pdbx_strand_id                 A 
_entity_poly.pdbx_target_identifier         ? 
# 
loop_
_pdbx_entity_nonpoly.entity_id 
_pdbx_entity_nonpoly.name 
_pdbx_entity_nonpoly.comp_id 
2 'CALCIUM ION' CA  
3 'ACETATE ION' ACT 
4 water         HOH 
# 
loop_
_entity_poly_seq.entity_id 
_entity_poly_seq.num 
_entity_poly_seq.mon_id 
_entity_poly_seq.hetero 
1 1   MET n 
1 2   GLY n 
1 3   HIS n 
1 4   HIS n 
1 5   HIS n 
1 6   HIS n 
1 7   HIS n 
1 8   HIS n 
1 9   MET n 
1 10  GLN n 
1 11  VAL n 
1 12  ALA n 
1 13  ASP n 
1 14  LYS n 
1 15  HIS n 
1 16  GLU n 
1 17  LEU n 
1 18  GLY n 
1 19  GLN n 
1 20  LEU n 
1 21  GLN n 
1 22  TYR n 
1 23  SER n 
1 24  LEU n 
1 25  ASP n 
1 26  TYR n 
1 27  ASP n 
1 28  PHE n 
1 29  GLN n 
1 30  SER n 
1 31  GLY n 
1 32  GLN n 
1 33  LEU n 
1 34  LEU n 
1 35  VAL n 
1 36  GLY n 
1 37  ILE n 
1 38  LEU n 
1 39  GLN n 
1 40  ALA n 
1 41  MET n 
1 42  GLY n 
1 43  LEU n 
1 44  ALA n 
1 45  ALA n 
1 46  LEU n 
1 47  ASP n 
1 48  LEU n 
1 49  GLY n 
1 50  GLY n 
1 51  SER n 
1 52  SER n 
1 53  ASP n 
1 54  PRO n 
1 55  TYR n 
1 56  VAL n 
1 57  ARG n 
1 58  VAL n 
1 59  TYR n 
1 60  LEU n 
1 61  LEU n 
1 62  PRO n 
1 63  ASP n 
1 64  LYS n 
1 65  ARG n 
1 66  ARG n 
1 67  ARG n 
1 68  TYR n 
1 69  GLU n 
1 70  THR n 
1 71  LYS n 
1 72  VAL n 
1 73  HIS n 
1 74  ARG n 
1 75  GLN n 
1 76  THR n 
1 77  LEU n 
1 78  ASN n 
1 79  PRO n 
1 80  HIS n 
1 81  PHE n 
1 82  GLY n 
1 83  GLU n 
1 84  THR n 
1 85  PHE n 
1 86  ALA n 
1 87  PHE n 
1 88  LYS n 
1 89  VAL n 
1 90  PRO n 
1 91  TYR n 
1 92  VAL n 
1 93  GLU n 
1 94  LEU n 
1 95  GLY n 
1 96  GLY n 
1 97  ARG n 
1 98  VAL n 
1 99  LEU n 
1 100 VAL n 
1 101 MET n 
1 102 ALA n 
1 103 VAL n 
1 104 TYR n 
1 105 ASP n 
1 106 PHE n 
1 107 ASP n 
1 108 ARG n 
1 109 PHE n 
1 110 SER n 
1 111 ARG n 
1 112 ASN n 
1 113 ASP n 
1 114 ALA n 
1 115 ILE n 
1 116 GLY n 
1 117 GLU n 
1 118 VAL n 
1 119 ARG n 
1 120 VAL n 
1 121 PRO n 
1 122 MET n 
1 123 SER n 
1 124 SER n 
1 125 VAL n 
1 126 ASP n 
1 127 LEU n 
1 128 GLY n 
1 129 ARG n 
1 130 PRO n 
1 131 VAL n 
1 132 GLN n 
1 133 ALA n 
1 134 TRP n 
1 135 ARG n 
1 136 GLU n 
1 137 LEU n 
1 138 GLN n 
1 139 ALA n 
1 140 ALA n 
1 141 PRO n 
1 142 ARG n 
1 143 GLU n 
1 144 GLU n 
1 145 GLN n 
1 146 GLU n 
1 147 LYS n 
1 148 LEU n 
1 149 GLY n 
1 150 ASP n 
# 
_entity_src_gen.entity_id                          1 
_entity_src_gen.pdbx_src_id                        1 
_entity_src_gen.pdbx_alt_source_flag               sample 
_entity_src_gen.pdbx_seq_type                      'Biological sequence' 
_entity_src_gen.pdbx_beg_seq_num                   1 
_entity_src_gen.pdbx_end_seq_num                   150 
_entity_src_gen.gene_src_common_name               Human 
_entity_src_gen.gene_src_genus                     ? 
_entity_src_gen.pdbx_gene_src_gene                 SYT5 
_entity_src_gen.gene_src_species                   ? 
_entity_src_gen.gene_src_strain                    ? 
_entity_src_gen.gene_src_tissue                    ? 
_entity_src_gen.gene_src_tissue_fraction           ? 
_entity_src_gen.gene_src_details                   ? 
_entity_src_gen.pdbx_gene_src_fragment             ? 
_entity_src_gen.pdbx_gene_src_scientific_name      'Homo sapiens' 
_entity_src_gen.pdbx_gene_src_ncbi_taxonomy_id     9606 
_entity_src_gen.pdbx_gene_src_variant              ? 
_entity_src_gen.pdbx_gene_src_cell_line            ? 
_entity_src_gen.pdbx_gene_src_atcc                 ? 
_entity_src_gen.pdbx_gene_src_organ                ? 
_entity_src_gen.pdbx_gene_src_organelle            ? 
_entity_src_gen.pdbx_gene_src_cell                 ? 
_entity_src_gen.pdbx_gene_src_cellular_location    ? 
_entity_src_gen.host_org_common_name               ? 
_entity_src_gen.pdbx_host_org_scientific_name      'Escherichia coli' 
_entity_src_gen.pdbx_host_org_ncbi_taxonomy_id     562 
_entity_src_gen.host_org_genus                     ? 
_entity_src_gen.pdbx_host_org_gene                 ? 
_entity_src_gen.pdbx_host_org_organ                ? 
_entity_src_gen.host_org_species                   ? 
_entity_src_gen.pdbx_host_org_tissue               ? 
_entity_src_gen.pdbx_host_org_tissue_fraction      ? 
_entity_src_gen.pdbx_host_org_strain               K12 
_entity_src_gen.pdbx_host_org_variant              ? 
_entity_src_gen.pdbx_host_org_cell_line            ? 
_entity_src_gen.pdbx_host_org_atcc                 ? 
_entity_src_gen.pdbx_host_org_culture_collection   ? 
_entity_src_gen.pdbx_host_org_cell                 ? 
_entity_src_gen.pdbx_host_org_organelle            ? 
_entity_src_gen.pdbx_host_org_cellular_location    ? 
_entity_src_gen.pdbx_host_org_vector_type          ? 
_entity_src_gen.pdbx_host_org_vector               ? 
_entity_src_gen.host_org_details                   ? 
_entity_src_gen.expression_system_id               ? 
_entity_src_gen.plasmid_name                       P28 
_entity_src_gen.plasmid_details                    ? 
_entity_src_gen.pdbx_description                   ? 
# 
loop_
_chem_comp.id 
_chem_comp.type 
_chem_comp.mon_nstd_flag 
_chem_comp.name 
_chem_comp.pdbx_synonyms 
_chem_comp.formula 
_chem_comp.formula_weight 
ACT non-polymer         . 'ACETATE ION'   ? 'C2 H3 O2 -1'    59.044  
ALA 'L-peptide linking' y ALANINE         ? 'C3 H7 N O2'     89.093  
ARG 'L-peptide linking' y ARGININE        ? 'C6 H15 N4 O2 1' 175.209 
ASN 'L-peptide linking' y ASPARAGINE      ? 'C4 H8 N2 O3'    132.118 
ASP 'L-peptide linking' y 'ASPARTIC ACID' ? 'C4 H7 N O4'     133.103 
CA  non-polymer         . 'CALCIUM ION'   ? 'Ca 2'           40.078  
GLN 'L-peptide linking' y GLUTAMINE       ? 'C5 H10 N2 O3'   146.144 
GLU 'L-peptide linking' y 'GLUTAMIC ACID' ? 'C5 H9 N O4'     147.129 
GLY 'peptide linking'   y GLYCINE         ? 'C2 H5 N O2'     75.067  
HIS 'L-peptide linking' y HISTIDINE       ? 'C6 H10 N3 O2 1' 156.162 
HOH non-polymer         . WATER           ? 'H2 O'           18.015  
ILE 'L-peptide linking' y ISOLEUCINE      ? 'C6 H13 N O2'    131.173 
LEU 'L-peptide linking' y LEUCINE         ? 'C6 H13 N O2'    131.173 
LYS 'L-peptide linking' y LYSINE          ? 'C6 H15 N2 O2 1' 147.195 
MET 'L-peptide linking' y METHIONINE      ? 'C5 H11 N O2 S'  149.211 
PHE 'L-peptide linking' y PHENYLALANINE   ? 'C9 H11 N O2'    165.189 
PRO 'L-peptide linking' y PROLINE         ? 'C5 H9 N O2'     115.130 
SER 'L-peptide linking' y SERINE          ? 'C3 H7 N O3'     105.093 
THR 'L-peptide linking' y THREONINE       ? 'C4 H9 N O3'     119.119 
TRP 'L-peptide linking' y TRYPTOPHAN      ? 'C11 H12 N2 O2'  204.225 
TYR 'L-peptide linking' y TYROSINE        ? 'C9 H11 N O3'    181.189 
VAL 'L-peptide linking' y VALINE          ? 'C5 H11 N O2'    117.146 
# 
loop_
_pdbx_poly_seq_scheme.asym_id 
_pdbx_poly_seq_scheme.entity_id 
_pdbx_poly_seq_scheme.seq_id 
_pdbx_poly_seq_scheme.mon_id 
_pdbx_poly_seq_scheme.ndb_seq_num 
_pdbx_poly_seq_scheme.pdb_seq_num 
_pdbx_poly_seq_scheme.auth_seq_num 
_pdbx_poly_seq_scheme.pdb_mon_id 
_pdbx_poly_seq_scheme.auth_mon_id 
_pdbx_poly_seq_scheme.pdb_strand_id 
_pdbx_poly_seq_scheme.pdb_ins_code 
_pdbx_poly_seq_scheme.hetero 
A 1 1   MET 1   93  ?   ?   ?   A . n 
A 1 2   GLY 2   94  ?   ?   ?   A . n 
A 1 3   HIS 3   95  ?   ?   ?   A . n 
A 1 4   HIS 4   96  ?   ?   ?   A . n 
A 1 5   HIS 5   97  ?   ?   ?   A . n 
A 1 6   HIS 6   98  ?   ?   ?   A . n 
A 1 7   HIS 7   99  ?   ?   ?   A . n 
A 1 8   HIS 8   100 ?   ?   ?   A . n 
A 1 9   MET 9   101 ?   ?   ?   A . n 
A 1 10  GLN 10  102 ?   ?   ?   A . n 
A 1 11  VAL 11  103 ?   ?   ?   A . n 
A 1 12  ALA 12  104 ?   ?   ?   A . n 
A 1 13  ASP 13  105 ?   ?   ?   A . n 
A 1 14  LYS 14  106 ?   ?   ?   A . n 
A 1 15  HIS 15  107 107 HIS HIS A . n 
A 1 16  GLU 16  108 108 GLU GLU A . n 
A 1 17  LEU 17  109 109 LEU LEU A . n 
A 1 18  GLY 18  110 110 GLY GLY A . n 
A 1 19  GLN 19  111 111 GLN GLN A . n 
A 1 20  LEU 20  112 112 LEU LEU A . n 
A 1 21  GLN 21  113 113 GLN GLN A . n 
A 1 22  TYR 22  114 114 TYR TYR A . n 
A 1 23  SER 23  115 115 SER SER A . n 
A 1 24  LEU 24  116 116 LEU LEU A . n 
A 1 25  ASP 25  117 117 ASP ASP A . n 
A 1 26  TYR 26  118 118 TYR TYR A . n 
A 1 27  ASP 27  119 119 ASP ASP A . n 
A 1 28  PHE 28  120 120 PHE PHE A . n 
A 1 29  GLN 29  121 121 GLN GLN A . n 
A 1 30  SER 30  122 122 SER SER A . n 
A 1 31  GLY 31  123 123 GLY GLY A . n 
A 1 32  GLN 32  124 124 GLN GLN A . n 
A 1 33  LEU 33  125 125 LEU LEU A . n 
A 1 34  LEU 34  126 126 LEU LEU A . n 
A 1 35  VAL 35  127 127 VAL VAL A . n 
A 1 36  GLY 36  128 128 GLY GLY A . n 
A 1 37  ILE 37  129 129 ILE ILE A . n 
A 1 38  LEU 38  130 130 LEU LEU A . n 
A 1 39  GLN 39  131 131 GLN GLN A . n 
A 1 40  ALA 40  132 132 ALA ALA A . n 
A 1 41  MET 41  133 133 MET MET A . n 
A 1 42  GLY 42  134 134 GLY GLY A . n 
A 1 43  LEU 43  135 135 LEU LEU A . n 
A 1 44  ALA 44  136 136 ALA ALA A . n 
A 1 45  ALA 45  137 137 ALA ALA A . n 
A 1 46  LEU 46  138 138 LEU LEU A . n 
A 1 47  ASP 47  139 139 ASP ASP A . n 
A 1 48  LEU 48  140 140 LEU LEU A . n 
A 1 49  GLY 49  141 141 GLY GLY A . n 
A 1 50  GLY 50  142 142 GLY GLY A . n 
A 1 51  SER 51  143 143 SER SER A . n 
A 1 52  SER 52  144 144 SER SER A . n 
A 1 53  ASP 53  145 145 ASP ASP A . n 
A 1 54  PRO 54  146 146 PRO PRO A . n 
A 1 55  TYR 55  147 147 TYR TYR A . n 
A 1 56  VAL 56  148 148 VAL VAL A . n 
A 1 57  ARG 57  149 149 ARG ARG A . n 
A 1 58  VAL 58  150 150 VAL VAL A . n 
A 1 59  TYR 59  151 151 TYR TYR A . n 
A 1 60  LEU 60  152 152 LEU LEU A . n 
A 1 61  LEU 61  153 153 LEU LEU A . n 
A 1 62  PRO 62  154 154 PRO PRO A . n 
A 1 63  ASP 63  155 155 ASP ASP A . n 
A 1 64  LYS 64  156 156 LYS LYS A . n 
A 1 65  ARG 65  157 157 ARG ARG A . n 
A 1 66  ARG 66  158 158 ARG ARG A . n 
A 1 67  ARG 67  159 159 ARG ARG A . n 
A 1 68  TYR 68  160 160 TYR TYR A . n 
A 1 69  GLU 69  161 161 GLU GLU A . n 
A 1 70  THR 70  162 162 THR THR A . n 
A 1 71  LYS 71  163 163 LYS LYS A . n 
A 1 72  VAL 72  164 164 VAL VAL A . n 
A 1 73  HIS 73  165 165 HIS HIS A . n 
A 1 74  ARG 74  166 166 ARG ARG A . n 
A 1 75  GLN 75  167 167 GLN GLN A . n 
A 1 76  THR 76  168 168 THR THR A . n 
A 1 77  LEU 77  169 169 LEU LEU A . n 
A 1 78  ASN 78  170 170 ASN ASN A . n 
A 1 79  PRO 79  171 171 PRO PRO A . n 
A 1 80  HIS 80  172 172 HIS HIS A . n 
A 1 81  PHE 81  173 173 PHE PHE A . n 
A 1 82  GLY 82  174 174 GLY GLY A . n 
A 1 83  GLU 83  175 175 GLU GLU A . n 
A 1 84  THR 84  176 176 THR THR A . n 
A 1 85  PHE 85  177 177 PHE PHE A . n 
A 1 86  ALA 86  178 178 ALA ALA A . n 
A 1 87  PHE 87  179 179 PHE PHE A . n 
A 1 88  LYS 88  180 180 LYS LYS A . n 
A 1 89  VAL 89  181 181 VAL VAL A . n 
A 1 90  PRO 90  182 182 PRO PRO A . n 
A 1 91  TYR 91  183 183 TYR TYR A . n 
A 1 92  VAL 92  184 184 VAL VAL A . n 
A 1 93  GLU 93  185 185 GLU GLU A . n 
A 1 94  LEU 94  186 186 LEU LEU A . n 
A 1 95  GLY 95  187 187 GLY GLY A . n 
A 1 96  GLY 96  188 188 GLY GLY A . n 
A 1 97  ARG 97  189 189 ARG ARG A . n 
A 1 98  VAL 98  190 190 VAL VAL A . n 
A 1 99  LEU 99  191 191 LEU LEU A . n 
A 1 100 VAL 100 192 192 VAL VAL A . n 
A 1 101 MET 101 193 193 MET MET A . n 
A 1 102 ALA 102 194 194 ALA ALA A . n 
A 1 103 VAL 103 195 195 VAL VAL A . n 
A 1 104 TYR 104 196 196 TYR TYR A . n 
A 1 105 ASP 105 197 197 ASP ASP A . n 
A 1 106 PHE 106 198 198 PHE PHE A . n 
A 1 107 ASP 107 199 199 ASP ASP A . n 
A 1 108 ARG 108 200 200 ARG ARG A . n 
A 1 109 PHE 109 201 201 PHE PHE A . n 
A 1 110 SER 110 202 202 SER SER A . n 
A 1 111 ARG 111 203 203 ARG ARG A . n 
A 1 112 ASN 112 204 204 ASN ASN A . n 
A 1 113 ASP 113 205 205 ASP ASP A . n 
A 1 114 ALA 114 206 206 ALA ALA A . n 
A 1 115 ILE 115 207 207 ILE ILE A . n 
A 1 116 GLY 116 208 208 GLY GLY A . n 
A 1 117 GLU 117 209 209 GLU GLU A . n 
A 1 118 VAL 118 210 210 VAL VAL A . n 
A 1 119 ARG 119 211 211 ARG ARG A . n 
A 1 120 VAL 120 212 212 VAL VAL A . n 
A 1 121 PRO 121 213 213 PRO PRO A . n 
A 1 122 MET 122 214 214 MET MET A . n 
A 1 123 SER 123 215 215 SER SER A . n 
A 1 124 SER 124 216 216 SER SER A . n 
A 1 125 VAL 125 217 217 VAL VAL A . n 
A 1 126 ASP 126 218 218 ASP ASP A . n 
A 1 127 LEU 127 219 219 LEU LEU A . n 
A 1 128 GLY 128 220 220 GLY GLY A . n 
A 1 129 ARG 129 221 221 ARG ARG A . n 
A 1 130 PRO 130 222 222 PRO PRO A . n 
A 1 131 VAL 131 223 223 VAL VAL A . n 
A 1 132 GLN 132 224 224 GLN GLN A . n 
A 1 133 ALA 133 225 225 ALA ALA A . n 
A 1 134 TRP 134 226 226 TRP TRP A . n 
A 1 135 ARG 135 227 227 ARG ARG A . n 
A 1 136 GLU 136 228 228 GLU GLU A . n 
A 1 137 LEU 137 229 229 LEU LEU A . n 
A 1 138 GLN 138 230 230 GLN GLN A . n 
A 1 139 ALA 139 231 231 ALA ALA A . n 
A 1 140 ALA 140 232 232 ALA ALA A . n 
A 1 141 PRO 141 233 233 PRO PRO A . n 
A 1 142 ARG 142 234 ?   ?   ?   A . n 
A 1 143 GLU 143 235 ?   ?   ?   A . n 
A 1 144 GLU 144 236 ?   ?   ?   A . n 
A 1 145 GLN 145 237 ?   ?   ?   A . n 
A 1 146 GLU 146 238 ?   ?   ?   A . n 
A 1 147 LYS 147 239 ?   ?   ?   A . n 
A 1 148 LEU 148 240 ?   ?   ?   A . n 
A 1 149 GLY 149 241 ?   ?   ?   A . n 
A 1 150 ASP 150 242 ?   ?   ?   A . n 
# 
loop_
_pdbx_nonpoly_scheme.asym_id 
_pdbx_nonpoly_scheme.entity_id 
_pdbx_nonpoly_scheme.mon_id 
_pdbx_nonpoly_scheme.ndb_seq_num 
_pdbx_nonpoly_scheme.pdb_seq_num 
_pdbx_nonpoly_scheme.auth_seq_num 
_pdbx_nonpoly_scheme.pdb_mon_id 
_pdbx_nonpoly_scheme.auth_mon_id 
_pdbx_nonpoly_scheme.pdb_strand_id 
_pdbx_nonpoly_scheme.pdb_ins_code 
B 2 CA  1   301 1   CA  CA  A . 
C 2 CA  1   302 2   CA  CA  A . 
D 2 CA  1   303 3   CA  CA  A . 
E 3 ACT 1   304 1   ACT ACT A . 
F 4 HOH 1   401 76  HOH HOH A . 
F 4 HOH 2   402 13  HOH HOH A . 
F 4 HOH 3   403 59  HOH HOH A . 
F 4 HOH 4   404 114 HOH HOH A . 
F 4 HOH 5   405 79  HOH HOH A . 
F 4 HOH 6   406 17  HOH HOH A . 
F 4 HOH 7   407 51  HOH HOH A . 
F 4 HOH 8   408 45  HOH HOH A . 
F 4 HOH 9   409 117 HOH HOH A . 
F 4 HOH 10  410 16  HOH HOH A . 
F 4 HOH 11  411 20  HOH HOH A . 
F 4 HOH 12  412 53  HOH HOH A . 
F 4 HOH 13  413 61  HOH HOH A . 
F 4 HOH 14  414 31  HOH HOH A . 
F 4 HOH 15  415 5   HOH HOH A . 
F 4 HOH 16  416 96  HOH HOH A . 
F 4 HOH 17  417 6   HOH HOH A . 
F 4 HOH 18  418 42  HOH HOH A . 
F 4 HOH 19  419 113 HOH HOH A . 
F 4 HOH 20  420 33  HOH HOH A . 
F 4 HOH 21  421 100 HOH HOH A . 
F 4 HOH 22  422 32  HOH HOH A . 
F 4 HOH 23  423 44  HOH HOH A . 
F 4 HOH 24  424 116 HOH HOH A . 
F 4 HOH 25  425 85  HOH HOH A . 
F 4 HOH 26  426 95  HOH HOH A . 
F 4 HOH 27  427 11  HOH HOH A . 
F 4 HOH 28  428 104 HOH HOH A . 
F 4 HOH 29  429 75  HOH HOH A . 
F 4 HOH 30  430 46  HOH HOH A . 
F 4 HOH 31  431 82  HOH HOH A . 
F 4 HOH 32  432 34  HOH HOH A . 
F 4 HOH 33  433 101 HOH HOH A . 
F 4 HOH 34  434 47  HOH HOH A . 
F 4 HOH 35  435 121 HOH HOH A . 
F 4 HOH 36  436 54  HOH HOH A . 
F 4 HOH 37  437 105 HOH HOH A . 
F 4 HOH 38  438 41  HOH HOH A . 
F 4 HOH 39  439 63  HOH HOH A . 
F 4 HOH 40  440 10  HOH HOH A . 
F 4 HOH 41  441 25  HOH HOH A . 
F 4 HOH 42  442 7   HOH HOH A . 
F 4 HOH 43  443 28  HOH HOH A . 
F 4 HOH 44  444 27  HOH HOH A . 
F 4 HOH 45  445 8   HOH HOH A . 
F 4 HOH 46  446 36  HOH HOH A . 
F 4 HOH 47  447 24  HOH HOH A . 
F 4 HOH 48  448 81  HOH HOH A . 
F 4 HOH 49  449 35  HOH HOH A . 
F 4 HOH 50  450 93  HOH HOH A . 
F 4 HOH 51  451 84  HOH HOH A . 
F 4 HOH 52  452 1   HOH HOH A . 
F 4 HOH 53  453 30  HOH HOH A . 
F 4 HOH 54  454 22  HOH HOH A . 
F 4 HOH 55  455 37  HOH HOH A . 
F 4 HOH 56  456 21  HOH HOH A . 
F 4 HOH 57  457 39  HOH HOH A . 
F 4 HOH 58  458 77  HOH HOH A . 
F 4 HOH 59  459 94  HOH HOH A . 
F 4 HOH 60  460 50  HOH HOH A . 
F 4 HOH 61  461 71  HOH HOH A . 
F 4 HOH 62  462 80  HOH HOH A . 
F 4 HOH 63  463 18  HOH HOH A . 
F 4 HOH 64  464 43  HOH HOH A . 
F 4 HOH 65  465 48  HOH HOH A . 
F 4 HOH 66  466 60  HOH HOH A . 
F 4 HOH 67  467 2   HOH HOH A . 
F 4 HOH 68  468 49  HOH HOH A . 
F 4 HOH 69  469 14  HOH HOH A . 
F 4 HOH 70  470 52  HOH HOH A . 
F 4 HOH 71  471 9   HOH HOH A . 
F 4 HOH 72  472 73  HOH HOH A . 
F 4 HOH 73  473 15  HOH HOH A . 
F 4 HOH 74  474 128 HOH HOH A . 
F 4 HOH 75  475 92  HOH HOH A . 
F 4 HOH 76  476 91  HOH HOH A . 
F 4 HOH 77  477 125 HOH HOH A . 
F 4 HOH 78  478 111 HOH HOH A . 
F 4 HOH 79  479 55  HOH HOH A . 
F 4 HOH 80  480 29  HOH HOH A . 
F 4 HOH 81  481 64  HOH HOH A . 
F 4 HOH 82  482 97  HOH HOH A . 
F 4 HOH 83  483 110 HOH HOH A . 
F 4 HOH 84  484 83  HOH HOH A . 
F 4 HOH 85  485 56  HOH HOH A . 
F 4 HOH 86  486 98  HOH HOH A . 
F 4 HOH 87  487 123 HOH HOH A . 
F 4 HOH 88  488 19  HOH HOH A . 
F 4 HOH 89  489 40  HOH HOH A . 
F 4 HOH 90  490 57  HOH HOH A . 
F 4 HOH 91  491 126 HOH HOH A . 
F 4 HOH 92  492 38  HOH HOH A . 
F 4 HOH 93  493 106 HOH HOH A . 
F 4 HOH 94  494 107 HOH HOH A . 
F 4 HOH 95  495 86  HOH HOH A . 
F 4 HOH 96  496 108 HOH HOH A . 
F 4 HOH 97  497 23  HOH HOH A . 
F 4 HOH 98  498 3   HOH HOH A . 
F 4 HOH 99  499 4   HOH HOH A . 
F 4 HOH 100 500 99  HOH HOH A . 
F 4 HOH 101 501 124 HOH HOH A . 
F 4 HOH 102 502 112 HOH HOH A . 
F 4 HOH 103 503 122 HOH HOH A . 
F 4 HOH 104 504 87  HOH HOH A . 
F 4 HOH 105 505 90  HOH HOH A . 
F 4 HOH 106 506 65  HOH HOH A . 
F 4 HOH 107 507 78  HOH HOH A . 
F 4 HOH 108 508 58  HOH HOH A . 
F 4 HOH 109 509 12  HOH HOH A . 
F 4 HOH 110 510 88  HOH HOH A . 
F 4 HOH 111 511 115 HOH HOH A . 
F 4 HOH 112 512 103 HOH HOH A . 
F 4 HOH 113 513 102 HOH HOH A . 
F 4 HOH 114 514 120 HOH HOH A . 
F 4 HOH 115 515 70  HOH HOH A . 
F 4 HOH 116 516 118 HOH HOH A . 
F 4 HOH 117 517 89  HOH HOH A . 
F 4 HOH 118 518 119 HOH HOH A . 
F 4 HOH 119 519 72  HOH HOH A . 
F 4 HOH 120 520 26  HOH HOH A . 
F 4 HOH 121 521 109 HOH HOH A . 
F 4 HOH 122 522 74  HOH HOH A . 
F 4 HOH 123 523 127 HOH HOH A . 
F 4 HOH 124 524 66  HOH HOH A . 
F 4 HOH 125 525 68  HOH HOH A . 
F 4 HOH 126 526 69  HOH HOH A . 
F 4 HOH 127 527 67  HOH HOH A . 
F 4 HOH 128 528 62  HOH HOH A . 
# 
loop_
_pdbx_unobs_or_zero_occ_atoms.id 
_pdbx_unobs_or_zero_occ_atoms.PDB_model_num 
_pdbx_unobs_or_zero_occ_atoms.polymer_flag 
_pdbx_unobs_or_zero_occ_atoms.occupancy_flag 
_pdbx_unobs_or_zero_occ_atoms.auth_asym_id 
_pdbx_unobs_or_zero_occ_atoms.auth_comp_id 
_pdbx_unobs_or_zero_occ_atoms.auth_seq_id 
_pdbx_unobs_or_zero_occ_atoms.PDB_ins_code 
_pdbx_unobs_or_zero_occ_atoms.auth_atom_id 
_pdbx_unobs_or_zero_occ_atoms.label_alt_id 
_pdbx_unobs_or_zero_occ_atoms.label_asym_id 
_pdbx_unobs_or_zero_occ_atoms.label_comp_id 
_pdbx_unobs_or_zero_occ_atoms.label_seq_id 
_pdbx_unobs_or_zero_occ_atoms.label_atom_id 
1 1 Y 1 A HIS 107 ? N   ? A HIS 15 N   
2 1 Y 1 A HIS 107 ? CA  ? A HIS 15 CA  
3 1 Y 1 A HIS 107 ? CB  ? A HIS 15 CB  
4 1 Y 1 A HIS 107 ? CG  ? A HIS 15 CG  
5 1 Y 1 A HIS 107 ? ND1 ? A HIS 15 ND1 
6 1 Y 1 A HIS 107 ? CD2 ? A HIS 15 CD2 
7 1 Y 1 A HIS 107 ? CE1 ? A HIS 15 CE1 
8 1 Y 1 A HIS 107 ? NE2 ? A HIS 15 NE2 
# 
loop_
_software.citation_id 
_software.classification 
_software.compiler_name 
_software.compiler_version 
_software.contact_author 
_software.contact_author_email 
_software.date 
_software.description 
_software.dependencies 
_software.hardware 
_software.language 
_software.location 
_software.mods 
_software.name 
_software.os 
_software.os_version 
_software.type 
_software.version 
_software.pdbx_ordinal 
? refinement       ? ? ? ? ? ? ? ? ? ? ? REFMAC   ? ? ? 5.5.0072 1 
? 'data reduction' ? ? ? ? ? ? ? ? ? ? ? HKL-2000 ? ? ? .        2 
? 'data scaling'   ? ? ? ? ? ? ? ? ? ? ? HKL-2000 ? ? ? .        3 
? phasing          ? ? ? ? ? ? ? ? ? ? ? MOLREP   ? ? ? .        4 
# 
_cell.angle_alpha                  90.00 
_cell.angle_alpha_esd              ? 
_cell.angle_beta                   90.00 
_cell.angle_beta_esd               ? 
_cell.angle_gamma                  120.00 
_cell.angle_gamma_esd              ? 
_cell.entry_id                     5H4Y 
_cell.details                      ? 
_cell.formula_units_Z              ? 
_cell.length_a                     93.966 
_cell.length_a_esd                 ? 
_cell.length_b                     93.966 
_cell.length_b_esd                 ? 
_cell.length_c                     28.052 
_cell.length_c_esd                 ? 
_cell.volume                       ? 
_cell.volume_esd                   ? 
_cell.Z_PDB                        6 
_cell.reciprocal_angle_alpha       ? 
_cell.reciprocal_angle_beta        ? 
_cell.reciprocal_angle_gamma       ? 
_cell.reciprocal_angle_alpha_esd   ? 
_cell.reciprocal_angle_beta_esd    ? 
_cell.reciprocal_angle_gamma_esd   ? 
_cell.reciprocal_length_a          ? 
_cell.reciprocal_length_b          ? 
_cell.reciprocal_length_c          ? 
_cell.reciprocal_length_a_esd      ? 
_cell.reciprocal_length_b_esd      ? 
_cell.reciprocal_length_c_esd      ? 
_cell.pdbx_unique_axis             ? 
# 
_symmetry.entry_id                         5H4Y 
_symmetry.cell_setting                     ? 
_symmetry.Int_Tables_number                170 
_symmetry.space_group_name_Hall            ? 
_symmetry.space_group_name_H-M             'P 65' 
_symmetry.pdbx_full_space_group_name_H-M   ? 
# 
_exptl.absorpt_coefficient_mu     ? 
_exptl.absorpt_correction_T_max   ? 
_exptl.absorpt_correction_T_min   ? 
_exptl.absorpt_correction_type    ? 
_exptl.absorpt_process_details    ? 
_exptl.entry_id                   5H4Y 
_exptl.crystals_number            1 
_exptl.details                    ? 
_exptl.method                     'X-RAY DIFFRACTION' 
_exptl.method_details             ? 
# 
_exptl_crystal.colour                      ? 
_exptl_crystal.density_diffrn              ? 
_exptl_crystal.density_Matthews            2.08 
_exptl_crystal.density_method              ? 
_exptl_crystal.density_percent_sol         40.89 
_exptl_crystal.description                 'THE ENTRY CONTAINS FRIEDEL PAIRS IN F_PLUS/MINUS COLUMNS.' 
_exptl_crystal.F_000                       ? 
_exptl_crystal.id                          1 
_exptl_crystal.preparation                 ? 
_exptl_crystal.size_max                    ? 
_exptl_crystal.size_mid                    ? 
_exptl_crystal.size_min                    ? 
_exptl_crystal.size_rad                    ? 
_exptl_crystal.colour_lustre               ? 
_exptl_crystal.colour_modifier             ? 
_exptl_crystal.colour_primary              ? 
_exptl_crystal.density_meas                ? 
_exptl_crystal.density_meas_esd            ? 
_exptl_crystal.density_meas_gt             ? 
_exptl_crystal.density_meas_lt             ? 
_exptl_crystal.density_meas_temp           ? 
_exptl_crystal.density_meas_temp_esd       ? 
_exptl_crystal.density_meas_temp_gt        ? 
_exptl_crystal.density_meas_temp_lt        ? 
_exptl_crystal.pdbx_crystal_image_url      ? 
_exptl_crystal.pdbx_crystal_image_format   ? 
_exptl_crystal.pdbx_mosaicity              ? 
_exptl_crystal.pdbx_mosaicity_esd          ? 
# 
_exptl_crystal_grow.apparatus       ? 
_exptl_crystal_grow.atmosphere      ? 
_exptl_crystal_grow.crystal_id      1 
_exptl_crystal_grow.details         ? 
_exptl_crystal_grow.method          'VAPOR DIFFUSION, HANGING DROP' 
_exptl_crystal_grow.method_ref      ? 
_exptl_crystal_grow.pH              5.6 
_exptl_crystal_grow.pressure        ? 
_exptl_crystal_grow.pressure_esd    ? 
_exptl_crystal_grow.seeding         ? 
_exptl_crystal_grow.seeding_ref     ? 
_exptl_crystal_grow.temp            284 
_exptl_crystal_grow.temp_details    ? 
_exptl_crystal_grow.temp_esd        ? 
_exptl_crystal_grow.time            ? 
_exptl_crystal_grow.pdbx_details    '0.1M calcium acetate, 0.1M sodium acetate pH 5.6, 12.5%(w/v) PEG4000' 
_exptl_crystal_grow.pdbx_pH_range   ? 
# 
_diffrn.ambient_environment    ? 
_diffrn.ambient_temp           100 
_diffrn.ambient_temp_details   ? 
_diffrn.ambient_temp_esd       ? 
_diffrn.crystal_id             1 
_diffrn.crystal_support        ? 
_diffrn.crystal_treatment      ? 
_diffrn.details                ? 
_diffrn.id                     1 
_diffrn.ambient_pressure       ? 
_diffrn.ambient_pressure_esd   ? 
_diffrn.ambient_pressure_gt    ? 
_diffrn.ambient_pressure_lt    ? 
_diffrn.ambient_temp_gt        ? 
_diffrn.ambient_temp_lt        ? 
# 
_diffrn_detector.details                      ? 
_diffrn_detector.detector                     'IMAGE PLATE' 
_diffrn_detector.diffrn_id                    1 
_diffrn_detector.type                         RIGAKU 
_diffrn_detector.area_resol_mean              ? 
_diffrn_detector.dtime                        ? 
_diffrn_detector.pdbx_frames_total            ? 
_diffrn_detector.pdbx_collection_time_total   ? 
_diffrn_detector.pdbx_collection_date         2009-11-15 
# 
_diffrn_radiation.collimation                      ? 
_diffrn_radiation.diffrn_id                        1 
_diffrn_radiation.filter_edge                      ? 
_diffrn_radiation.inhomogeneity                    ? 
_diffrn_radiation.monochromator                    ? 
_diffrn_radiation.polarisn_norm                    ? 
_diffrn_radiation.polarisn_ratio                   ? 
_diffrn_radiation.probe                            ? 
_diffrn_radiation.type                             ? 
_diffrn_radiation.xray_symbol                      ? 
_diffrn_radiation.wavelength_id                    1 
_diffrn_radiation.pdbx_monochromatic_or_laue_m_l   M 
_diffrn_radiation.pdbx_wavelength_list             ? 
_diffrn_radiation.pdbx_wavelength                  ? 
_diffrn_radiation.pdbx_diffrn_protocol             'SINGLE WAVELENGTH' 
_diffrn_radiation.pdbx_analyzer                    ? 
_diffrn_radiation.pdbx_scattering_type             x-ray 
# 
_diffrn_radiation_wavelength.id           1 
_diffrn_radiation_wavelength.wavelength   1.54178 
_diffrn_radiation_wavelength.wt           1.0 
# 
_diffrn_source.current                     ? 
_diffrn_source.details                     ? 
_diffrn_source.diffrn_id                   1 
_diffrn_source.power                       ? 
_diffrn_source.size                        ? 
_diffrn_source.source                      'ROTATING ANODE' 
_diffrn_source.target                      ? 
_diffrn_source.type                        'Cu FINE FOCUS' 
_diffrn_source.voltage                     ? 
_diffrn_source.take-off_angle              ? 
_diffrn_source.pdbx_wavelength_list        1.54178 
_diffrn_source.pdbx_wavelength             ? 
_diffrn_source.pdbx_synchrotron_beamline   ? 
_diffrn_source.pdbx_synchrotron_site       ? 
# 
_reflns.B_iso_Wilson_estimate            ? 
_reflns.entry_id                         5H4Y 
_reflns.data_reduction_details           ? 
_reflns.data_reduction_method            ? 
_reflns.d_resolution_high                1.9 
_reflns.d_resolution_low                 35.0 
_reflns.details                          ? 
_reflns.limit_h_max                      ? 
_reflns.limit_h_min                      ? 
_reflns.limit_k_max                      ? 
_reflns.limit_k_min                      ? 
_reflns.limit_l_max                      ? 
_reflns.limit_l_min                      ? 
_reflns.number_all                       ? 
_reflns.number_obs                       11445 
_reflns.observed_criterion               ? 
_reflns.observed_criterion_F_max         ? 
_reflns.observed_criterion_F_min         ? 
_reflns.observed_criterion_I_max         ? 
_reflns.observed_criterion_I_min         ? 
_reflns.observed_criterion_sigma_F       ? 
_reflns.observed_criterion_sigma_I       ? 
_reflns.percent_possible_obs             99.9 
_reflns.R_free_details                   ? 
_reflns.Rmerge_F_all                     ? 
_reflns.Rmerge_F_obs                     ? 
_reflns.Friedel_coverage                 ? 
_reflns.number_gt                        ? 
_reflns.threshold_expression             ? 
_reflns.pdbx_redundancy                  12.1 
_reflns.pdbx_Rmerge_I_obs                0.079 
_reflns.pdbx_Rmerge_I_all                ? 
_reflns.pdbx_Rsym_value                  ? 
_reflns.pdbx_netI_over_av_sigmaI         ? 
_reflns.pdbx_netI_over_sigmaI            33.9 
_reflns.pdbx_res_netI_over_av_sigmaI_2   ? 
_reflns.pdbx_res_netI_over_sigmaI_2      ? 
_reflns.pdbx_chi_squared                 ? 
_reflns.pdbx_scaling_rejects             ? 
_reflns.pdbx_d_res_high_opt              ? 
_reflns.pdbx_d_res_low_opt               ? 
_reflns.pdbx_d_res_opt_method            ? 
_reflns.phase_calculation_details        ? 
_reflns.pdbx_Rrim_I_all                  ? 
_reflns.pdbx_Rpim_I_all                  ? 
_reflns.pdbx_d_opt                       ? 
_reflns.pdbx_number_measured_all         ? 
_reflns.pdbx_diffrn_id                   1 
_reflns.pdbx_ordinal                     1 
_reflns.pdbx_CC_half                     ? 
_reflns.pdbx_R_split                     ? 
# 
_reflns_shell.d_res_high                  1.90 
_reflns_shell.d_res_low                   1.93 
_reflns_shell.meanI_over_sigI_all         ? 
_reflns_shell.meanI_over_sigI_obs         5.7 
_reflns_shell.number_measured_all         ? 
_reflns_shell.number_measured_obs         ? 
_reflns_shell.number_possible             ? 
_reflns_shell.number_unique_all           ? 
_reflns_shell.number_unique_obs           ? 
_reflns_shell.percent_possible_all        99.1 
_reflns_shell.percent_possible_obs        ? 
_reflns_shell.Rmerge_F_all                ? 
_reflns_shell.Rmerge_F_obs                ? 
_reflns_shell.Rmerge_I_all                ? 
_reflns_shell.Rmerge_I_obs                0.425 
_reflns_shell.meanI_over_sigI_gt          ? 
_reflns_shell.meanI_over_uI_all           ? 
_reflns_shell.meanI_over_uI_gt            ? 
_reflns_shell.number_measured_gt          ? 
_reflns_shell.number_unique_gt            ? 
_reflns_shell.percent_possible_gt         ? 
_reflns_shell.Rmerge_F_gt                 ? 
_reflns_shell.Rmerge_I_gt                 ? 
_reflns_shell.pdbx_redundancy             ? 
_reflns_shell.pdbx_Rsym_value             ? 
_reflns_shell.pdbx_chi_squared            ? 
_reflns_shell.pdbx_netI_over_sigmaI_all   ? 
_reflns_shell.pdbx_netI_over_sigmaI_obs   ? 
_reflns_shell.pdbx_Rrim_I_all             ? 
_reflns_shell.pdbx_Rpim_I_all             ? 
_reflns_shell.pdbx_rejects                ? 
_reflns_shell.pdbx_ordinal                1 
_reflns_shell.pdbx_diffrn_id              1 
_reflns_shell.pdbx_CC_half                ? 
_reflns_shell.pdbx_R_split                ? 
# 
_refine.aniso_B[1][1]                            -0.26 
_refine.aniso_B[1][2]                            -0.13 
_refine.aniso_B[1][3]                            0.00 
_refine.aniso_B[2][2]                            -0.26 
_refine.aniso_B[2][3]                            0.00 
_refine.aniso_B[3][3]                            0.39 
_refine.B_iso_max                                ? 
_refine.B_iso_mean                               19.668 
_refine.B_iso_min                                ? 
_refine.correlation_coeff_Fo_to_Fc               0.957 
_refine.correlation_coeff_Fo_to_Fc_free          0.931 
_refine.details                                  
'HYDROGENS HAVE BEEN ADDED IN THE RIDING POSITIONS, SF FILE CONTAINS FRIEDEL PAIRS UNDER I/F_MINUS AND I/F_PLUS COLUMNS.' 
_refine.diff_density_max                         ? 
_refine.diff_density_max_esd                     ? 
_refine.diff_density_min                         ? 
_refine.diff_density_min_esd                     ? 
_refine.diff_density_rms                         ? 
_refine.diff_density_rms_esd                     ? 
_refine.entry_id                                 5H4Y 
_refine.pdbx_refine_id                           'X-RAY DIFFRACTION' 
_refine.ls_abs_structure_details                 ? 
_refine.ls_abs_structure_Flack                   ? 
_refine.ls_abs_structure_Flack_esd               ? 
_refine.ls_abs_structure_Rogers                  ? 
_refine.ls_abs_structure_Rogers_esd              ? 
_refine.ls_d_res_high                            1.90 
_refine.ls_d_res_low                             30.76 
_refine.ls_extinction_coef                       ? 
_refine.ls_extinction_coef_esd                   ? 
_refine.ls_extinction_expression                 ? 
_refine.ls_extinction_method                     ? 
_refine.ls_goodness_of_fit_all                   ? 
_refine.ls_goodness_of_fit_all_esd               ? 
_refine.ls_goodness_of_fit_obs                   ? 
_refine.ls_goodness_of_fit_obs_esd               ? 
_refine.ls_hydrogen_treatment                    ? 
_refine.ls_matrix_type                           ? 
_refine.ls_number_constraints                    ? 
_refine.ls_number_parameters                     ? 
_refine.ls_number_reflns_all                     ? 
_refine.ls_number_reflns_obs                     10897 
_refine.ls_number_reflns_R_free                  549 
_refine.ls_number_reflns_R_work                  ? 
_refine.ls_number_restraints                     ? 
_refine.ls_percent_reflns_obs                    99.84 
_refine.ls_percent_reflns_R_free                 4.8 
_refine.ls_R_factor_all                          ? 
_refine.ls_R_factor_obs                          0.17259 
_refine.ls_R_factor_R_free                       0.21161 
_refine.ls_R_factor_R_free_error                 ? 
_refine.ls_R_factor_R_free_error_details         ? 
_refine.ls_R_factor_R_work                       0.17064 
_refine.ls_R_Fsqd_factor_obs                     ? 
_refine.ls_R_I_factor_obs                        ? 
_refine.ls_redundancy_reflns_all                 ? 
_refine.ls_redundancy_reflns_obs                 ? 
_refine.ls_restrained_S_all                      ? 
_refine.ls_restrained_S_obs                      ? 
_refine.ls_shift_over_esd_max                    ? 
_refine.ls_shift_over_esd_mean                   ? 
_refine.ls_structure_factor_coef                 ? 
_refine.ls_weighting_details                     ? 
_refine.ls_weighting_scheme                      ? 
_refine.ls_wR_factor_all                         ? 
_refine.ls_wR_factor_obs                         ? 
_refine.ls_wR_factor_R_free                      ? 
_refine.ls_wR_factor_R_work                      ? 
_refine.occupancy_max                            ? 
_refine.occupancy_min                            ? 
_refine.solvent_model_details                    ? 
_refine.solvent_model_param_bsol                 ? 
_refine.solvent_model_param_ksol                 ? 
_refine.ls_R_factor_gt                           ? 
_refine.ls_goodness_of_fit_gt                    ? 
_refine.ls_goodness_of_fit_ref                   ? 
_refine.ls_shift_over_su_max                     ? 
_refine.ls_shift_over_su_max_lt                  ? 
_refine.ls_shift_over_su_mean                    ? 
_refine.ls_shift_over_su_mean_lt                 ? 
_refine.pdbx_ls_sigma_I                          ? 
_refine.pdbx_ls_sigma_F                          ? 
_refine.pdbx_ls_sigma_Fsqd                       ? 
_refine.pdbx_data_cutoff_high_absF               ? 
_refine.pdbx_data_cutoff_high_rms_absF           ? 
_refine.pdbx_data_cutoff_low_absF                ? 
_refine.pdbx_isotropic_thermal_model             ? 
_refine.pdbx_ls_cross_valid_method               THROUGHOUT 
_refine.pdbx_method_to_determine_struct          'MOLECULAR REPLACEMENT' 
_refine.pdbx_starting_model                      ? 
_refine.pdbx_stereochemistry_target_values       ? 
_refine.pdbx_R_Free_selection_details            RANDOM 
_refine.pdbx_stereochem_target_val_spec_case     ? 
_refine.pdbx_overall_ESU_R                       0.140 
_refine.pdbx_overall_ESU_R_Free                  0.132 
_refine.pdbx_solvent_vdw_probe_radii             1.40 
_refine.pdbx_solvent_ion_probe_radii             0.80 
_refine.pdbx_solvent_shrinkage_radii             0.80 
_refine.pdbx_real_space_R                        ? 
_refine.pdbx_density_correlation                 ? 
_refine.pdbx_pd_number_of_powder_patterns        ? 
_refine.pdbx_pd_number_of_points                 ? 
_refine.pdbx_pd_meas_number_of_points            ? 
_refine.pdbx_pd_proc_ls_prof_R_factor            ? 
_refine.pdbx_pd_proc_ls_prof_wR_factor           ? 
_refine.pdbx_pd_Marquardt_correlation_coeff      ? 
_refine.pdbx_pd_Fsqrd_R_factor                   ? 
_refine.pdbx_pd_ls_matrix_band_width             ? 
_refine.pdbx_overall_phase_error                 ? 
_refine.pdbx_overall_SU_R_free_Cruickshank_DPI   ? 
_refine.pdbx_overall_SU_R_free_Blow_DPI          ? 
_refine.pdbx_overall_SU_R_Blow_DPI               ? 
_refine.pdbx_TLS_residual_ADP_flag               ? 
_refine.pdbx_diffrn_id                           1 
_refine.overall_SU_B                             2.598 
_refine.overall_SU_ML                            0.079 
_refine.overall_SU_R_Cruickshank_DPI             ? 
_refine.overall_SU_R_free                        ? 
_refine.overall_FOM_free_R_set                   ? 
_refine.overall_FOM_work_R_set                   ? 
_refine.pdbx_average_fsc_overall                 ? 
_refine.pdbx_average_fsc_work                    ? 
_refine.pdbx_average_fsc_free                    ? 
# 
_refine_hist.pdbx_refine_id                   'X-RAY DIFFRACTION' 
_refine_hist.cycle_id                         1 
_refine_hist.pdbx_number_atoms_protein        1008 
_refine_hist.pdbx_number_atoms_nucleic_acid   0 
_refine_hist.pdbx_number_atoms_ligand         7 
_refine_hist.number_atoms_solvent             128 
_refine_hist.number_atoms_total               1143 
_refine_hist.d_res_high                       1.90 
_refine_hist.d_res_low                        30.76 
# 
loop_
_refine_ls_restr.pdbx_refine_id 
_refine_ls_restr.criterion 
_refine_ls_restr.dev_ideal 
_refine_ls_restr.dev_ideal_target 
_refine_ls_restr.number 
_refine_ls_restr.rejects 
_refine_ls_restr.type 
_refine_ls_restr.weight 
_refine_ls_restr.pdbx_restraint_function 
'X-RAY DIFFRACTION' ? 0.011  0.022  1034 ? r_bond_refined_d             ? ? 
'X-RAY DIFFRACTION' ? ?      ?      ?    ? r_bond_other_d               ? ? 
'X-RAY DIFFRACTION' ? 1.256  1.974  1399 ? r_angle_refined_deg          ? ? 
'X-RAY DIFFRACTION' ? ?      ?      ?    ? r_angle_other_deg            ? ? 
'X-RAY DIFFRACTION' ? 6.268  5.000  125  ? r_dihedral_angle_1_deg       ? ? 
'X-RAY DIFFRACTION' ? 34.840 22.692 52   ? r_dihedral_angle_2_deg       ? ? 
'X-RAY DIFFRACTION' ? 13.056 15.000 168  ? r_dihedral_angle_3_deg       ? ? 
'X-RAY DIFFRACTION' ? 11.634 15.000 11   ? r_dihedral_angle_4_deg       ? ? 
'X-RAY DIFFRACTION' ? 0.087  0.200  149  ? r_chiral_restr               ? ? 
'X-RAY DIFFRACTION' ? 0.006  0.021  807  ? r_gen_planes_refined         ? ? 
'X-RAY DIFFRACTION' ? ?      ?      ?    ? r_gen_planes_other           ? ? 
'X-RAY DIFFRACTION' ? ?      ?      ?    ? r_nbd_refined                ? ? 
'X-RAY DIFFRACTION' ? ?      ?      ?    ? r_nbd_other                  ? ? 
'X-RAY DIFFRACTION' ? ?      ?      ?    ? r_nbtor_refined              ? ? 
'X-RAY DIFFRACTION' ? ?      ?      ?    ? r_nbtor_other                ? ? 
'X-RAY DIFFRACTION' ? ?      ?      ?    ? r_xyhbond_nbd_refined        ? ? 
'X-RAY DIFFRACTION' ? ?      ?      ?    ? r_xyhbond_nbd_other          ? ? 
'X-RAY DIFFRACTION' ? ?      ?      ?    ? r_metal_ion_refined          ? ? 
'X-RAY DIFFRACTION' ? ?      ?      ?    ? r_metal_ion_other            ? ? 
'X-RAY DIFFRACTION' ? ?      ?      ?    ? r_symmetry_vdw_refined       ? ? 
'X-RAY DIFFRACTION' ? ?      ?      ?    ? r_symmetry_vdw_other         ? ? 
'X-RAY DIFFRACTION' ? ?      ?      ?    ? r_symmetry_hbond_refined     ? ? 
'X-RAY DIFFRACTION' ? ?      ?      ?    ? r_symmetry_hbond_other       ? ? 
'X-RAY DIFFRACTION' ? ?      ?      ?    ? r_symmetry_metal_ion_refined ? ? 
'X-RAY DIFFRACTION' ? ?      ?      ?    ? r_symmetry_metal_ion_other   ? ? 
'X-RAY DIFFRACTION' ? 0.609  1.500  630  ? r_mcbond_it                  ? ? 
'X-RAY DIFFRACTION' ? ?      ?      ?    ? r_mcbond_other               ? ? 
'X-RAY DIFFRACTION' ? 1.198  2.000  1006 ? r_mcangle_it                 ? ? 
'X-RAY DIFFRACTION' ? ?      ?      ?    ? r_mcangle_other              ? ? 
'X-RAY DIFFRACTION' ? 2.259  3.000  404  ? r_scbond_it                  ? ? 
'X-RAY DIFFRACTION' ? ?      ?      ?    ? r_scbond_other               ? ? 
'X-RAY DIFFRACTION' ? 3.927  4.500  393  ? r_scangle_it                 ? ? 
'X-RAY DIFFRACTION' ? ?      ?      ?    ? r_scangle_other              ? ? 
'X-RAY DIFFRACTION' ? ?      ?      ?    ? r_long_range_B_refined       ? ? 
'X-RAY DIFFRACTION' ? ?      ?      ?    ? r_long_range_B_other         ? ? 
'X-RAY DIFFRACTION' ? ?      ?      ?    ? r_rigid_bond_restr           ? ? 
'X-RAY DIFFRACTION' ? ?      ?      ?    ? r_sphericity_free            ? ? 
'X-RAY DIFFRACTION' ? ?      ?      ?    ? r_sphericity_bonded          ? ? 
# 
_refine_ls_shell.pdbx_refine_id                   'X-RAY DIFFRACTION' 
_refine_ls_shell.d_res_high                       1.900 
_refine_ls_shell.d_res_low                        1.950 
_refine_ls_shell.number_reflns_all                ? 
_refine_ls_shell.number_reflns_obs                ? 
_refine_ls_shell.number_reflns_R_free             40 
_refine_ls_shell.number_reflns_R_work             781 
_refine_ls_shell.percent_reflns_obs               99.03 
_refine_ls_shell.percent_reflns_R_free            ? 
_refine_ls_shell.R_factor_all                     ? 
_refine_ls_shell.R_factor_obs                     ? 
_refine_ls_shell.R_factor_R_free                  0.326 
_refine_ls_shell.R_factor_R_free_error            ? 
_refine_ls_shell.R_factor_R_work                  0.262 
_refine_ls_shell.redundancy_reflns_all            ? 
_refine_ls_shell.redundancy_reflns_obs            ? 
_refine_ls_shell.wR_factor_all                    ? 
_refine_ls_shell.wR_factor_obs                    ? 
_refine_ls_shell.wR_factor_R_free                 ? 
_refine_ls_shell.wR_factor_R_work                 ? 
_refine_ls_shell.pdbx_total_number_of_bins_used   20 
_refine_ls_shell.pdbx_phase_error                 ? 
_refine_ls_shell.pdbx_fsc_work                    ? 
_refine_ls_shell.pdbx_fsc_free                    ? 
# 
_struct.entry_id                     5H4Y 
_struct.title                        'Crystal structure of human synaptotagmin 5 C2A domain' 
_struct.pdbx_model_details           ? 
_struct.pdbx_formula_weight          ? 
_struct.pdbx_formula_weight_method   ? 
_struct.pdbx_model_type_details      ? 
_struct.pdbx_CASP_flag               N 
# 
_struct_keywords.entry_id        5H4Y 
_struct_keywords.text            'METAL BINDING PROTEIN' 
_struct_keywords.pdbx_keywords   'METAL BINDING PROTEIN' 
# 
loop_
_struct_asym.id 
_struct_asym.pdbx_blank_PDB_chainid_flag 
_struct_asym.pdbx_modified 
_struct_asym.entity_id 
_struct_asym.details 
A N N 1 ? 
B N N 2 ? 
C N N 2 ? 
D N N 2 ? 
E N N 3 ? 
F N N 4 ? 
# 
_struct_ref.id                         1 
_struct_ref.db_name                    UNP 
_struct_ref.db_code                    SYT5_HUMAN 
_struct_ref.pdbx_db_accession          O00445 
_struct_ref.pdbx_db_isoform            ? 
_struct_ref.entity_id                  1 
_struct_ref.pdbx_seq_one_letter_code   
;QVADKHELGRLQYSLDYDFQSGQLLVGILQAMGLAALDLGGSSDPYVRVYLLPDKRRRYETKVHRQTLNPHFGETFAFKV
PYVELGGRVLVMAVYDFDRFSRNDAIGEVRVPMSSVDLGRPVQAWRELQAAPREEQEKLGD
;
_struct_ref.pdbx_align_begin           102 
# 
_struct_ref_seq.align_id                      1 
_struct_ref_seq.ref_id                        1 
_struct_ref_seq.pdbx_PDB_id_code              5H4Y 
_struct_ref_seq.pdbx_strand_id                A 
_struct_ref_seq.seq_align_beg                 10 
_struct_ref_seq.pdbx_seq_align_beg_ins_code   ? 
_struct_ref_seq.seq_align_end                 150 
_struct_ref_seq.pdbx_seq_align_end_ins_code   ? 
_struct_ref_seq.pdbx_db_accession             O00445 
_struct_ref_seq.db_align_beg                  102 
_struct_ref_seq.pdbx_db_align_beg_ins_code    ? 
_struct_ref_seq.db_align_end                  242 
_struct_ref_seq.pdbx_db_align_end_ins_code    ? 
_struct_ref_seq.pdbx_auth_seq_align_beg       102 
_struct_ref_seq.pdbx_auth_seq_align_end       242 
# 
loop_
_struct_ref_seq_dif.align_id 
_struct_ref_seq_dif.pdbx_pdb_id_code 
_struct_ref_seq_dif.mon_id 
_struct_ref_seq_dif.pdbx_pdb_strand_id 
_struct_ref_seq_dif.seq_num 
_struct_ref_seq_dif.pdbx_pdb_ins_code 
_struct_ref_seq_dif.pdbx_seq_db_name 
_struct_ref_seq_dif.pdbx_seq_db_accession_code 
_struct_ref_seq_dif.db_mon_id 
_struct_ref_seq_dif.pdbx_seq_db_seq_num 
_struct_ref_seq_dif.details 
_struct_ref_seq_dif.pdbx_auth_seq_num 
_struct_ref_seq_dif.pdbx_ordinal 
1 5H4Y MET A 1  ? UNP O00445 ?   ?   'initiating methionine' 93  1  
1 5H4Y GLY A 2  ? UNP O00445 ?   ?   'expression tag'        94  2  
1 5H4Y HIS A 3  ? UNP O00445 ?   ?   'expression tag'        95  3  
1 5H4Y HIS A 4  ? UNP O00445 ?   ?   'expression tag'        96  4  
1 5H4Y HIS A 5  ? UNP O00445 ?   ?   'expression tag'        97  5  
1 5H4Y HIS A 6  ? UNP O00445 ?   ?   'expression tag'        98  6  
1 5H4Y HIS A 7  ? UNP O00445 ?   ?   'expression tag'        99  7  
1 5H4Y HIS A 8  ? UNP O00445 ?   ?   'expression tag'        100 8  
1 5H4Y MET A 9  ? UNP O00445 ?   ?   'expression tag'        101 9  
1 5H4Y GLN A 19 ? UNP O00445 ARG 111 'engineered mutation'   111 10 
# 
_pdbx_struct_assembly.id                   1 
_pdbx_struct_assembly.details              author_and_software_defined_assembly 
_pdbx_struct_assembly.method_details       PISA 
_pdbx_struct_assembly.oligomeric_details   monomeric 
_pdbx_struct_assembly.oligomeric_count     1 
# 
loop_
_pdbx_struct_assembly_prop.biol_id 
_pdbx_struct_assembly_prop.type 
_pdbx_struct_assembly_prop.value 
_pdbx_struct_assembly_prop.details 
1 'ABSA (A^2)' 260  ? 
1 MORE         -36  ? 
1 'SSA (A^2)'  7260 ? 
# 
_pdbx_struct_assembly_gen.assembly_id       1 
_pdbx_struct_assembly_gen.oper_expression   1 
_pdbx_struct_assembly_gen.asym_id_list      A,B,C,D,E,F 
# 
_pdbx_struct_oper_list.id                   1 
_pdbx_struct_oper_list.type                 'identity operation' 
_pdbx_struct_oper_list.name                 1_555 
_pdbx_struct_oper_list.symmetry_operation   x,y,z 
_pdbx_struct_oper_list.matrix[1][1]         1.0000000000 
_pdbx_struct_oper_list.matrix[1][2]         0.0000000000 
_pdbx_struct_oper_list.matrix[1][3]         0.0000000000 
_pdbx_struct_oper_list.vector[1]            0.0000000000 
_pdbx_struct_oper_list.matrix[2][1]         0.0000000000 
_pdbx_struct_oper_list.matrix[2][2]         1.0000000000 
_pdbx_struct_oper_list.matrix[2][3]         0.0000000000 
_pdbx_struct_oper_list.vector[2]            0.0000000000 
_pdbx_struct_oper_list.matrix[3][1]         0.0000000000 
_pdbx_struct_oper_list.matrix[3][2]         0.0000000000 
_pdbx_struct_oper_list.matrix[3][3]         1.0000000000 
_pdbx_struct_oper_list.vector[3]            0.0000000000 
# 
loop_
_struct_conf.conf_type_id 
_struct_conf.id 
_struct_conf.pdbx_PDB_helix_id 
_struct_conf.beg_label_comp_id 
_struct_conf.beg_label_asym_id 
_struct_conf.beg_label_seq_id 
_struct_conf.pdbx_beg_PDB_ins_code 
_struct_conf.end_label_comp_id 
_struct_conf.end_label_asym_id 
_struct_conf.end_label_seq_id 
_struct_conf.pdbx_end_PDB_ins_code 
_struct_conf.beg_auth_comp_id 
_struct_conf.beg_auth_asym_id 
_struct_conf.beg_auth_seq_id 
_struct_conf.end_auth_comp_id 
_struct_conf.end_auth_asym_id 
_struct_conf.end_auth_seq_id 
_struct_conf.pdbx_PDB_helix_class 
_struct_conf.details 
_struct_conf.pdbx_PDB_helix_length 
HELX_P HELX_P1 AA1 PRO A 90  ? GLY A 96  ? PRO A 182 GLY A 188 5 ? 7 
HELX_P HELX_P2 AA2 SER A 123 ? VAL A 125 ? SER A 215 VAL A 217 5 ? 3 
# 
_struct_conf_type.id          HELX_P 
_struct_conf_type.criteria    ? 
_struct_conf_type.reference   ? 
# 
loop_
_struct_conn.id 
_struct_conn.conn_type_id 
_struct_conn.pdbx_leaving_atom_flag 
_struct_conn.pdbx_PDB_id 
_struct_conn.ptnr1_label_asym_id 
_struct_conn.ptnr1_label_comp_id 
_struct_conn.ptnr1_label_seq_id 
_struct_conn.ptnr1_label_atom_id 
_struct_conn.pdbx_ptnr1_label_alt_id 
_struct_conn.pdbx_ptnr1_PDB_ins_code 
_struct_conn.pdbx_ptnr1_standard_comp_id 
_struct_conn.ptnr1_symmetry 
_struct_conn.ptnr2_label_asym_id 
_struct_conn.ptnr2_label_comp_id 
_struct_conn.ptnr2_label_seq_id 
_struct_conn.ptnr2_label_atom_id 
_struct_conn.pdbx_ptnr2_label_alt_id 
_struct_conn.pdbx_ptnr2_PDB_ins_code 
_struct_conn.ptnr1_auth_asym_id 
_struct_conn.ptnr1_auth_comp_id 
_struct_conn.ptnr1_auth_seq_id 
_struct_conn.ptnr2_auth_asym_id 
_struct_conn.ptnr2_auth_comp_id 
_struct_conn.ptnr2_auth_seq_id 
_struct_conn.ptnr2_symmetry 
_struct_conn.pdbx_ptnr3_label_atom_id 
_struct_conn.pdbx_ptnr3_label_seq_id 
_struct_conn.pdbx_ptnr3_label_comp_id 
_struct_conn.pdbx_ptnr3_label_asym_id 
_struct_conn.pdbx_ptnr3_label_alt_id 
_struct_conn.pdbx_ptnr3_PDB_ins_code 
_struct_conn.details 
_struct_conn.pdbx_dist_value 
_struct_conn.pdbx_value_order 
_struct_conn.pdbx_role 
metalc1  metalc ? ? A LEU 46  O   ? ? ? 1_555 C CA  . CA ? ? A LEU 138 A CA  302 1_555 ? ? ? ? ? ? ? 2.417 ? ? 
metalc2  metalc ? ? A ASP 47  OD1 ? ? ? 1_555 B CA  . CA ? ? A ASP 139 A CA  301 1_555 ? ? ? ? ? ? ? 2.542 ? ? 
metalc3  metalc ? ? A ASP 47  OD2 ? ? ? 1_555 B CA  . CA ? ? A ASP 139 A CA  301 1_555 ? ? ? ? ? ? ? 2.508 ? ? 
metalc4  metalc ? ? A ASP 47  OD1 ? ? ? 1_555 C CA  . CA ? ? A ASP 139 A CA  302 1_555 ? ? ? ? ? ? ? 2.343 ? ? 
metalc5  metalc ? ? A ASP 53  OD2 ? ? ? 1_555 B CA  . CA ? ? A ASP 145 A CA  301 1_555 ? ? ? ? ? ? ? 2.375 ? ? 
metalc6  metalc ? ? A ASP 105 OD1 ? ? ? 1_555 B CA  . CA ? ? A ASP 197 A CA  301 1_555 ? ? ? ? ? ? ? 2.409 ? ? 
metalc7  metalc ? ? A ASP 105 OD2 ? ? ? 1_555 C CA  . CA ? ? A ASP 197 A CA  302 1_555 ? ? ? ? ? ? ? 2.266 ? ? 
metalc8  metalc ? ? A PHE 106 O   ? ? ? 1_555 B CA  . CA ? ? A PHE 198 A CA  301 1_555 ? ? ? ? ? ? ? 2.374 ? ? 
metalc9  metalc ? ? A ASP 107 OD1 ? ? ? 1_555 B CA  . CA ? ? A ASP 199 A CA  301 1_555 ? ? ? ? ? ? ? 2.439 ? ? 
metalc10 metalc ? ? A ASP 107 OD1 ? ? ? 1_555 C CA  . CA ? ? A ASP 199 A CA  302 1_555 ? ? ? ? ? ? ? 2.534 ? ? 
metalc11 metalc ? ? A ASP 107 OD2 ? ? ? 1_555 C CA  . CA ? ? A ASP 199 A CA  302 1_555 ? ? ? ? ? ? ? 2.497 ? ? 
metalc12 metalc ? ? A ASP 107 OD2 ? ? ? 1_555 D CA  . CA ? ? A ASP 199 A CA  303 1_555 ? ? ? ? ? ? ? 2.310 ? ? 
metalc13 metalc ? ? A SER 110 OG  ? ? ? 1_555 D CA  . CA ? ? A SER 202 A CA  303 1_555 ? ? ? ? ? ? ? 2.410 ? ? 
metalc14 metalc ? ? A ARG 111 O   ? ? ? 1_555 D CA  . CA ? ? A ARG 203 A CA  303 1_555 ? ? ? ? ? ? ? 2.351 ? ? 
metalc15 metalc ? ? A ASP 113 OD2 ? ? ? 1_555 C CA  . CA ? ? A ASP 205 A CA  302 1_555 ? ? ? ? ? ? ? 2.358 ? ? 
metalc16 metalc ? ? A ASP 113 OD1 ? ? ? 1_555 D CA  . CA ? ? A ASP 205 A CA  303 1_555 ? ? ? ? ? ? ? 2.509 ? ? 
metalc17 metalc ? ? A ASP 113 OD2 ? ? ? 1_555 D CA  . CA ? ? A ASP 205 A CA  303 1_555 ? ? ? ? ? ? ? 2.866 ? ? 
metalc18 metalc ? ? B CA  .   CA  ? ? ? 1_555 F HOH . O  ? ? A CA  301 A HOH 448 1_555 ? ? ? ? ? ? ? 2.426 ? ? 
metalc19 metalc ? ? C CA  .   CA  ? ? ? 1_555 F HOH . O  ? ? A CA  302 A HOH 504 1_555 ? ? ? ? ? ? ? 2.451 ? ? 
metalc20 metalc ? ? D CA  .   CA  ? ? ? 1_555 F HOH . O  ? ? A CA  303 A HOH 495 1_555 ? ? ? ? ? ? ? 2.216 ? ? 
metalc21 metalc ? ? D CA  .   CA  ? ? ? 1_555 F HOH . O  ? ? A CA  303 A HOH 505 1_555 ? ? ? ? ? ? ? 2.414 ? ? 
# 
_struct_conn_type.id          metalc 
_struct_conn_type.criteria    ? 
_struct_conn_type.reference   ? 
# 
loop_
_pdbx_struct_conn_angle.id 
_pdbx_struct_conn_angle.ptnr1_label_atom_id 
_pdbx_struct_conn_angle.ptnr1_label_alt_id 
_pdbx_struct_conn_angle.ptnr1_label_asym_id 
_pdbx_struct_conn_angle.ptnr1_label_comp_id 
_pdbx_struct_conn_angle.ptnr1_label_seq_id 
_pdbx_struct_conn_angle.ptnr1_auth_atom_id 
_pdbx_struct_conn_angle.ptnr1_auth_asym_id 
_pdbx_struct_conn_angle.ptnr1_auth_comp_id 
_pdbx_struct_conn_angle.ptnr1_auth_seq_id 
_pdbx_struct_conn_angle.ptnr1_PDB_ins_code 
_pdbx_struct_conn_angle.ptnr1_symmetry 
_pdbx_struct_conn_angle.ptnr2_label_atom_id 
_pdbx_struct_conn_angle.ptnr2_label_alt_id 
_pdbx_struct_conn_angle.ptnr2_label_asym_id 
_pdbx_struct_conn_angle.ptnr2_label_comp_id 
_pdbx_struct_conn_angle.ptnr2_label_seq_id 
_pdbx_struct_conn_angle.ptnr2_auth_atom_id 
_pdbx_struct_conn_angle.ptnr2_auth_asym_id 
_pdbx_struct_conn_angle.ptnr2_auth_comp_id 
_pdbx_struct_conn_angle.ptnr2_auth_seq_id 
_pdbx_struct_conn_angle.ptnr2_PDB_ins_code 
_pdbx_struct_conn_angle.ptnr2_symmetry 
_pdbx_struct_conn_angle.ptnr3_label_atom_id 
_pdbx_struct_conn_angle.ptnr3_label_alt_id 
_pdbx_struct_conn_angle.ptnr3_label_asym_id 
_pdbx_struct_conn_angle.ptnr3_label_comp_id 
_pdbx_struct_conn_angle.ptnr3_label_seq_id 
_pdbx_struct_conn_angle.ptnr3_auth_atom_id 
_pdbx_struct_conn_angle.ptnr3_auth_asym_id 
_pdbx_struct_conn_angle.ptnr3_auth_comp_id 
_pdbx_struct_conn_angle.ptnr3_auth_seq_id 
_pdbx_struct_conn_angle.ptnr3_PDB_ins_code 
_pdbx_struct_conn_angle.ptnr3_symmetry 
_pdbx_struct_conn_angle.value 
_pdbx_struct_conn_angle.value_esd 
1  O   ? A LEU 46  ? A LEU 138 ? 1_555 CA ? C CA . ? A CA 302 ? 1_555 OD1 ? A ASP 47  ? A ASP 139 ? 1_555 87.4  ? 
2  O   ? A LEU 46  ? A LEU 138 ? 1_555 CA ? C CA . ? A CA 302 ? 1_555 OD2 ? A ASP 105 ? A ASP 197 ? 1_555 88.2  ? 
3  OD1 ? A ASP 47  ? A ASP 139 ? 1_555 CA ? C CA . ? A CA 302 ? 1_555 OD2 ? A ASP 105 ? A ASP 197 ? 1_555 82.7  ? 
4  O   ? A LEU 46  ? A LEU 138 ? 1_555 CA ? C CA . ? A CA 302 ? 1_555 OD1 ? A ASP 107 ? A ASP 199 ? 1_555 158.1 ? 
5  OD1 ? A ASP 47  ? A ASP 139 ? 1_555 CA ? C CA . ? A CA 302 ? 1_555 OD1 ? A ASP 107 ? A ASP 199 ? 1_555 71.9  ? 
6  OD2 ? A ASP 105 ? A ASP 197 ? 1_555 CA ? C CA . ? A CA 302 ? 1_555 OD1 ? A ASP 107 ? A ASP 199 ? 1_555 82.4  ? 
7  O   ? A LEU 46  ? A LEU 138 ? 1_555 CA ? C CA . ? A CA 302 ? 1_555 OD2 ? A ASP 107 ? A ASP 199 ? 1_555 150.6 ? 
8  OD1 ? A ASP 47  ? A ASP 139 ? 1_555 CA ? C CA . ? A CA 302 ? 1_555 OD2 ? A ASP 107 ? A ASP 199 ? 1_555 118.4 ? 
9  OD2 ? A ASP 105 ? A ASP 197 ? 1_555 CA ? C CA . ? A CA 302 ? 1_555 OD2 ? A ASP 107 ? A ASP 199 ? 1_555 107.7 ? 
10 OD1 ? A ASP 107 ? A ASP 199 ? 1_555 CA ? C CA . ? A CA 302 ? 1_555 OD2 ? A ASP 107 ? A ASP 199 ? 1_555 51.1  ? 
11 O   ? A LEU 46  ? A LEU 138 ? 1_555 CA ? C CA . ? A CA 302 ? 1_555 OD2 ? A ASP 113 ? A ASP 205 ? 1_555 83.9  ? 
12 OD1 ? A ASP 47  ? A ASP 139 ? 1_555 CA ? C CA . ? A CA 302 ? 1_555 OD2 ? A ASP 113 ? A ASP 205 ? 1_555 168.9 ? 
13 OD2 ? A ASP 105 ? A ASP 197 ? 1_555 CA ? C CA . ? A CA 302 ? 1_555 OD2 ? A ASP 113 ? A ASP 205 ? 1_555 90.1  ? 
14 OD1 ? A ASP 107 ? A ASP 199 ? 1_555 CA ? C CA . ? A CA 302 ? 1_555 OD2 ? A ASP 113 ? A ASP 205 ? 1_555 115.7 ? 
15 OD2 ? A ASP 107 ? A ASP 199 ? 1_555 CA ? C CA . ? A CA 302 ? 1_555 OD2 ? A ASP 113 ? A ASP 205 ? 1_555 71.8  ? 
16 O   ? A LEU 46  ? A LEU 138 ? 1_555 CA ? C CA . ? A CA 302 ? 1_555 O   ? F HOH .   ? A HOH 504 ? 1_555 89.5  ? 
17 OD1 ? A ASP 47  ? A ASP 139 ? 1_555 CA ? C CA . ? A CA 302 ? 1_555 O   ? F HOH .   ? A HOH 504 ? 1_555 84.1  ? 
18 OD2 ? A ASP 105 ? A ASP 197 ? 1_555 CA ? C CA . ? A CA 302 ? 1_555 O   ? F HOH .   ? A HOH 504 ? 1_555 166.7 ? 
19 OD1 ? A ASP 107 ? A ASP 199 ? 1_555 CA ? C CA . ? A CA 302 ? 1_555 O   ? F HOH .   ? A HOH 504 ? 1_555 95.2  ? 
20 OD2 ? A ASP 107 ? A ASP 199 ? 1_555 CA ? C CA . ? A CA 302 ? 1_555 O   ? F HOH .   ? A HOH 504 ? 1_555 80.2  ? 
21 OD2 ? A ASP 113 ? A ASP 205 ? 1_555 CA ? C CA . ? A CA 302 ? 1_555 O   ? F HOH .   ? A HOH 504 ? 1_555 102.6 ? 
22 OD1 ? A ASP 47  ? A ASP 139 ? 1_555 CA ? B CA . ? A CA 301 ? 1_555 OD2 ? A ASP 47  ? A ASP 139 ? 1_555 51.5  ? 
23 OD1 ? A ASP 47  ? A ASP 139 ? 1_555 CA ? B CA . ? A CA 301 ? 1_555 OD2 ? A ASP 53  ? A ASP 145 ? 1_555 131.5 ? 
24 OD2 ? A ASP 47  ? A ASP 139 ? 1_555 CA ? B CA . ? A CA 301 ? 1_555 OD2 ? A ASP 53  ? A ASP 145 ? 1_555 80.1  ? 
25 OD1 ? A ASP 47  ? A ASP 139 ? 1_555 CA ? B CA . ? A CA 301 ? 1_555 OD1 ? A ASP 105 ? A ASP 197 ? 1_555 92.1  ? 
26 OD2 ? A ASP 47  ? A ASP 139 ? 1_555 CA ? B CA . ? A CA 301 ? 1_555 OD1 ? A ASP 105 ? A ASP 197 ? 1_555 98.3  ? 
27 OD2 ? A ASP 53  ? A ASP 145 ? 1_555 CA ? B CA . ? A CA 301 ? 1_555 OD1 ? A ASP 105 ? A ASP 197 ? 1_555 93.3  ? 
28 OD1 ? A ASP 47  ? A ASP 139 ? 1_555 CA ? B CA . ? A CA 301 ? 1_555 O   ? A PHE 106 ? A PHE 198 ? 1_555 145.3 ? 
29 OD2 ? A ASP 47  ? A ASP 139 ? 1_555 CA ? B CA . ? A CA 301 ? 1_555 O   ? A PHE 106 ? A PHE 198 ? 1_555 163.0 ? 
30 OD2 ? A ASP 53  ? A ASP 145 ? 1_555 CA ? B CA . ? A CA 301 ? 1_555 O   ? A PHE 106 ? A PHE 198 ? 1_555 83.0  ? 
31 OD1 ? A ASP 105 ? A ASP 197 ? 1_555 CA ? B CA . ? A CA 301 ? 1_555 O   ? A PHE 106 ? A PHE 198 ? 1_555 80.9  ? 
32 OD1 ? A ASP 47  ? A ASP 139 ? 1_555 CA ? B CA . ? A CA 301 ? 1_555 OD1 ? A ASP 107 ? A ASP 199 ? 1_555 70.2  ? 
33 OD2 ? A ASP 47  ? A ASP 139 ? 1_555 CA ? B CA . ? A CA 301 ? 1_555 OD1 ? A ASP 107 ? A ASP 199 ? 1_555 119.4 ? 
34 OD2 ? A ASP 53  ? A ASP 145 ? 1_555 CA ? B CA . ? A CA 301 ? 1_555 OD1 ? A ASP 107 ? A ASP 199 ? 1_555 154.8 ? 
35 OD1 ? A ASP 105 ? A ASP 197 ? 1_555 CA ? B CA . ? A CA 301 ? 1_555 OD1 ? A ASP 107 ? A ASP 199 ? 1_555 98.9  ? 
36 O   ? A PHE 106 ? A PHE 198 ? 1_555 CA ? B CA . ? A CA 301 ? 1_555 OD1 ? A ASP 107 ? A ASP 199 ? 1_555 77.3  ? 
37 OD1 ? A ASP 47  ? A ASP 139 ? 1_555 CA ? B CA . ? A CA 301 ? 1_555 O   ? F HOH .   ? A HOH 448 ? 1_555 99.5  ? 
38 OD2 ? A ASP 47  ? A ASP 139 ? 1_555 CA ? B CA . ? A CA 301 ? 1_555 O   ? F HOH .   ? A HOH 448 ? 1_555 85.9  ? 
39 OD2 ? A ASP 53  ? A ASP 145 ? 1_555 CA ? B CA . ? A CA 301 ? 1_555 O   ? F HOH .   ? A HOH 448 ? 1_555 76.1  ? 
40 OD1 ? A ASP 105 ? A ASP 197 ? 1_555 CA ? B CA . ? A CA 301 ? 1_555 O   ? F HOH .   ? A HOH 448 ? 1_555 167.8 ? 
41 O   ? A PHE 106 ? A PHE 198 ? 1_555 CA ? B CA . ? A CA 301 ? 1_555 O   ? F HOH .   ? A HOH 448 ? 1_555 91.6  ? 
42 OD1 ? A ASP 107 ? A ASP 199 ? 1_555 CA ? B CA . ? A CA 301 ? 1_555 O   ? F HOH .   ? A HOH 448 ? 1_555 88.8  ? 
43 OD2 ? A ASP 107 ? A ASP 199 ? 1_555 CA ? D CA . ? A CA 303 ? 1_555 OG  ? A SER 110 ? A SER 202 ? 1_555 86.6  ? 
44 OD2 ? A ASP 107 ? A ASP 199 ? 1_555 CA ? D CA . ? A CA 303 ? 1_555 O   ? A ARG 111 ? A ARG 203 ? 1_555 93.2  ? 
45 OG  ? A SER 110 ? A SER 202 ? 1_555 CA ? D CA . ? A CA 303 ? 1_555 O   ? A ARG 111 ? A ARG 203 ? 1_555 95.3  ? 
46 OD2 ? A ASP 107 ? A ASP 199 ? 1_555 CA ? D CA . ? A CA 303 ? 1_555 OD1 ? A ASP 113 ? A ASP 205 ? 1_555 105.1 ? 
47 OG  ? A SER 110 ? A SER 202 ? 1_555 CA ? D CA . ? A CA 303 ? 1_555 OD1 ? A ASP 113 ? A ASP 205 ? 1_555 168.2 ? 
48 O   ? A ARG 111 ? A ARG 203 ? 1_555 CA ? D CA . ? A CA 303 ? 1_555 OD1 ? A ASP 113 ? A ASP 205 ? 1_555 82.7  ? 
49 OD2 ? A ASP 107 ? A ASP 199 ? 1_555 CA ? D CA . ? A CA 303 ? 1_555 OD2 ? A ASP 113 ? A ASP 205 ? 1_555 65.8  ? 
50 OG  ? A SER 110 ? A SER 202 ? 1_555 CA ? D CA . ? A CA 303 ? 1_555 OD2 ? A ASP 113 ? A ASP 205 ? 1_555 142.8 ? 
51 O   ? A ARG 111 ? A ARG 203 ? 1_555 CA ? D CA . ? A CA 303 ? 1_555 OD2 ? A ASP 113 ? A ASP 205 ? 1_555 110.0 ? 
52 OD1 ? A ASP 113 ? A ASP 205 ? 1_555 CA ? D CA . ? A CA 303 ? 1_555 OD2 ? A ASP 113 ? A ASP 205 ? 1_555 47.5  ? 
53 OD2 ? A ASP 107 ? A ASP 199 ? 1_555 CA ? D CA . ? A CA 303 ? 1_555 O   ? F HOH .   ? A HOH 495 ? 1_555 92.6  ? 
54 OG  ? A SER 110 ? A SER 202 ? 1_555 CA ? D CA . ? A CA 303 ? 1_555 O   ? F HOH .   ? A HOH 495 ? 1_555 80.9  ? 
55 O   ? A ARG 111 ? A ARG 203 ? 1_555 CA ? D CA . ? A CA 303 ? 1_555 O   ? F HOH .   ? A HOH 495 ? 1_555 172.8 ? 
56 OD1 ? A ASP 113 ? A ASP 205 ? 1_555 CA ? D CA . ? A CA 303 ? 1_555 O   ? F HOH .   ? A HOH 495 ? 1_555 99.8  ? 
57 OD2 ? A ASP 113 ? A ASP 205 ? 1_555 CA ? D CA . ? A CA 303 ? 1_555 O   ? F HOH .   ? A HOH 495 ? 1_555 76.3  ? 
58 OD2 ? A ASP 107 ? A ASP 199 ? 1_555 CA ? D CA . ? A CA 303 ? 1_555 O   ? F HOH .   ? A HOH 505 ? 1_555 170.8 ? 
59 OG  ? A SER 110 ? A SER 202 ? 1_555 CA ? D CA . ? A CA 303 ? 1_555 O   ? F HOH .   ? A HOH 505 ? 1_555 85.7  ? 
60 O   ? A ARG 111 ? A ARG 203 ? 1_555 CA ? D CA . ? A CA 303 ? 1_555 O   ? F HOH .   ? A HOH 505 ? 1_555 92.4  ? 
61 OD1 ? A ASP 113 ? A ASP 205 ? 1_555 CA ? D CA . ? A CA 303 ? 1_555 O   ? F HOH .   ? A HOH 505 ? 1_555 82.8  ? 
62 OD2 ? A ASP 113 ? A ASP 205 ? 1_555 CA ? D CA . ? A CA 303 ? 1_555 O   ? F HOH .   ? A HOH 505 ? 1_555 118.8 ? 
63 O   ? F HOH .   ? A HOH 495 ? 1_555 CA ? D CA . ? A CA 303 ? 1_555 O   ? F HOH .   ? A HOH 505 ? 1_555 81.3  ? 
# 
_struct_mon_prot_cis.pdbx_id                1 
_struct_mon_prot_cis.label_comp_id          LEU 
_struct_mon_prot_cis.label_seq_id           61 
_struct_mon_prot_cis.label_asym_id          A 
_struct_mon_prot_cis.label_alt_id           . 
_struct_mon_prot_cis.pdbx_PDB_ins_code      ? 
_struct_mon_prot_cis.auth_comp_id           LEU 
_struct_mon_prot_cis.auth_seq_id            153 
_struct_mon_prot_cis.auth_asym_id           A 
_struct_mon_prot_cis.pdbx_label_comp_id_2   PRO 
_struct_mon_prot_cis.pdbx_label_seq_id_2    62 
_struct_mon_prot_cis.pdbx_label_asym_id_2   A 
_struct_mon_prot_cis.pdbx_PDB_ins_code_2    ? 
_struct_mon_prot_cis.pdbx_auth_comp_id_2    PRO 
_struct_mon_prot_cis.pdbx_auth_seq_id_2     154 
_struct_mon_prot_cis.pdbx_auth_asym_id_2    A 
_struct_mon_prot_cis.pdbx_PDB_model_num     1 
_struct_mon_prot_cis.pdbx_omega_angle       6.78 
# 
loop_
_struct_sheet.id 
_struct_sheet.type 
_struct_sheet.number_strands 
_struct_sheet.details 
AA1 ? 4 ? 
AA2 ? 4 ? 
# 
loop_
_struct_sheet_order.sheet_id 
_struct_sheet_order.range_id_1 
_struct_sheet_order.range_id_2 
_struct_sheet_order.offset 
_struct_sheet_order.sense 
AA1 1 2 ? anti-parallel 
AA1 2 3 ? anti-parallel 
AA1 3 4 ? anti-parallel 
AA2 1 2 ? anti-parallel 
AA2 2 3 ? anti-parallel 
AA2 3 4 ? anti-parallel 
# 
loop_
_struct_sheet_range.sheet_id 
_struct_sheet_range.id 
_struct_sheet_range.beg_label_comp_id 
_struct_sheet_range.beg_label_asym_id 
_struct_sheet_range.beg_label_seq_id 
_struct_sheet_range.pdbx_beg_PDB_ins_code 
_struct_sheet_range.end_label_comp_id 
_struct_sheet_range.end_label_asym_id 
_struct_sheet_range.end_label_seq_id 
_struct_sheet_range.pdbx_end_PDB_ins_code 
_struct_sheet_range.beg_auth_comp_id 
_struct_sheet_range.beg_auth_asym_id 
_struct_sheet_range.beg_auth_seq_id 
_struct_sheet_range.end_auth_comp_id 
_struct_sheet_range.end_auth_asym_id 
_struct_sheet_range.end_auth_seq_id 
AA1 1 HIS A 80  ? LYS A 88  ? HIS A 172 LYS A 180 
AA1 2 GLN A 32  ? MET A 41  ? GLN A 124 MET A 133 
AA1 3 GLN A 19  ? ASP A 27  ? GLN A 111 ASP A 119 
AA1 4 VAL A 131 ? GLU A 136 ? VAL A 223 GLU A 228 
AA2 1 ARG A 67  ? GLU A 69  ? ARG A 159 GLU A 161 
AA2 2 PRO A 54  ? LEU A 61  ? PRO A 146 LEU A 153 
AA2 3 VAL A 98  ? ASP A 105 ? VAL A 190 ASP A 197 
AA2 4 ASP A 113 ? PRO A 121 ? ASP A 205 PRO A 213 
# 
loop_
_pdbx_struct_sheet_hbond.sheet_id 
_pdbx_struct_sheet_hbond.range_id_1 
_pdbx_struct_sheet_hbond.range_id_2 
_pdbx_struct_sheet_hbond.range_1_label_atom_id 
_pdbx_struct_sheet_hbond.range_1_label_comp_id 
_pdbx_struct_sheet_hbond.range_1_label_asym_id 
_pdbx_struct_sheet_hbond.range_1_label_seq_id 
_pdbx_struct_sheet_hbond.range_1_PDB_ins_code 
_pdbx_struct_sheet_hbond.range_1_auth_atom_id 
_pdbx_struct_sheet_hbond.range_1_auth_comp_id 
_pdbx_struct_sheet_hbond.range_1_auth_asym_id 
_pdbx_struct_sheet_hbond.range_1_auth_seq_id 
_pdbx_struct_sheet_hbond.range_2_label_atom_id 
_pdbx_struct_sheet_hbond.range_2_label_comp_id 
_pdbx_struct_sheet_hbond.range_2_label_asym_id 
_pdbx_struct_sheet_hbond.range_2_label_seq_id 
_pdbx_struct_sheet_hbond.range_2_PDB_ins_code 
_pdbx_struct_sheet_hbond.range_2_auth_atom_id 
_pdbx_struct_sheet_hbond.range_2_auth_comp_id 
_pdbx_struct_sheet_hbond.range_2_auth_asym_id 
_pdbx_struct_sheet_hbond.range_2_auth_seq_id 
AA1 1 2 O PHE A 87  ? O PHE A 179 N LEU A 33  ? N LEU A 125 
AA1 2 3 O LEU A 34  ? O LEU A 126 N ASP A 25  ? N ASP A 117 
AA1 3 4 N LEU A 24  ? N LEU A 116 O VAL A 131 ? O VAL A 223 
AA2 1 2 O TYR A 68  ? O TYR A 160 N VAL A 58  ? N VAL A 150 
AA2 2 3 N ARG A 57  ? N ARG A 149 O ALA A 102 ? O ALA A 194 
AA2 3 4 N VAL A 103 ? N VAL A 195 O GLY A 116 ? O GLY A 208 
# 
loop_
_struct_site.id 
_struct_site.pdbx_evidence_code 
_struct_site.pdbx_auth_asym_id 
_struct_site.pdbx_auth_comp_id 
_struct_site.pdbx_auth_seq_id 
_struct_site.pdbx_auth_ins_code 
_struct_site.pdbx_num_residues 
_struct_site.details 
AC1 Software A CA  301 ? 6 'binding site for residue CA A 301'  
AC2 Software A CA  302 ? 6 'binding site for residue CA A 302'  
AC3 Software A CA  303 ? 6 'binding site for residue CA A 303'  
AC4 Software A ACT 304 ? 6 'binding site for residue ACT A 304' 
# 
loop_
_struct_site_gen.id 
_struct_site_gen.site_id 
_struct_site_gen.pdbx_num_res 
_struct_site_gen.label_comp_id 
_struct_site_gen.label_asym_id 
_struct_site_gen.label_seq_id 
_struct_site_gen.pdbx_auth_ins_code 
_struct_site_gen.auth_comp_id 
_struct_site_gen.auth_asym_id 
_struct_site_gen.auth_seq_id 
_struct_site_gen.label_atom_id 
_struct_site_gen.label_alt_id 
_struct_site_gen.symmetry 
_struct_site_gen.details 
1  AC1 6 ASP A 47  ? ASP A 139 . ? 1_555 ? 
2  AC1 6 ASP A 53  ? ASP A 145 . ? 1_555 ? 
3  AC1 6 ASP A 105 ? ASP A 197 . ? 1_555 ? 
4  AC1 6 PHE A 106 ? PHE A 198 . ? 1_555 ? 
5  AC1 6 ASP A 107 ? ASP A 199 . ? 1_555 ? 
6  AC1 6 HOH F .   ? HOH A 448 . ? 1_555 ? 
7  AC2 6 LEU A 46  ? LEU A 138 . ? 1_555 ? 
8  AC2 6 ASP A 47  ? ASP A 139 . ? 1_555 ? 
9  AC2 6 ASP A 105 ? ASP A 197 . ? 1_555 ? 
10 AC2 6 ASP A 107 ? ASP A 199 . ? 1_555 ? 
11 AC2 6 ASP A 113 ? ASP A 205 . ? 1_555 ? 
12 AC2 6 HOH F .   ? HOH A 504 . ? 1_555 ? 
13 AC3 6 ASP A 107 ? ASP A 199 . ? 1_555 ? 
14 AC3 6 SER A 110 ? SER A 202 . ? 1_555 ? 
15 AC3 6 ARG A 111 ? ARG A 203 . ? 1_555 ? 
16 AC3 6 ASP A 113 ? ASP A 205 . ? 1_555 ? 
17 AC3 6 HOH F .   ? HOH A 495 . ? 1_555 ? 
18 AC3 6 HOH F .   ? HOH A 505 . ? 1_555 ? 
19 AC4 6 ASP A 107 ? ASP A 199 . ? 1_555 ? 
20 AC4 6 ARG A 108 ? ARG A 200 . ? 1_555 ? 
21 AC4 6 PHE A 109 ? PHE A 201 . ? 1_555 ? 
22 AC4 6 HOH F .   ? HOH A 413 . ? 1_555 ? 
23 AC4 6 HOH F .   ? HOH A 415 . ? 1_555 ? 
24 AC4 6 HOH F .   ? HOH A 448 . ? 1_555 ? 
# 
_pdbx_validate_close_contact.id               1 
_pdbx_validate_close_contact.PDB_model_num    1 
_pdbx_validate_close_contact.auth_atom_id_1   OE1 
_pdbx_validate_close_contact.auth_asym_id_1   A 
_pdbx_validate_close_contact.auth_comp_id_1   GLN 
_pdbx_validate_close_contact.auth_seq_id_1    111 
_pdbx_validate_close_contact.PDB_ins_code_1   ? 
_pdbx_validate_close_contact.label_alt_id_1   ? 
_pdbx_validate_close_contact.auth_atom_id_2   O 
_pdbx_validate_close_contact.auth_asym_id_2   A 
_pdbx_validate_close_contact.auth_comp_id_2   HOH 
_pdbx_validate_close_contact.auth_seq_id_2    401 
_pdbx_validate_close_contact.PDB_ins_code_2   ? 
_pdbx_validate_close_contact.label_alt_id_2   ? 
_pdbx_validate_close_contact.dist             2.03 
# 
loop_
_pdbx_unobs_or_zero_occ_residues.id 
_pdbx_unobs_or_zero_occ_residues.PDB_model_num 
_pdbx_unobs_or_zero_occ_residues.polymer_flag 
_pdbx_unobs_or_zero_occ_residues.occupancy_flag 
_pdbx_unobs_or_zero_occ_residues.auth_asym_id 
_pdbx_unobs_or_zero_occ_residues.auth_comp_id 
_pdbx_unobs_or_zero_occ_residues.auth_seq_id 
_pdbx_unobs_or_zero_occ_residues.PDB_ins_code 
_pdbx_unobs_or_zero_occ_residues.label_asym_id 
_pdbx_unobs_or_zero_occ_residues.label_comp_id 
_pdbx_unobs_or_zero_occ_residues.label_seq_id 
1  1 Y 1 A MET 93  ? A MET 1   
2  1 Y 1 A GLY 94  ? A GLY 2   
3  1 Y 1 A HIS 95  ? A HIS 3   
4  1 Y 1 A HIS 96  ? A HIS 4   
5  1 Y 1 A HIS 97  ? A HIS 5   
6  1 Y 1 A HIS 98  ? A HIS 6   
7  1 Y 1 A HIS 99  ? A HIS 7   
8  1 Y 1 A HIS 100 ? A HIS 8   
9  1 Y 1 A MET 101 ? A MET 9   
10 1 Y 1 A GLN 102 ? A GLN 10  
11 1 Y 1 A VAL 103 ? A VAL 11  
12 1 Y 1 A ALA 104 ? A ALA 12  
13 1 Y 1 A ASP 105 ? A ASP 13  
14 1 Y 1 A LYS 106 ? A LYS 14  
15 1 Y 1 A ARG 234 ? A ARG 142 
16 1 Y 1 A GLU 235 ? A GLU 143 
17 1 Y 1 A GLU 236 ? A GLU 144 
18 1 Y 1 A GLN 237 ? A GLN 145 
19 1 Y 1 A GLU 238 ? A GLU 146 
20 1 Y 1 A LYS 239 ? A LYS 147 
21 1 Y 1 A LEU 240 ? A LEU 148 
22 1 Y 1 A GLY 241 ? A GLY 149 
23 1 Y 1 A ASP 242 ? A ASP 150 
# 
loop_
_chem_comp_atom.comp_id 
_chem_comp_atom.atom_id 
_chem_comp_atom.type_symbol 
_chem_comp_atom.pdbx_aromatic_flag 
_chem_comp_atom.pdbx_stereo_config 
_chem_comp_atom.pdbx_ordinal 
ACT C    C  N N 1   
ACT O    O  N N 2   
ACT OXT  O  N N 3   
ACT CH3  C  N N 4   
ACT H1   H  N N 5   
ACT H2   H  N N 6   
ACT H3   H  N N 7   
ALA N    N  N N 8   
ALA CA   C  N S 9   
ALA C    C  N N 10  
ALA O    O  N N 11  
ALA CB   C  N N 12  
ALA OXT  O  N N 13  
ALA H    H  N N 14  
ALA H2   H  N N 15  
ALA HA   H  N N 16  
ALA HB1  H  N N 17  
ALA HB2  H  N N 18  
ALA HB3  H  N N 19  
ALA HXT  H  N N 20  
ARG N    N  N N 21  
ARG CA   C  N S 22  
ARG C    C  N N 23  
ARG O    O  N N 24  
ARG CB   C  N N 25  
ARG CG   C  N N 26  
ARG CD   C  N N 27  
ARG NE   N  N N 28  
ARG CZ   C  N N 29  
ARG NH1  N  N N 30  
ARG NH2  N  N N 31  
ARG OXT  O  N N 32  
ARG H    H  N N 33  
ARG H2   H  N N 34  
ARG HA   H  N N 35  
ARG HB2  H  N N 36  
ARG HB3  H  N N 37  
ARG HG2  H  N N 38  
ARG HG3  H  N N 39  
ARG HD2  H  N N 40  
ARG HD3  H  N N 41  
ARG HE   H  N N 42  
ARG HH11 H  N N 43  
ARG HH12 H  N N 44  
ARG HH21 H  N N 45  
ARG HH22 H  N N 46  
ARG HXT  H  N N 47  
ASN N    N  N N 48  
ASN CA   C  N S 49  
ASN C    C  N N 50  
ASN O    O  N N 51  
ASN CB   C  N N 52  
ASN CG   C  N N 53  
ASN OD1  O  N N 54  
ASN ND2  N  N N 55  
ASN OXT  O  N N 56  
ASN H    H  N N 57  
ASN H2   H  N N 58  
ASN HA   H  N N 59  
ASN HB2  H  N N 60  
ASN HB3  H  N N 61  
ASN HD21 H  N N 62  
ASN HD22 H  N N 63  
ASN HXT  H  N N 64  
ASP N    N  N N 65  
ASP CA   C  N S 66  
ASP C    C  N N 67  
ASP O    O  N N 68  
ASP CB   C  N N 69  
ASP CG   C  N N 70  
ASP OD1  O  N N 71  
ASP OD2  O  N N 72  
ASP OXT  O  N N 73  
ASP H    H  N N 74  
ASP H2   H  N N 75  
ASP HA   H  N N 76  
ASP HB2  H  N N 77  
ASP HB3  H  N N 78  
ASP HD2  H  N N 79  
ASP HXT  H  N N 80  
CA  CA   CA N N 81  
GLN N    N  N N 82  
GLN CA   C  N S 83  
GLN C    C  N N 84  
GLN O    O  N N 85  
GLN CB   C  N N 86  
GLN CG   C  N N 87  
GLN CD   C  N N 88  
GLN OE1  O  N N 89  
GLN NE2  N  N N 90  
GLN OXT  O  N N 91  
GLN H    H  N N 92  
GLN H2   H  N N 93  
GLN HA   H  N N 94  
GLN HB2  H  N N 95  
GLN HB3  H  N N 96  
GLN HG2  H  N N 97  
GLN HG3  H  N N 98  
GLN HE21 H  N N 99  
GLN HE22 H  N N 100 
GLN HXT  H  N N 101 
GLU N    N  N N 102 
GLU CA   C  N S 103 
GLU C    C  N N 104 
GLU O    O  N N 105 
GLU CB   C  N N 106 
GLU CG   C  N N 107 
GLU CD   C  N N 108 
GLU OE1  O  N N 109 
GLU OE2  O  N N 110 
GLU OXT  O  N N 111 
GLU H    H  N N 112 
GLU H2   H  N N 113 
GLU HA   H  N N 114 
GLU HB2  H  N N 115 
GLU HB3  H  N N 116 
GLU HG2  H  N N 117 
GLU HG3  H  N N 118 
GLU HE2  H  N N 119 
GLU HXT  H  N N 120 
GLY N    N  N N 121 
GLY CA   C  N N 122 
GLY C    C  N N 123 
GLY O    O  N N 124 
GLY OXT  O  N N 125 
GLY H    H  N N 126 
GLY H2   H  N N 127 
GLY HA2  H  N N 128 
GLY HA3  H  N N 129 
GLY HXT  H  N N 130 
HIS N    N  N N 131 
HIS CA   C  N S 132 
HIS C    C  N N 133 
HIS O    O  N N 134 
HIS CB   C  N N 135 
HIS CG   C  Y N 136 
HIS ND1  N  Y N 137 
HIS CD2  C  Y N 138 
HIS CE1  C  Y N 139 
HIS NE2  N  Y N 140 
HIS OXT  O  N N 141 
HIS H    H  N N 142 
HIS H2   H  N N 143 
HIS HA   H  N N 144 
HIS HB2  H  N N 145 
HIS HB3  H  N N 146 
HIS HD1  H  N N 147 
HIS HD2  H  N N 148 
HIS HE1  H  N N 149 
HIS HE2  H  N N 150 
HIS HXT  H  N N 151 
HOH O    O  N N 152 
HOH H1   H  N N 153 
HOH H2   H  N N 154 
ILE N    N  N N 155 
ILE CA   C  N S 156 
ILE C    C  N N 157 
ILE O    O  N N 158 
ILE CB   C  N S 159 
ILE CG1  C  N N 160 
ILE CG2  C  N N 161 
ILE CD1  C  N N 162 
ILE OXT  O  N N 163 
ILE H    H  N N 164 
ILE H2   H  N N 165 
ILE HA   H  N N 166 
ILE HB   H  N N 167 
ILE HG12 H  N N 168 
ILE HG13 H  N N 169 
ILE HG21 H  N N 170 
ILE HG22 H  N N 171 
ILE HG23 H  N N 172 
ILE HD11 H  N N 173 
ILE HD12 H  N N 174 
ILE HD13 H  N N 175 
ILE HXT  H  N N 176 
LEU N    N  N N 177 
LEU CA   C  N S 178 
LEU C    C  N N 179 
LEU O    O  N N 180 
LEU CB   C  N N 181 
LEU CG   C  N N 182 
LEU CD1  C  N N 183 
LEU CD2  C  N N 184 
LEU OXT  O  N N 185 
LEU H    H  N N 186 
LEU H2   H  N N 187 
LEU HA   H  N N 188 
LEU HB2  H  N N 189 
LEU HB3  H  N N 190 
LEU HG   H  N N 191 
LEU HD11 H  N N 192 
LEU HD12 H  N N 193 
LEU HD13 H  N N 194 
LEU HD21 H  N N 195 
LEU HD22 H  N N 196 
LEU HD23 H  N N 197 
LEU HXT  H  N N 198 
LYS N    N  N N 199 
LYS CA   C  N S 200 
LYS C    C  N N 201 
LYS O    O  N N 202 
LYS CB   C  N N 203 
LYS CG   C  N N 204 
LYS CD   C  N N 205 
LYS CE   C  N N 206 
LYS NZ   N  N N 207 
LYS OXT  O  N N 208 
LYS H    H  N N 209 
LYS H2   H  N N 210 
LYS HA   H  N N 211 
LYS HB2  H  N N 212 
LYS HB3  H  N N 213 
LYS HG2  H  N N 214 
LYS HG3  H  N N 215 
LYS HD2  H  N N 216 
LYS HD3  H  N N 217 
LYS HE2  H  N N 218 
LYS HE3  H  N N 219 
LYS HZ1  H  N N 220 
LYS HZ2  H  N N 221 
LYS HZ3  H  N N 222 
LYS HXT  H  N N 223 
MET N    N  N N 224 
MET CA   C  N S 225 
MET C    C  N N 226 
MET O    O  N N 227 
MET CB   C  N N 228 
MET CG   C  N N 229 
MET SD   S  N N 230 
MET CE   C  N N 231 
MET OXT  O  N N 232 
MET H    H  N N 233 
MET H2   H  N N 234 
MET HA   H  N N 235 
MET HB2  H  N N 236 
MET HB3  H  N N 237 
MET HG2  H  N N 238 
MET HG3  H  N N 239 
MET HE1  H  N N 240 
MET HE2  H  N N 241 
MET HE3  H  N N 242 
MET HXT  H  N N 243 
PHE N    N  N N 244 
PHE CA   C  N S 245 
PHE C    C  N N 246 
PHE O    O  N N 247 
PHE CB   C  N N 248 
PHE CG   C  Y N 249 
PHE CD1  C  Y N 250 
PHE CD2  C  Y N 251 
PHE CE1  C  Y N 252 
PHE CE2  C  Y N 253 
PHE CZ   C  Y N 254 
PHE OXT  O  N N 255 
PHE H    H  N N 256 
PHE H2   H  N N 257 
PHE HA   H  N N 258 
PHE HB2  H  N N 259 
PHE HB3  H  N N 260 
PHE HD1  H  N N 261 
PHE HD2  H  N N 262 
PHE HE1  H  N N 263 
PHE HE2  H  N N 264 
PHE HZ   H  N N 265 
PHE HXT  H  N N 266 
PRO N    N  N N 267 
PRO CA   C  N S 268 
PRO C    C  N N 269 
PRO O    O  N N 270 
PRO CB   C  N N 271 
PRO CG   C  N N 272 
PRO CD   C  N N 273 
PRO OXT  O  N N 274 
PRO H    H  N N 275 
PRO HA   H  N N 276 
PRO HB2  H  N N 277 
PRO HB3  H  N N 278 
PRO HG2  H  N N 279 
PRO HG3  H  N N 280 
PRO HD2  H  N N 281 
PRO HD3  H  N N 282 
PRO HXT  H  N N 283 
SER N    N  N N 284 
SER CA   C  N S 285 
SER C    C  N N 286 
SER O    O  N N 287 
SER CB   C  N N 288 
SER OG   O  N N 289 
SER OXT  O  N N 290 
SER H    H  N N 291 
SER H2   H  N N 292 
SER HA   H  N N 293 
SER HB2  H  N N 294 
SER HB3  H  N N 295 
SER HG   H  N N 296 
SER HXT  H  N N 297 
THR N    N  N N 298 
THR CA   C  N S 299 
THR C    C  N N 300 
THR O    O  N N 301 
THR CB   C  N R 302 
THR OG1  O  N N 303 
THR CG2  C  N N 304 
THR OXT  O  N N 305 
THR H    H  N N 306 
THR H2   H  N N 307 
THR HA   H  N N 308 
THR HB   H  N N 309 
THR HG1  H  N N 310 
THR HG21 H  N N 311 
THR HG22 H  N N 312 
THR HG23 H  N N 313 
THR HXT  H  N N 314 
TRP N    N  N N 315 
TRP CA   C  N S 316 
TRP C    C  N N 317 
TRP O    O  N N 318 
TRP CB   C  N N 319 
TRP CG   C  Y N 320 
TRP CD1  C  Y N 321 
TRP CD2  C  Y N 322 
TRP NE1  N  Y N 323 
TRP CE2  C  Y N 324 
TRP CE3  C  Y N 325 
TRP CZ2  C  Y N 326 
TRP CZ3  C  Y N 327 
TRP CH2  C  Y N 328 
TRP OXT  O  N N 329 
TRP H    H  N N 330 
TRP H2   H  N N 331 
TRP HA   H  N N 332 
TRP HB2  H  N N 333 
TRP HB3  H  N N 334 
TRP HD1  H  N N 335 
TRP HE1  H  N N 336 
TRP HE3  H  N N 337 
TRP HZ2  H  N N 338 
TRP HZ3  H  N N 339 
TRP HH2  H  N N 340 
TRP HXT  H  N N 341 
TYR N    N  N N 342 
TYR CA   C  N S 343 
TYR C    C  N N 344 
TYR O    O  N N 345 
TYR CB   C  N N 346 
TYR CG   C  Y N 347 
TYR CD1  C  Y N 348 
TYR CD2  C  Y N 349 
TYR CE1  C  Y N 350 
TYR CE2  C  Y N 351 
TYR CZ   C  Y N 352 
TYR OH   O  N N 353 
TYR OXT  O  N N 354 
TYR H    H  N N 355 
TYR H2   H  N N 356 
TYR HA   H  N N 357 
TYR HB2  H  N N 358 
TYR HB3  H  N N 359 
TYR HD1  H  N N 360 
TYR HD2  H  N N 361 
TYR HE1  H  N N 362 
TYR HE2  H  N N 363 
TYR HH   H  N N 364 
TYR HXT  H  N N 365 
VAL N    N  N N 366 
VAL CA   C  N S 367 
VAL C    C  N N 368 
VAL O    O  N N 369 
VAL CB   C  N N 370 
VAL CG1  C  N N 371 
VAL CG2  C  N N 372 
VAL OXT  O  N N 373 
VAL H    H  N N 374 
VAL H2   H  N N 375 
VAL HA   H  N N 376 
VAL HB   H  N N 377 
VAL HG11 H  N N 378 
VAL HG12 H  N N 379 
VAL HG13 H  N N 380 
VAL HG21 H  N N 381 
VAL HG22 H  N N 382 
VAL HG23 H  N N 383 
VAL HXT  H  N N 384 
# 
loop_
_chem_comp_bond.comp_id 
_chem_comp_bond.atom_id_1 
_chem_comp_bond.atom_id_2 
_chem_comp_bond.value_order 
_chem_comp_bond.pdbx_aromatic_flag 
_chem_comp_bond.pdbx_stereo_config 
_chem_comp_bond.pdbx_ordinal 
ACT C   O    doub N N 1   
ACT C   OXT  sing N N 2   
ACT C   CH3  sing N N 3   
ACT CH3 H1   sing N N 4   
ACT CH3 H2   sing N N 5   
ACT CH3 H3   sing N N 6   
ALA N   CA   sing N N 7   
ALA N   H    sing N N 8   
ALA N   H2   sing N N 9   
ALA CA  C    sing N N 10  
ALA CA  CB   sing N N 11  
ALA CA  HA   sing N N 12  
ALA C   O    doub N N 13  
ALA C   OXT  sing N N 14  
ALA CB  HB1  sing N N 15  
ALA CB  HB2  sing N N 16  
ALA CB  HB3  sing N N 17  
ALA OXT HXT  sing N N 18  
ARG N   CA   sing N N 19  
ARG N   H    sing N N 20  
ARG N   H2   sing N N 21  
ARG CA  C    sing N N 22  
ARG CA  CB   sing N N 23  
ARG CA  HA   sing N N 24  
ARG C   O    doub N N 25  
ARG C   OXT  sing N N 26  
ARG CB  CG   sing N N 27  
ARG CB  HB2  sing N N 28  
ARG CB  HB3  sing N N 29  
ARG CG  CD   sing N N 30  
ARG CG  HG2  sing N N 31  
ARG CG  HG3  sing N N 32  
ARG CD  NE   sing N N 33  
ARG CD  HD2  sing N N 34  
ARG CD  HD3  sing N N 35  
ARG NE  CZ   sing N N 36  
ARG NE  HE   sing N N 37  
ARG CZ  NH1  sing N N 38  
ARG CZ  NH2  doub N N 39  
ARG NH1 HH11 sing N N 40  
ARG NH1 HH12 sing N N 41  
ARG NH2 HH21 sing N N 42  
ARG NH2 HH22 sing N N 43  
ARG OXT HXT  sing N N 44  
ASN N   CA   sing N N 45  
ASN N   H    sing N N 46  
ASN N   H2   sing N N 47  
ASN CA  C    sing N N 48  
ASN CA  CB   sing N N 49  
ASN CA  HA   sing N N 50  
ASN C   O    doub N N 51  
ASN C   OXT  sing N N 52  
ASN CB  CG   sing N N 53  
ASN CB  HB2  sing N N 54  
ASN CB  HB3  sing N N 55  
ASN CG  OD1  doub N N 56  
ASN CG  ND2  sing N N 57  
ASN ND2 HD21 sing N N 58  
ASN ND2 HD22 sing N N 59  
ASN OXT HXT  sing N N 60  
ASP N   CA   sing N N 61  
ASP N   H    sing N N 62  
ASP N   H2   sing N N 63  
ASP CA  C    sing N N 64  
ASP CA  CB   sing N N 65  
ASP CA  HA   sing N N 66  
ASP C   O    doub N N 67  
ASP C   OXT  sing N N 68  
ASP CB  CG   sing N N 69  
ASP CB  HB2  sing N N 70  
ASP CB  HB3  sing N N 71  
ASP CG  OD1  doub N N 72  
ASP CG  OD2  sing N N 73  
ASP OD2 HD2  sing N N 74  
ASP OXT HXT  sing N N 75  
GLN N   CA   sing N N 76  
GLN N   H    sing N N 77  
GLN N   H2   sing N N 78  
GLN CA  C    sing N N 79  
GLN CA  CB   sing N N 80  
GLN CA  HA   sing N N 81  
GLN C   O    doub N N 82  
GLN C   OXT  sing N N 83  
GLN CB  CG   sing N N 84  
GLN CB  HB2  sing N N 85  
GLN CB  HB3  sing N N 86  
GLN CG  CD   sing N N 87  
GLN CG  HG2  sing N N 88  
GLN CG  HG3  sing N N 89  
GLN CD  OE1  doub N N 90  
GLN CD  NE2  sing N N 91  
GLN NE2 HE21 sing N N 92  
GLN NE2 HE22 sing N N 93  
GLN OXT HXT  sing N N 94  
GLU N   CA   sing N N 95  
GLU N   H    sing N N 96  
GLU N   H2   sing N N 97  
GLU CA  C    sing N N 98  
GLU CA  CB   sing N N 99  
GLU CA  HA   sing N N 100 
GLU C   O    doub N N 101 
GLU C   OXT  sing N N 102 
GLU CB  CG   sing N N 103 
GLU CB  HB2  sing N N 104 
GLU CB  HB3  sing N N 105 
GLU CG  CD   sing N N 106 
GLU CG  HG2  sing N N 107 
GLU CG  HG3  sing N N 108 
GLU CD  OE1  doub N N 109 
GLU CD  OE2  sing N N 110 
GLU OE2 HE2  sing N N 111 
GLU OXT HXT  sing N N 112 
GLY N   CA   sing N N 113 
GLY N   H    sing N N 114 
GLY N   H2   sing N N 115 
GLY CA  C    sing N N 116 
GLY CA  HA2  sing N N 117 
GLY CA  HA3  sing N N 118 
GLY C   O    doub N N 119 
GLY C   OXT  sing N N 120 
GLY OXT HXT  sing N N 121 
HIS N   CA   sing N N 122 
HIS N   H    sing N N 123 
HIS N   H2   sing N N 124 
HIS CA  C    sing N N 125 
HIS CA  CB   sing N N 126 
HIS CA  HA   sing N N 127 
HIS C   O    doub N N 128 
HIS C   OXT  sing N N 129 
HIS CB  CG   sing N N 130 
HIS CB  HB2  sing N N 131 
HIS CB  HB3  sing N N 132 
HIS CG  ND1  sing Y N 133 
HIS CG  CD2  doub Y N 134 
HIS ND1 CE1  doub Y N 135 
HIS ND1 HD1  sing N N 136 
HIS CD2 NE2  sing Y N 137 
HIS CD2 HD2  sing N N 138 
HIS CE1 NE2  sing Y N 139 
HIS CE1 HE1  sing N N 140 
HIS NE2 HE2  sing N N 141 
HIS OXT HXT  sing N N 142 
HOH O   H1   sing N N 143 
HOH O   H2   sing N N 144 
ILE N   CA   sing N N 145 
ILE N   H    sing N N 146 
ILE N   H2   sing N N 147 
ILE CA  C    sing N N 148 
ILE CA  CB   sing N N 149 
ILE CA  HA   sing N N 150 
ILE C   O    doub N N 151 
ILE C   OXT  sing N N 152 
ILE CB  CG1  sing N N 153 
ILE CB  CG2  sing N N 154 
ILE CB  HB   sing N N 155 
ILE CG1 CD1  sing N N 156 
ILE CG1 HG12 sing N N 157 
ILE CG1 HG13 sing N N 158 
ILE CG2 HG21 sing N N 159 
ILE CG2 HG22 sing N N 160 
ILE CG2 HG23 sing N N 161 
ILE CD1 HD11 sing N N 162 
ILE CD1 HD12 sing N N 163 
ILE CD1 HD13 sing N N 164 
ILE OXT HXT  sing N N 165 
LEU N   CA   sing N N 166 
LEU N   H    sing N N 167 
LEU N   H2   sing N N 168 
LEU CA  C    sing N N 169 
LEU CA  CB   sing N N 170 
LEU CA  HA   sing N N 171 
LEU C   O    doub N N 172 
LEU C   OXT  sing N N 173 
LEU CB  CG   sing N N 174 
LEU CB  HB2  sing N N 175 
LEU CB  HB3  sing N N 176 
LEU CG  CD1  sing N N 177 
LEU CG  CD2  sing N N 178 
LEU CG  HG   sing N N 179 
LEU CD1 HD11 sing N N 180 
LEU CD1 HD12 sing N N 181 
LEU CD1 HD13 sing N N 182 
LEU CD2 HD21 sing N N 183 
LEU CD2 HD22 sing N N 184 
LEU CD2 HD23 sing N N 185 
LEU OXT HXT  sing N N 186 
LYS N   CA   sing N N 187 
LYS N   H    sing N N 188 
LYS N   H2   sing N N 189 
LYS CA  C    sing N N 190 
LYS CA  CB   sing N N 191 
LYS CA  HA   sing N N 192 
LYS C   O    doub N N 193 
LYS C   OXT  sing N N 194 
LYS CB  CG   sing N N 195 
LYS CB  HB2  sing N N 196 
LYS CB  HB3  sing N N 197 
LYS CG  CD   sing N N 198 
LYS CG  HG2  sing N N 199 
LYS CG  HG3  sing N N 200 
LYS CD  CE   sing N N 201 
LYS CD  HD2  sing N N 202 
LYS CD  HD3  sing N N 203 
LYS CE  NZ   sing N N 204 
LYS CE  HE2  sing N N 205 
LYS CE  HE3  sing N N 206 
LYS NZ  HZ1  sing N N 207 
LYS NZ  HZ2  sing N N 208 
LYS NZ  HZ3  sing N N 209 
LYS OXT HXT  sing N N 210 
MET N   CA   sing N N 211 
MET N   H    sing N N 212 
MET N   H2   sing N N 213 
MET CA  C    sing N N 214 
MET CA  CB   sing N N 215 
MET CA  HA   sing N N 216 
MET C   O    doub N N 217 
MET C   OXT  sing N N 218 
MET CB  CG   sing N N 219 
MET CB  HB2  sing N N 220 
MET CB  HB3  sing N N 221 
MET CG  SD   sing N N 222 
MET CG  HG2  sing N N 223 
MET CG  HG3  sing N N 224 
MET SD  CE   sing N N 225 
MET CE  HE1  sing N N 226 
MET CE  HE2  sing N N 227 
MET CE  HE3  sing N N 228 
MET OXT HXT  sing N N 229 
PHE N   CA   sing N N 230 
PHE N   H    sing N N 231 
PHE N   H2   sing N N 232 
PHE CA  C    sing N N 233 
PHE CA  CB   sing N N 234 
PHE CA  HA   sing N N 235 
PHE C   O    doub N N 236 
PHE C   OXT  sing N N 237 
PHE CB  CG   sing N N 238 
PHE CB  HB2  sing N N 239 
PHE CB  HB3  sing N N 240 
PHE CG  CD1  doub Y N 241 
PHE CG  CD2  sing Y N 242 
PHE CD1 CE1  sing Y N 243 
PHE CD1 HD1  sing N N 244 
PHE CD2 CE2  doub Y N 245 
PHE CD2 HD2  sing N N 246 
PHE CE1 CZ   doub Y N 247 
PHE CE1 HE1  sing N N 248 
PHE CE2 CZ   sing Y N 249 
PHE CE2 HE2  sing N N 250 
PHE CZ  HZ   sing N N 251 
PHE OXT HXT  sing N N 252 
PRO N   CA   sing N N 253 
PRO N   CD   sing N N 254 
PRO N   H    sing N N 255 
PRO CA  C    sing N N 256 
PRO CA  CB   sing N N 257 
PRO CA  HA   sing N N 258 
PRO C   O    doub N N 259 
PRO C   OXT  sing N N 260 
PRO CB  CG   sing N N 261 
PRO CB  HB2  sing N N 262 
PRO CB  HB3  sing N N 263 
PRO CG  CD   sing N N 264 
PRO CG  HG2  sing N N 265 
PRO CG  HG3  sing N N 266 
PRO CD  HD2  sing N N 267 
PRO CD  HD3  sing N N 268 
PRO OXT HXT  sing N N 269 
SER N   CA   sing N N 270 
SER N   H    sing N N 271 
SER N   H2   sing N N 272 
SER CA  C    sing N N 273 
SER CA  CB   sing N N 274 
SER CA  HA   sing N N 275 
SER C   O    doub N N 276 
SER C   OXT  sing N N 277 
SER CB  OG   sing N N 278 
SER CB  HB2  sing N N 279 
SER CB  HB3  sing N N 280 
SER OG  HG   sing N N 281 
SER OXT HXT  sing N N 282 
THR N   CA   sing N N 283 
THR N   H    sing N N 284 
THR N   H2   sing N N 285 
THR CA  C    sing N N 286 
THR CA  CB   sing N N 287 
THR CA  HA   sing N N 288 
THR C   O    doub N N 289 
THR C   OXT  sing N N 290 
THR CB  OG1  sing N N 291 
THR CB  CG2  sing N N 292 
THR CB  HB   sing N N 293 
THR OG1 HG1  sing N N 294 
THR CG2 HG21 sing N N 295 
THR CG2 HG22 sing N N 296 
THR CG2 HG23 sing N N 297 
THR OXT HXT  sing N N 298 
TRP N   CA   sing N N 299 
TRP N   H    sing N N 300 
TRP N   H2   sing N N 301 
TRP CA  C    sing N N 302 
TRP CA  CB   sing N N 303 
TRP CA  HA   sing N N 304 
TRP C   O    doub N N 305 
TRP C   OXT  sing N N 306 
TRP CB  CG   sing N N 307 
TRP CB  HB2  sing N N 308 
TRP CB  HB3  sing N N 309 
TRP CG  CD1  doub Y N 310 
TRP CG  CD2  sing Y N 311 
TRP CD1 NE1  sing Y N 312 
TRP CD1 HD1  sing N N 313 
TRP CD2 CE2  doub Y N 314 
TRP CD2 CE3  sing Y N 315 
TRP NE1 CE2  sing Y N 316 
TRP NE1 HE1  sing N N 317 
TRP CE2 CZ2  sing Y N 318 
TRP CE3 CZ3  doub Y N 319 
TRP CE3 HE3  sing N N 320 
TRP CZ2 CH2  doub Y N 321 
TRP CZ2 HZ2  sing N N 322 
TRP CZ3 CH2  sing Y N 323 
TRP CZ3 HZ3  sing N N 324 
TRP CH2 HH2  sing N N 325 
TRP OXT HXT  sing N N 326 
TYR N   CA   sing N N 327 
TYR N   H    sing N N 328 
TYR N   H2   sing N N 329 
TYR CA  C    sing N N 330 
TYR CA  CB   sing N N 331 
TYR CA  HA   sing N N 332 
TYR C   O    doub N N 333 
TYR C   OXT  sing N N 334 
TYR CB  CG   sing N N 335 
TYR CB  HB2  sing N N 336 
TYR CB  HB3  sing N N 337 
TYR CG  CD1  doub Y N 338 
TYR CG  CD2  sing Y N 339 
TYR CD1 CE1  sing Y N 340 
TYR CD1 HD1  sing N N 341 
TYR CD2 CE2  doub Y N 342 
TYR CD2 HD2  sing N N 343 
TYR CE1 CZ   doub Y N 344 
TYR CE1 HE1  sing N N 345 
TYR CE2 CZ   sing Y N 346 
TYR CE2 HE2  sing N N 347 
TYR CZ  OH   sing N N 348 
TYR OH  HH   sing N N 349 
TYR OXT HXT  sing N N 350 
VAL N   CA   sing N N 351 
VAL N   H    sing N N 352 
VAL N   H2   sing N N 353 
VAL CA  C    sing N N 354 
VAL CA  CB   sing N N 355 
VAL CA  HA   sing N N 356 
VAL C   O    doub N N 357 
VAL C   OXT  sing N N 358 
VAL CB  CG1  sing N N 359 
VAL CB  CG2  sing N N 360 
VAL CB  HB   sing N N 361 
VAL CG1 HG11 sing N N 362 
VAL CG1 HG12 sing N N 363 
VAL CG1 HG13 sing N N 364 
VAL CG2 HG21 sing N N 365 
VAL CG2 HG22 sing N N 366 
VAL CG2 HG23 sing N N 367 
VAL OXT HXT  sing N N 368 
# 
loop_
_pdbx_audit_support.funding_organization 
_pdbx_audit_support.country 
_pdbx_audit_support.grant_number 
_pdbx_audit_support.ordinal 
'Ministry of Science and Technology of China'  China 2012CB917200 1 
'National Natural Science Foundation of China' China 31170726     2 
'National Natural Science Foundation of China' China 31370732     3 
# 
_atom_sites.entry_id                    5H4Y 
_atom_sites.fract_transf_matrix[1][1]   0.00794761 
_atom_sites.fract_transf_matrix[1][2]   -0.00342409 
_atom_sites.fract_transf_matrix[1][3]   0.00872422 
_atom_sites.fract_transf_matrix[2][1]   0.00699199 
_atom_sites.fract_transf_matrix[2][2]   0.00841882 
_atom_sites.fract_transf_matrix[2][3]   0.00558842 
_atom_sites.fract_transf_matrix[3][1]   -0.02523837 
_atom_sites.fract_transf_matrix[3][2]   0.00452114 
_atom_sites.fract_transf_matrix[3][3]   0.02476619 
_atom_sites.fract_transf_vector[1]      -0.132251 
_atom_sites.fract_transf_vector[2]      0.318850 
_atom_sites.fract_transf_vector[3]      -0.007481 
# 
loop_
_atom_type.symbol 
C  
CA 
N  
O  
S  
# 
loop_
_atom_site.group_PDB 
_atom_site.id 
_atom_site.type_symbol 
_atom_site.label_atom_id 
_atom_site.label_alt_id 
_atom_site.label_comp_id 
_atom_site.label_asym_id 
_atom_site.label_entity_id 
_atom_site.label_seq_id 
_atom_site.pdbx_PDB_ins_code 
_atom_site.Cartn_x 
_atom_site.Cartn_y 
_atom_site.Cartn_z 
_atom_site.occupancy 
_atom_site.B_iso_or_equiv 
_atom_site.pdbx_formal_charge 
_atom_site.auth_seq_id 
_atom_site.auth_comp_id 
_atom_site.auth_asym_id 
_atom_site.auth_atom_id 
_atom_site.pdbx_PDB_model_num 
ATOM   1    C  C   . HIS A 1 15  ? 2.479   -12.357 12.468  1.00 28.59 ? 107 HIS A C   1 
ATOM   2    O  O   . HIS A 1 15  ? 1.344   -12.097 12.027  1.00 30.84 ? 107 HIS A O   1 
ATOM   3    N  N   . GLU A 1 16  ? 3.049   -11.662 13.450  1.00 27.50 ? 108 GLU A N   1 
ATOM   4    C  CA  . GLU A 1 16  ? 2.810   -10.218 13.595  1.00 25.58 ? 108 GLU A CA  1 
ATOM   5    C  C   . GLU A 1 16  ? 3.545   -9.480  12.492  1.00 23.79 ? 108 GLU A C   1 
ATOM   6    O  O   . GLU A 1 16  ? 4.769   -9.360  12.549  1.00 23.37 ? 108 GLU A O   1 
ATOM   7    C  CB  . GLU A 1 16  ? 3.293   -9.678  14.955  1.00 26.26 ? 108 GLU A CB  1 
ATOM   8    C  CG  . GLU A 1 16  ? 2.520   -10.110 16.203  1.00 28.10 ? 108 GLU A CG  1 
ATOM   9    C  CD  . GLU A 1 16  ? 1.010   -9.928  16.108  1.00 28.62 ? 108 GLU A CD  1 
ATOM   10   O  OE1 . GLU A 1 16  ? 0.520   -9.140  15.263  1.00 29.32 ? 108 GLU A OE1 1 
ATOM   11   O  OE2 . GLU A 1 16  ? 0.308   -10.598 16.897  1.00 30.10 ? 108 GLU A OE2 1 
ATOM   12   N  N   . LEU A 1 17  ? 2.805   -8.976  11.505  1.00 21.14 ? 109 LEU A N   1 
ATOM   13   C  CA  . LEU A 1 17  ? 3.419   -8.346  10.336  1.00 19.44 ? 109 LEU A CA  1 
ATOM   14   C  C   . LEU A 1 17  ? 3.355   -6.820  10.367  1.00 18.56 ? 109 LEU A C   1 
ATOM   15   O  O   . LEU A 1 17  ? 4.020   -6.160  9.568   1.00 17.51 ? 109 LEU A O   1 
ATOM   16   C  CB  . LEU A 1 17  ? 2.781   -8.857  9.041   1.00 19.46 ? 109 LEU A CB  1 
ATOM   17   C  CG  . LEU A 1 17  ? 2.811   -10.370 8.854   1.00 19.10 ? 109 LEU A CG  1 
ATOM   18   C  CD1 . LEU A 1 17  ? 2.147   -10.706 7.532   1.00 20.67 ? 109 LEU A CD1 1 
ATOM   19   C  CD2 . LEU A 1 17  ? 4.230   -10.885 8.897   1.00 20.19 ? 109 LEU A CD2 1 
ATOM   20   N  N   . GLY A 1 18  ? 2.545   -6.280  11.275  1.00 18.21 ? 110 GLY A N   1 
ATOM   21   C  CA  . GLY A 1 18  ? 2.345   -4.837  11.384  1.00 17.66 ? 110 GLY A CA  1 
ATOM   22   C  C   . GLY A 1 18  ? 1.122   -4.319  10.661  1.00 17.29 ? 110 GLY A C   1 
ATOM   23   O  O   . GLY A 1 18  ? 0.286   -5.095  10.174  1.00 16.72 ? 110 GLY A O   1 
ATOM   24   N  N   . GLN A 1 19  ? 1.017   -2.996  10.593  1.00 17.07 ? 111 GLN A N   1 
ATOM   25   C  CA  . GLN A 1 19  ? -0.128  -2.370  9.957   1.00 17.96 ? 111 GLN A CA  1 
ATOM   26   C  C   . GLN A 1 19  ? 0.242   -1.124  9.173   1.00 17.30 ? 111 GLN A C   1 
ATOM   27   O  O   . GLN A 1 19  ? 1.279   -0.495  9.407   1.00 16.61 ? 111 GLN A O   1 
ATOM   28   C  CB  . GLN A 1 19  ? -1.248  -2.071  10.962  1.00 18.16 ? 111 GLN A CB  1 
ATOM   29   C  CG  . GLN A 1 19  ? -0.834  -1.356  12.224  1.00 23.35 ? 111 GLN A CG  1 
ATOM   30   C  CD  . GLN A 1 19  ? -1.999  -1.258  13.199  1.00 28.38 ? 111 GLN A CD  1 
ATOM   31   O  OE1 . GLN A 1 19  ? -2.017  -1.912  14.255  1.00 29.10 ? 111 GLN A OE1 1 
ATOM   32   N  NE2 . GLN A 1 19  ? -2.996  -0.459  12.833  1.00 30.76 ? 111 GLN A NE2 1 
ATOM   33   N  N   . LEU A 1 20  ? -0.635  -0.781  8.243   1.00 17.13 ? 112 LEU A N   1 
ATOM   34   C  CA  . LEU A 1 20  ? -0.401  0.320   7.322   1.00 16.74 ? 112 LEU A CA  1 
ATOM   35   C  C   . LEU A 1 20  ? -1.549  1.324   7.423   1.00 16.44 ? 112 LEU A C   1 
ATOM   36   O  O   . LEU A 1 20  ? -2.727  0.937   7.487   1.00 16.58 ? 112 LEU A O   1 
ATOM   37   C  CB  . LEU A 1 20  ? -0.311  -0.225  5.888   1.00 16.47 ? 112 LEU A CB  1 
ATOM   38   C  CG  . LEU A 1 20  ? 0.021   0.766   4.759   1.00 16.48 ? 112 LEU A CG  1 
ATOM   39   C  CD1 . LEU A 1 20  ? 1.494   1.172   4.796   1.00 17.31 ? 112 LEU A CD1 1 
ATOM   40   C  CD2 . LEU A 1 20  ? -0.324  0.141   3.412   1.00 19.07 ? 112 LEU A CD2 1 
ATOM   41   N  N   . GLN A 1 21  ? -1.191  2.605   7.463   1.00 15.40 ? 113 GLN A N   1 
ATOM   42   C  CA  . GLN A 1 21  ? -2.177  3.680   7.398   1.00 15.42 ? 113 GLN A CA  1 
ATOM   43   C  C   . GLN A 1 21  ? -2.211  4.263   5.994   1.00 15.14 ? 113 GLN A C   1 
ATOM   44   O  O   . GLN A 1 21  ? -1.179  4.688   5.457   1.00 14.99 ? 113 GLN A O   1 
ATOM   45   C  CB  . GLN A 1 21  ? -1.861  4.785   8.399   1.00 14.82 ? 113 GLN A CB  1 
ATOM   46   C  CG  . GLN A 1 21  ? -3.018  5.793   8.541   1.00 14.15 ? 113 GLN A CG  1 
ATOM   47   C  CD  . GLN A 1 21  ? -2.657  6.963   9.403   1.00 14.51 ? 113 GLN A CD  1 
ATOM   48   O  OE1 . GLN A 1 21  ? -3.462  7.410   10.240  1.00 18.55 ? 113 GLN A OE1 1 
ATOM   49   N  NE2 . GLN A 1 21  ? -1.463  7.494   9.205   1.00 11.35 ? 113 GLN A NE2 1 
ATOM   50   N  N   . TYR A 1 22  ? -3.401  4.306   5.406   1.00 15.16 ? 114 TYR A N   1 
ATOM   51   C  CA  . TYR A 1 22  ? -3.534  4.804   4.041   1.00 14.89 ? 114 TYR A CA  1 
ATOM   52   C  C   . TYR A 1 22  ? -4.771  5.712   3.916   1.00 14.30 ? 114 TYR A C   1 
ATOM   53   O  O   . TYR A 1 22  ? -5.622  5.750   4.810   1.00 14.74 ? 114 TYR A O   1 
ATOM   54   C  CB  . TYR A 1 22  ? -3.578  3.629   3.039   1.00 14.47 ? 114 TYR A CB  1 
ATOM   55   C  CG  . TYR A 1 22  ? -4.755  2.736   3.291   1.00 17.12 ? 114 TYR A CG  1 
ATOM   56   C  CD1 . TYR A 1 22  ? -5.963  2.923   2.611   1.00 18.90 ? 114 TYR A CD1 1 
ATOM   57   C  CD2 . TYR A 1 22  ? -4.689  1.740   4.259   1.00 17.74 ? 114 TYR A CD2 1 
ATOM   58   C  CE1 . TYR A 1 22  ? -7.069  2.114   2.880   1.00 20.21 ? 114 TYR A CE1 1 
ATOM   59   C  CE2 . TYR A 1 22  ? -5.786  0.943   4.534   1.00 20.56 ? 114 TYR A CE2 1 
ATOM   60   C  CZ  . TYR A 1 22  ? -6.965  1.129   3.847   1.00 21.64 ? 114 TYR A CZ  1 
ATOM   61   O  OH  . TYR A 1 22  ? -8.038  0.311   4.140   1.00 22.69 ? 114 TYR A OH  1 
ATOM   62   N  N   . SER A 1 23  ? -4.845  6.454   2.817   1.00 13.29 ? 115 SER A N   1 
ATOM   63   C  CA  . SER A 1 23  ? -6.020  7.258   2.519   1.00 13.70 ? 115 SER A CA  1 
ATOM   64   C  C   . SER A 1 23  ? -6.547  6.898   1.142   1.00 13.37 ? 115 SER A C   1 
ATOM   65   O  O   . SER A 1 23  ? -5.775  6.486   0.267   1.00 13.48 ? 115 SER A O   1 
ATOM   66   C  CB  . SER A 1 23  ? -5.703  8.757   2.599   1.00 13.23 ? 115 SER A CB  1 
ATOM   67   O  OG  . SER A 1 23  ? -4.787  9.124   1.590   1.00 13.90 ? 115 SER A OG  1 
ATOM   68   N  N   . LEU A 1 24  ? -7.860  7.007   0.963   1.00 13.41 ? 116 LEU A N   1 
ATOM   69   C  CA  . LEU A 1 24  ? -8.467  6.822   -0.351  1.00 13.94 ? 116 LEU A CA  1 
ATOM   70   C  C   . LEU A 1 24  ? -9.342  8.028   -0.625  1.00 14.40 ? 116 LEU A C   1 
ATOM   71   O  O   . LEU A 1 24  ? -10.099 8.470   0.254   1.00 14.77 ? 116 LEU A O   1 
ATOM   72   C  CB  . LEU A 1 24  ? -9.292  5.529   -0.442  1.00 14.37 ? 116 LEU A CB  1 
ATOM   73   C  CG  . LEU A 1 24  ? -8.610  4.234   -0.006  1.00 15.35 ? 116 LEU A CG  1 
ATOM   74   C  CD1 . LEU A 1 24  ? -9.647  3.118   0.154   1.00 18.52 ? 116 LEU A CD1 1 
ATOM   75   C  CD2 . LEU A 1 24  ? -7.538  3.831   -1.003  1.00 15.06 ? 116 LEU A CD2 1 
ATOM   76   N  N   . ASP A 1 25  ? -9.174  8.593   -1.818  1.00 14.25 ? 117 ASP A N   1 
ATOM   77   C  CA  . ASP A 1 25  ? -9.875  9.808   -2.238  1.00 15.22 ? 117 ASP A CA  1 
ATOM   78   C  C   . ASP A 1 25  ? -10.164 9.638   -3.720  1.00 15.29 ? 117 ASP A C   1 
ATOM   79   O  O   . ASP A 1 25  ? -9.253  9.614   -4.551  1.00 15.51 ? 117 ASP A O   1 
ATOM   80   C  CB  . ASP A 1 25  ? -9.001  11.048  -1.984  1.00 16.25 ? 117 ASP A CB  1 
ATOM   81   C  CG  . ASP A 1 25  ? -9.701  12.367  -2.323  1.00 18.98 ? 117 ASP A CG  1 
ATOM   82   O  OD1 . ASP A 1 25  ? -10.860 12.381  -2.807  1.00 21.32 ? 117 ASP A OD1 1 
ATOM   83   O  OD2 . ASP A 1 25  ? -9.066  13.419  -2.116  1.00 23.26 ? 117 ASP A OD2 1 
ATOM   84   N  N   . TYR A 1 26  ? -11.434 9.502   -4.057  1.00 14.85 ? 118 TYR A N   1 
ATOM   85   C  CA  . TYR A 1 26  ? -11.792 9.441   -5.464  1.00 14.85 ? 118 TYR A CA  1 
ATOM   86   C  C   . TYR A 1 26  ? -12.056 10.849  -5.998  1.00 15.39 ? 118 TYR A C   1 
ATOM   87   O  O   . TYR A 1 26  ? -12.973 11.522  -5.530  1.00 15.31 ? 118 TYR A O   1 
ATOM   88   C  CB  . TYR A 1 26  ? -13.005 8.535   -5.688  1.00 14.68 ? 118 TYR A CB  1 
ATOM   89   C  CG  . TYR A 1 26  ? -13.223 8.268   -7.165  1.00 14.77 ? 118 TYR A CG  1 
ATOM   90   C  CD1 . TYR A 1 26  ? -12.408 7.365   -7.853  1.00 14.76 ? 118 TYR A CD1 1 
ATOM   91   C  CD2 . TYR A 1 26  ? -14.215 8.948   -7.883  1.00 15.08 ? 118 TYR A CD2 1 
ATOM   92   C  CE1 . TYR A 1 26  ? -12.600 7.123   -9.238  1.00 14.76 ? 118 TYR A CE1 1 
ATOM   93   C  CE2 . TYR A 1 26  ? -14.408 8.719   -9.254  1.00 13.35 ? 118 TYR A CE2 1 
ATOM   94   C  CZ  . TYR A 1 26  ? -13.598 7.800   -9.918  1.00 13.24 ? 118 TYR A CZ  1 
ATOM   95   O  OH  . TYR A 1 26  ? -13.788 7.569   -11.270 1.00 16.09 ? 118 TYR A OH  1 
ATOM   96   N  N   . ASP A 1 27  ? -11.248 11.297  -6.961  1.00 15.86 ? 119 ASP A N   1 
ATOM   97   C  CA  . ASP A 1 27  ? -11.491 12.589  -7.588  1.00 17.11 ? 119 ASP A CA  1 
ATOM   98   C  C   . ASP A 1 27  ? -12.492 12.384  -8.730  1.00 16.41 ? 119 ASP A C   1 
ATOM   99   O  O   . ASP A 1 27  ? -12.144 11.931  -9.825  1.00 16.12 ? 119 ASP A O   1 
ATOM   100  C  CB  . ASP A 1 27  ? -10.177 13.243  -8.053  1.00 17.88 ? 119 ASP A CB  1 
ATOM   101  C  CG  . ASP A 1 27  ? -10.388 14.632  -8.676  1.00 22.20 ? 119 ASP A CG  1 
ATOM   102  O  OD1 . ASP A 1 27  ? -11.527 14.962  -9.095  1.00 23.70 ? 119 ASP A OD1 1 
ATOM   103  O  OD2 . ASP A 1 27  ? -9.398  15.397  -8.753  1.00 25.32 ? 119 ASP A OD2 1 
ATOM   104  N  N   . PHE A 1 28  ? -13.747 12.718  -8.452  1.00 16.39 ? 120 PHE A N   1 
ATOM   105  C  CA  . PHE A 1 28  ? -14.835 12.434  -9.384  1.00 16.51 ? 120 PHE A CA  1 
ATOM   106  C  C   . PHE A 1 28  ? -14.711 13.202  -10.694 1.00 17.19 ? 120 PHE A C   1 
ATOM   107  O  O   . PHE A 1 28  ? -15.177 12.736  -11.731 1.00 17.99 ? 120 PHE A O   1 
ATOM   108  C  CB  . PHE A 1 28  ? -16.175 12.707  -8.712  1.00 16.11 ? 120 PHE A CB  1 
ATOM   109  C  CG  . PHE A 1 28  ? -16.543 11.675  -7.701  1.00 15.95 ? 120 PHE A CG  1 
ATOM   110  C  CD1 . PHE A 1 28  ? -17.279 10.548  -8.088  1.00 15.77 ? 120 PHE A CD1 1 
ATOM   111  C  CD2 . PHE A 1 28  ? -16.128 11.798  -6.375  1.00 14.51 ? 120 PHE A CD2 1 
ATOM   112  C  CE1 . PHE A 1 28  ? -17.616 9.561   -7.157  1.00 15.11 ? 120 PHE A CE1 1 
ATOM   113  C  CE2 . PHE A 1 28  ? -16.449 10.802  -5.427  1.00 13.92 ? 120 PHE A CE2 1 
ATOM   114  C  CZ  . PHE A 1 28  ? -17.205 9.686   -5.828  1.00 15.53 ? 120 PHE A CZ  1 
ATOM   115  N  N   . GLN A 1 29  ? -14.092 14.374  -10.649 1.00 18.43 ? 121 GLN A N   1 
ATOM   116  C  CA  . GLN A 1 29  ? -13.924 15.169  -11.864 1.00 20.31 ? 121 GLN A CA  1 
ATOM   117  C  C   . GLN A 1 29  ? -12.889 14.524  -12.790 1.00 20.51 ? 121 GLN A C   1 
ATOM   118  O  O   . GLN A 1 29  ? -13.142 14.345  -13.987 1.00 21.16 ? 121 GLN A O   1 
ATOM   119  C  CB  . GLN A 1 29  ? -13.521 16.607  -11.532 1.00 20.75 ? 121 GLN A CB  1 
ATOM   120  C  CG  . GLN A 1 29  ? -13.762 17.558  -12.703 1.00 24.75 ? 121 GLN A CG  1 
ATOM   121  C  CD  . GLN A 1 29  ? -12.536 18.320  -13.108 1.00 30.04 ? 121 GLN A CD  1 
ATOM   122  O  OE1 . GLN A 1 29  ? -11.667 18.604  -12.284 1.00 34.43 ? 121 GLN A OE1 1 
ATOM   123  N  NE2 . GLN A 1 29  ? -12.458 18.677  -14.387 1.00 31.73 ? 121 GLN A NE2 1 
ATOM   124  N  N   . SER A 1 30  ? -11.740 14.131  -12.234 1.00 20.98 ? 122 SER A N   1 
ATOM   125  C  CA  . SER A 1 30  ? -10.687 13.506  -13.058 1.00 21.19 ? 122 SER A CA  1 
ATOM   126  C  C   . SER A 1 30  ? -10.884 12.004  -13.327 1.00 20.26 ? 122 SER A C   1 
ATOM   127  O  O   . SER A 1 30  ? -10.227 11.432  -14.197 1.00 20.81 ? 122 SER A O   1 
ATOM   128  C  CB  . SER A 1 30  ? -9.302  13.803  -12.472 1.00 21.40 ? 122 SER A CB  1 
ATOM   129  O  OG  . SER A 1 30  ? -9.130  13.151  -11.238 1.00 23.57 ? 122 SER A OG  1 
ATOM   130  N  N   . GLY A 1 31  ? -11.800 11.371  -12.594 1.00 19.21 ? 123 GLY A N   1 
ATOM   131  C  CA  . GLY A 1 31  ? -12.018 9.931   -12.692 1.00 18.29 ? 123 GLY A CA  1 
ATOM   132  C  C   . GLY A 1 31  ? -10.807 9.119   -12.240 1.00 18.12 ? 123 GLY A C   1 
ATOM   133  O  O   . GLY A 1 31  ? -10.486 8.090   -12.847 1.00 18.12 ? 123 GLY A O   1 
ATOM   134  N  N   . GLN A 1 32  ? -10.123 9.599   -11.200 1.00 17.44 ? 124 GLN A N   1 
ATOM   135  C  CA  . GLN A 1 32  ? -8.931  8.936   -10.645 1.00 17.08 ? 124 GLN A CA  1 
ATOM   136  C  C   . GLN A 1 32  ? -9.123  8.603   -9.180  1.00 16.31 ? 124 GLN A C   1 
ATOM   137  O  O   . GLN A 1 32  ? -9.671  9.405   -8.425  1.00 16.59 ? 124 GLN A O   1 
ATOM   138  C  CB  . GLN A 1 32  ? -7.676  9.818   -10.762 1.00 17.38 ? 124 GLN A CB  1 
ATOM   139  C  CG  . GLN A 1 32  ? -7.264  10.204  -12.183 1.00 20.30 ? 124 GLN A CG  1 
ATOM   140  C  CD  . GLN A 1 32  ? -5.974  11.046  -12.211 1.00 22.80 ? 124 GLN A CD  1 
ATOM   141  O  OE1 . GLN A 1 32  ? -5.526  11.484  -13.274 1.00 25.09 ? 124 GLN A OE1 1 
ATOM   142  N  NE2 . GLN A 1 32  ? -5.372  11.256  -11.046 1.00 23.33 ? 124 GLN A NE2 1 
ATOM   143  N  N   . LEU A 1 33  ? -8.658  7.413   -8.784  1.00 15.20 ? 125 LEU A N   1 
ATOM   144  C  CA  . LEU A 1 33  ? -8.601  7.019   -7.377  1.00 14.54 ? 125 LEU A CA  1 
ATOM   145  C  C   . LEU A 1 33  ? -7.235  7.404   -6.805  1.00 13.84 ? 125 LEU A C   1 
ATOM   146  O  O   . LEU A 1 33  ? -6.217  6.839   -7.228  1.00 13.95 ? 125 LEU A O   1 
ATOM   147  C  CB  . LEU A 1 33  ? -8.785  5.502   -7.223  1.00 14.38 ? 125 LEU A CB  1 
ATOM   148  C  CG  . LEU A 1 33  ? -8.561  4.983   -5.789  1.00 14.77 ? 125 LEU A CG  1 
ATOM   149  C  CD1 . LEU A 1 33  ? -9.620  5.524   -4.863  1.00 14.56 ? 125 LEU A CD1 1 
ATOM   150  C  CD2 . LEU A 1 33  ? -8.545  3.469   -5.788  1.00 15.66 ? 125 LEU A CD2 1 
ATOM   151  N  N   . LEU A 1 34  ? -7.227  8.327   -5.847  1.00 13.68 ? 126 LEU A N   1 
ATOM   152  C  CA  . LEU A 1 34  ? -5.994  8.750   -5.165  1.00 13.82 ? 126 LEU A CA  1 
ATOM   153  C  C   . LEU A 1 34  ? -5.760  7.906   -3.922  1.00 13.26 ? 126 LEU A C   1 
ATOM   154  O  O   . LEU A 1 34  ? -6.602  7.851   -3.014  1.00 13.77 ? 126 LEU A O   1 
ATOM   155  C  CB  . LEU A 1 34  ? -6.058  10.215  -4.741  1.00 13.57 ? 126 LEU A CB  1 
ATOM   156  C  CG  . LEU A 1 34  ? -5.831  11.335  -5.767  1.00 16.38 ? 126 LEU A CG  1 
ATOM   157  C  CD1 . LEU A 1 34  ? -6.687  11.176  -7.010  1.00 17.53 ? 126 LEU A CD1 1 
ATOM   158  C  CD2 . LEU A 1 34  ? -6.052  12.699  -5.101  1.00 16.44 ? 126 LEU A CD2 1 
ATOM   159  N  N   . VAL A 1 35  ? -4.593  7.282   -3.884  1.00 13.27 ? 127 VAL A N   1 
ATOM   160  C  CA  . VAL A 1 35  ? -4.212  6.383   -2.815  1.00 12.18 ? 127 VAL A CA  1 
ATOM   161  C  C   . VAL A 1 35  ? -3.013  7.007   -2.107  1.00 12.84 ? 127 VAL A C   1 
ATOM   162  O  O   . VAL A 1 35  ? -1.941  7.168   -2.701  1.00 12.86 ? 127 VAL A O   1 
ATOM   163  C  CB  . VAL A 1 35  ? -3.856  4.974   -3.346  1.00 12.28 ? 127 VAL A CB  1 
ATOM   164  C  CG1 . VAL A 1 35  ? -3.419  4.045   -2.188  1.00 11.29 ? 127 VAL A CG1 1 
ATOM   165  C  CG2 . VAL A 1 35  ? -5.033  4.367   -4.141  1.00 12.45 ? 127 VAL A CG2 1 
ATOM   166  N  N   . GLY A 1 36  ? -3.214  7.362   -0.841  1.00 12.56 ? 128 GLY A N   1 
ATOM   167  C  CA  . GLY A 1 36  ? -2.146  7.914   -0.003  1.00 13.48 ? 128 GLY A CA  1 
ATOM   168  C  C   . GLY A 1 36  ? -1.572  6.811   0.869   1.00 13.43 ? 128 GLY A C   1 
ATOM   169  O  O   . GLY A 1 36  ? -2.319  6.086   1.506   1.00 14.31 ? 128 GLY A O   1 
ATOM   170  N  N   . ILE A 1 37  ? -0.249  6.658   0.844   1.00 13.47 ? 129 ILE A N   1 
ATOM   171  C  CA  . ILE A 1 37  ? 0.458   5.739   1.723   1.00 13.19 ? 129 ILE A CA  1 
ATOM   172  C  C   . ILE A 1 37  ? 1.052   6.621   2.825   1.00 13.25 ? 129 ILE A C   1 
ATOM   173  O  O   . ILE A 1 37  ? 2.005   7.360   2.592   1.00 14.26 ? 129 ILE A O   1 
ATOM   174  C  CB  . ILE A 1 37  ? 1.562   4.959   0.951   1.00 12.66 ? 129 ILE A CB  1 
ATOM   175  C  CG1 . ILE A 1 37  ? 0.989   4.279   -0.309  1.00 14.30 ? 129 ILE A CG1 1 
ATOM   176  C  CG2 . ILE A 1 37  ? 2.250   3.922   1.847   1.00 12.77 ? 129 ILE A CG2 1 
ATOM   177  C  CD1 . ILE A 1 37  ? -0.207  3.355   -0.073  1.00 11.20 ? 129 ILE A CD1 1 
ATOM   178  N  N   . LEU A 1 38  ? 0.442   6.594   4.002   1.00 13.55 ? 130 LEU A N   1 
ATOM   179  C  CA  . LEU A 1 38  ? 0.815   7.538   5.052   1.00 14.13 ? 130 LEU A CA  1 
ATOM   180  C  C   . LEU A 1 38  ? 1.980   7.062   5.908   1.00 13.82 ? 130 LEU A C   1 
ATOM   181  O  O   . LEU A 1 38  ? 3.001   7.751   6.010   1.00 13.42 ? 130 LEU A O   1 
ATOM   182  C  CB  . LEU A 1 38  ? -0.393  7.896   5.923   1.00 14.39 ? 130 LEU A CB  1 
ATOM   183  C  CG  . LEU A 1 38  ? -1.410  8.909   5.360   1.00 16.34 ? 130 LEU A CG  1 
ATOM   184  C  CD1 . LEU A 1 38  ? -1.798  8.642   3.945   1.00 20.03 ? 130 LEU A CD1 1 
ATOM   185  C  CD2 . LEU A 1 38  ? -2.651  8.878   6.220   1.00 18.02 ? 130 LEU A CD2 1 
ATOM   186  N  N   . GLN A 1 39  ? 1.821   5.906   6.536   1.00 13.69 ? 131 GLN A N   1 
ATOM   187  C  CA  . GLN A 1 39  ? 2.882   5.354   7.393   1.00 13.81 ? 131 GLN A CA  1 
ATOM   188  C  C   . GLN A 1 39  ? 2.594   3.888   7.674   1.00 14.33 ? 131 GLN A C   1 
ATOM   189  O  O   . GLN A 1 39  ? 1.518   3.402   7.364   1.00 15.14 ? 131 GLN A O   1 
ATOM   190  C  CB  . GLN A 1 39  ? 2.956   6.117   8.732   1.00 13.57 ? 131 GLN A CB  1 
ATOM   191  C  CG  . GLN A 1 39  ? 1.646   6.069   9.556   1.00 14.77 ? 131 GLN A CG  1 
ATOM   192  C  CD  . GLN A 1 39  ? 1.752   6.818   10.877  1.00 16.43 ? 131 GLN A CD  1 
ATOM   193  O  OE1 . GLN A 1 39  ? 2.780   6.756   11.554  1.00 18.99 ? 131 GLN A OE1 1 
ATOM   194  N  NE2 . GLN A 1 39  ? 0.687   7.525   11.250  1.00 14.86 ? 131 GLN A NE2 1 
ATOM   195  N  N   . ALA A 1 40  ? 3.553   3.190   8.275   1.00 13.89 ? 132 ALA A N   1 
ATOM   196  C  CA  . ALA A 1 40  ? 3.308   1.851   8.774   1.00 14.10 ? 132 ALA A CA  1 
ATOM   197  C  C   . ALA A 1 40  ? 3.772   1.775   10.214  1.00 14.04 ? 132 ALA A C   1 
ATOM   198  O  O   . ALA A 1 40  ? 4.570   2.614   10.655  1.00 14.49 ? 132 ALA A O   1 
ATOM   199  C  CB  . ALA A 1 40  ? 4.052   0.805   7.900   1.00 13.66 ? 132 ALA A CB  1 
ATOM   200  N  N   . MET A 1 41  ? 3.278   0.783   10.950  1.00 14.41 ? 133 MET A N   1 
ATOM   201  C  CA  . MET A 1 41  ? 3.649   0.617   12.360  1.00 14.82 ? 133 MET A CA  1 
ATOM   202  C  C   . MET A 1 41  ? 3.849   -0.851  12.701  1.00 14.38 ? 133 MET A C   1 
ATOM   203  O  O   . MET A 1 41  ? 3.100   -1.700  12.235  1.00 14.47 ? 133 MET A O   1 
ATOM   204  C  CB  . MET A 1 41  ? 2.541   1.198   13.247  1.00 15.29 ? 133 MET A CB  1 
ATOM   205  C  CG  . MET A 1 41  ? 2.786   1.043   14.745  1.00 18.44 ? 133 MET A CG  1 
ATOM   206  S  SD  . MET A 1 41  ? 1.331   1.478   15.718  1.00 22.78 ? 133 MET A SD  1 
ATOM   207  C  CE  . MET A 1 41  ? 1.063   3.176   15.185  1.00 23.12 ? 133 MET A CE  1 
ATOM   208  N  N   . GLY A 1 42  ? 4.839   -1.144  13.542  1.00 14.72 ? 134 GLY A N   1 
ATOM   209  C  CA  . GLY A 1 42  ? 5.059   -2.512  14.032  1.00 14.84 ? 134 GLY A CA  1 
ATOM   210  C  C   . GLY A 1 42  ? 5.309   -3.534  12.943  1.00 14.84 ? 134 GLY A C   1 
ATOM   211  O  O   . GLY A 1 42  ? 4.880   -4.709  13.057  1.00 15.27 ? 134 GLY A O   1 
ATOM   212  N  N   . LEU A 1 43  ? 6.000   -3.111  11.880  1.00 14.63 ? 135 LEU A N   1 
ATOM   213  C  CA  . LEU A 1 43  ? 6.323   -4.022  10.767  1.00 14.36 ? 135 LEU A CA  1 
ATOM   214  C  C   . LEU A 1 43  ? 7.195   -5.161  11.240  1.00 14.40 ? 135 LEU A C   1 
ATOM   215  O  O   . LEU A 1 43  ? 8.006   -4.985  12.151  1.00 13.79 ? 135 LEU A O   1 
ATOM   216  C  CB  . LEU A 1 43  ? 7.036   -3.295  9.613   1.00 14.35 ? 135 LEU A CB  1 
ATOM   217  C  CG  . LEU A 1 43  ? 6.215   -2.261  8.836   1.00 14.22 ? 135 LEU A CG  1 
ATOM   218  C  CD1 . LEU A 1 43  ? 7.055   -1.594  7.783   1.00 14.72 ? 135 LEU A CD1 1 
ATOM   219  C  CD2 . LEU A 1 43  ? 4.970   -2.895  8.184   1.00 14.70 ? 135 LEU A CD2 1 
ATOM   220  N  N   . ALA A 1 44  ? 7.019   -6.329  10.628  1.00 14.53 ? 136 ALA A N   1 
ATOM   221  C  CA  . ALA A 1 44  ? 7.948   -7.435  10.830  1.00 14.88 ? 136 ALA A CA  1 
ATOM   222  C  C   . ALA A 1 44  ? 9.355   -7.058  10.348  1.00 15.01 ? 136 ALA A C   1 
ATOM   223  O  O   . ALA A 1 44  ? 9.524   -6.291  9.384   1.00 15.73 ? 136 ALA A O   1 
ATOM   224  C  CB  . ALA A 1 44  ? 7.459   -8.683  10.109  1.00 14.40 ? 136 ALA A CB  1 
ATOM   225  N  N   . ALA A 1 45  ? 10.354  -7.604  11.025  1.00 15.18 ? 137 ALA A N   1 
ATOM   226  C  CA  . ALA A 1 45  ? 11.753  -7.412  10.670  1.00 15.93 ? 137 ALA A CA  1 
ATOM   227  C  C   . ALA A 1 45  ? 12.179  -8.492  9.691   1.00 16.00 ? 137 ALA A C   1 
ATOM   228  O  O   . ALA A 1 45  ? 12.147  -9.688  10.019  1.00 16.21 ? 137 ALA A O   1 
ATOM   229  C  CB  . ALA A 1 45  ? 12.630  -7.470  11.930  1.00 16.33 ? 137 ALA A CB  1 
ATOM   230  N  N   . LEU A 1 46  ? 12.560  -8.078  8.486   1.00 15.67 ? 138 LEU A N   1 
ATOM   231  C  CA  . LEU A 1 46  ? 12.984  -9.034  7.456   1.00 15.65 ? 138 LEU A CA  1 
ATOM   232  C  C   . LEU A 1 46  ? 14.489  -9.028  7.233   1.00 15.37 ? 138 LEU A C   1 
ATOM   233  O  O   . LEU A 1 46  ? 14.983  -9.585  6.254   1.00 15.83 ? 138 LEU A O   1 
ATOM   234  C  CB  . LEU A 1 46  ? 12.218  -8.822  6.146   1.00 16.11 ? 138 LEU A CB  1 
ATOM   235  C  CG  . LEU A 1 46  ? 10.882  -9.560  6.016   1.00 14.98 ? 138 LEU A CG  1 
ATOM   236  C  CD1 . LEU A 1 46  ? 11.123  -11.076 5.997   1.00 17.96 ? 138 LEU A CD1 1 
ATOM   237  C  CD2 . LEU A 1 46  ? 9.901   -9.166  7.136   1.00 13.69 ? 138 LEU A CD2 1 
ATOM   238  N  N   . ASP A 1 47  ? 15.216  -8.390  8.147   1.00 15.60 ? 139 ASP A N   1 
ATOM   239  C  CA  . ASP A 1 47  ? 16.686  -8.481  8.166   1.00 15.16 ? 139 ASP A CA  1 
ATOM   240  C  C   . ASP A 1 47  ? 17.055  -9.184  9.440   1.00 15.51 ? 139 ASP A C   1 
ATOM   241  O  O   . ASP A 1 47  ? 16.397  -8.985  10.471  1.00 16.09 ? 139 ASP A O   1 
ATOM   242  C  CB  . ASP A 1 47  ? 17.343  -7.101  8.183   1.00 15.06 ? 139 ASP A CB  1 
ATOM   243  C  CG  . ASP A 1 47  ? 17.151  -6.343  6.887   1.00 15.31 ? 139 ASP A CG  1 
ATOM   244  O  OD1 . ASP A 1 47  ? 16.932  -6.971  5.818   1.00 12.79 ? 139 ASP A OD1 1 
ATOM   245  O  OD2 . ASP A 1 47  ? 17.217  -5.101  6.927   1.00 16.97 ? 139 ASP A OD2 1 
ATOM   246  N  N   . LEU A 1 48  ? 18.098  -10.001 9.384   1.00 15.49 ? 140 LEU A N   1 
ATOM   247  C  CA  . LEU A 1 48  ? 18.546  -10.716 10.584  1.00 15.85 ? 140 LEU A CA  1 
ATOM   248  C  C   . LEU A 1 48  ? 18.864  -9.804  11.768  1.00 15.14 ? 140 LEU A C   1 
ATOM   249  O  O   . LEU A 1 48  ? 18.713  -10.216 12.921  1.00 15.64 ? 140 LEU A O   1 
ATOM   250  C  CB  . LEU A 1 48  ? 19.745  -11.593 10.263  1.00 16.15 ? 140 LEU A CB  1 
ATOM   251  C  CG  . LEU A 1 48  ? 19.345  -12.790 9.419   1.00 17.40 ? 140 LEU A CG  1 
ATOM   252  C  CD1 . LEU A 1 48  ? 20.599  -13.541 9.015   1.00 21.51 ? 140 LEU A CD1 1 
ATOM   253  C  CD2 . LEU A 1 48  ? 18.350  -13.681 10.194  1.00 18.98 ? 140 LEU A CD2 1 
ATOM   254  N  N   . GLY A 1 49  ? 19.279  -8.570  11.497  1.00 14.31 ? 141 GLY A N   1 
ATOM   255  C  CA  . GLY A 1 49  ? 19.615  -7.624  12.573  1.00 13.55 ? 141 GLY A CA  1 
ATOM   256  C  C   . GLY A 1 49  ? 18.419  -7.054  13.334  1.00 14.33 ? 141 GLY A C   1 
ATOM   257  O  O   . GLY A 1 49  ? 18.594  -6.270  14.269  1.00 14.63 ? 141 GLY A O   1 
ATOM   258  N  N   . GLY A 1 50  ? 17.208  -7.439  12.932  1.00 14.25 ? 142 GLY A N   1 
ATOM   259  C  CA  . GLY A 1 50  ? 15.990  -7.109  13.687  1.00 14.30 ? 142 GLY A CA  1 
ATOM   260  C  C   . GLY A 1 50  ? 15.249  -5.879  13.182  1.00 14.84 ? 142 GLY A C   1 
ATOM   261  O  O   . GLY A 1 50  ? 14.395  -5.330  13.891  1.00 15.45 ? 142 GLY A O   1 
ATOM   262  N  N   . SER A 1 51  ? 15.546  -5.459  11.953  1.00 13.78 ? 143 SER A N   1 
ATOM   263  C  CA  . SER A 1 51  ? 14.839  -4.327  11.340  1.00 14.21 ? 143 SER A CA  1 
ATOM   264  C  C   . SER A 1 51  ? 14.457  -4.667  9.897   1.00 14.08 ? 143 SER A C   1 
ATOM   265  O  O   . SER A 1 51  ? 14.589  -5.828  9.463   1.00 14.22 ? 143 SER A O   1 
ATOM   266  C  CB  . SER A 1 51  ? 15.699  -3.042  11.424  1.00 14.27 ? 143 SER A CB  1 
ATOM   267  O  OG  . SER A 1 51  ? 14.925  -1.864  11.191  1.00 16.63 ? 143 SER A OG  1 
ATOM   268  N  N   . SER A 1 52  ? 13.964  -3.656  9.176   1.00 13.89 ? 144 SER A N   1 
ATOM   269  C  CA  . SER A 1 52  ? 13.603  -3.756  7.760   1.00 14.12 ? 144 SER A CA  1 
ATOM   270  C  C   . SER A 1 52  ? 13.889  -2.411  7.124   1.00 14.07 ? 144 SER A C   1 
ATOM   271  O  O   . SER A 1 52  ? 14.025  -1.403  7.828   1.00 13.84 ? 144 SER A O   1 
ATOM   272  C  CB  . SER A 1 52  ? 12.093  -4.044  7.596   1.00 13.15 ? 144 SER A CB  1 
ATOM   273  O  OG  . SER A 1 52  ? 11.771  -5.372  7.954   1.00 13.11 ? 144 SER A OG  1 
ATOM   274  N  N   . ASP A 1 53  ? 13.931  -2.383  5.795   1.00 13.97 ? 145 ASP A N   1 
ATOM   275  C  CA  . ASP A 1 53  ? 14.015  -1.116  5.053   1.00 13.96 ? 145 ASP A CA  1 
ATOM   276  C  C   . ASP A 1 53  ? 12.773  -0.972  4.160   1.00 13.61 ? 145 ASP A C   1 
ATOM   277  O  O   . ASP A 1 53  ? 12.811  -1.332  2.982   1.00 14.03 ? 145 ASP A O   1 
ATOM   278  C  CB  . ASP A 1 53  ? 15.281  -1.094  4.207   1.00 13.73 ? 145 ASP A CB  1 
ATOM   279  C  CG  . ASP A 1 53  ? 16.516  -1.363  5.035   1.00 15.59 ? 145 ASP A CG  1 
ATOM   280  O  OD1 . ASP A 1 53  ? 17.047  -0.411  5.635   1.00 15.46 ? 145 ASP A OD1 1 
ATOM   281  O  OD2 . ASP A 1 53  ? 16.892  -2.540  5.134   1.00 16.04 ? 145 ASP A OD2 1 
ATOM   282  N  N   . PRO A 1 54  ? 11.670  -0.452  4.726   1.00 13.40 ? 146 PRO A N   1 
ATOM   283  C  CA  . PRO A 1 54  ? 10.378  -0.629  4.075   1.00 13.17 ? 146 PRO A CA  1 
ATOM   284  C  C   . PRO A 1 54  ? 10.111  0.287   2.890   1.00 13.31 ? 146 PRO A C   1 
ATOM   285  O  O   . PRO A 1 54  ? 10.535  1.450   2.878   1.00 13.19 ? 146 PRO A O   1 
ATOM   286  C  CB  . PRO A 1 54  ? 9.364   -0.348  5.192   1.00 12.91 ? 146 PRO A CB  1 
ATOM   287  C  CG  . PRO A 1 54  ? 10.136  -0.253  6.436   1.00 14.11 ? 146 PRO A CG  1 
ATOM   288  C  CD  . PRO A 1 54  ? 11.527  0.100   6.081   1.00 13.95 ? 146 PRO A CD  1 
ATOM   289  N  N   . TYR A 1 55  ? 9.417   -0.265  1.893   1.00 13.25 ? 147 TYR A N   1 
ATOM   290  C  CA  . TYR A 1 55  ? 8.805   0.516   0.828   1.00 13.23 ? 147 TYR A CA  1 
ATOM   291  C  C   . TYR A 1 55  ? 7.497   -0.198  0.473   1.00 13.54 ? 147 TYR A C   1 
ATOM   292  O  O   . TYR A 1 55  ? 7.312   -1.386  0.805   1.00 12.21 ? 147 TYR A O   1 
ATOM   293  C  CB  . TYR A 1 55  ? 9.743   0.703   -0.394  1.00 13.62 ? 147 TYR A CB  1 
ATOM   294  C  CG  . TYR A 1 55  ? 10.055  -0.557  -1.170  1.00 14.38 ? 147 TYR A CG  1 
ATOM   295  C  CD1 . TYR A 1 55  ? 9.375   -0.866  -2.351  1.00 15.35 ? 147 TYR A CD1 1 
ATOM   296  C  CD2 . TYR A 1 55  ? 11.027  -1.458  -0.707  1.00 14.69 ? 147 TYR A CD2 1 
ATOM   297  C  CE1 . TYR A 1 55  ? 9.649   -2.037  -3.056  1.00 17.29 ? 147 TYR A CE1 1 
ATOM   298  C  CE2 . TYR A 1 55  ? 11.314  -2.612  -1.401  1.00 15.83 ? 147 TYR A CE2 1 
ATOM   299  C  CZ  . TYR A 1 55  ? 10.621  -2.904  -2.574  1.00 17.39 ? 147 TYR A CZ  1 
ATOM   300  O  OH  . TYR A 1 55  ? 10.905  -4.072  -3.243  1.00 17.25 ? 147 TYR A OH  1 
ATOM   301  N  N   . VAL A 1 56  ? 6.585   0.534   -0.166  1.00 13.41 ? 148 VAL A N   1 
ATOM   302  C  CA  . VAL A 1 56  ? 5.296   -0.033  -0.545  1.00 13.33 ? 148 VAL A CA  1 
ATOM   303  C  C   . VAL A 1 56  ? 5.137   -0.002  -2.057  1.00 13.66 ? 148 VAL A C   1 
ATOM   304  O  O   . VAL A 1 56  ? 5.301   1.050   -2.675  1.00 13.46 ? 148 VAL A O   1 
ATOM   305  C  CB  . VAL A 1 56  ? 4.111   0.702   0.154   1.00 13.45 ? 148 VAL A CB  1 
ATOM   306  C  CG1 . VAL A 1 56  ? 2.808   -0.087  -0.004  1.00 13.00 ? 148 VAL A CG1 1 
ATOM   307  C  CG2 . VAL A 1 56  ? 4.399   0.927   1.649   1.00 11.54 ? 148 VAL A CG2 1 
ATOM   308  N  N   . ARG A 1 57  ? 4.838   -1.165  -2.643  1.00 14.20 ? 149 ARG A N   1 
ATOM   309  C  CA  . ARG A 1 57  ? 4.382   -1.239  -4.029  1.00 14.83 ? 149 ARG A CA  1 
ATOM   310  C  C   . ARG A 1 57  ? 2.853   -1.218  -4.070  1.00 15.22 ? 149 ARG A C   1 
ATOM   311  O  O   . ARG A 1 57  ? 2.192   -1.956  -3.333  1.00 15.75 ? 149 ARG A O   1 
ATOM   312  C  CB  . ARG A 1 57  ? 4.904   -2.507  -4.709  1.00 16.20 ? 149 ARG A CB  1 
ATOM   313  C  CG  . ARG A 1 57  ? 4.422   -2.647  -6.165  1.00 18.89 ? 149 ARG A CG  1 
ATOM   314  C  CD  . ARG A 1 57  ? 4.849   -3.978  -6.765  1.00 25.37 ? 149 ARG A CD  1 
ATOM   315  N  NE  . ARG A 1 57  ? 6.261   -4.255  -6.511  1.00 30.88 ? 149 ARG A NE  1 
ATOM   316  C  CZ  . ARG A 1 57  ? 6.927   -5.277  -7.039  1.00 36.02 ? 149 ARG A CZ  1 
ATOM   317  N  NH1 . ARG A 1 57  ? 6.317   -6.117  -7.878  1.00 36.08 ? 149 ARG A NH1 1 
ATOM   318  N  NH2 . ARG A 1 57  ? 8.209   -5.458  -6.737  1.00 37.48 ? 149 ARG A NH2 1 
ATOM   319  N  N   . VAL A 1 58  ? 2.302   -0.364  -4.926  1.00 14.27 ? 150 VAL A N   1 
ATOM   320  C  CA  . VAL A 1 58  ? 0.871   -0.067  -4.925  1.00 13.74 ? 150 VAL A CA  1 
ATOM   321  C  C   . VAL A 1 58  ? 0.352   -0.285  -6.346  1.00 14.06 ? 150 VAL A C   1 
ATOM   322  O  O   . VAL A 1 58  ? 0.923   0.234   -7.306  1.00 13.82 ? 150 VAL A O   1 
ATOM   323  C  CB  . VAL A 1 58  ? 0.581   1.409   -4.477  1.00 14.16 ? 150 VAL A CB  1 
ATOM   324  C  CG1 . VAL A 1 58  ? -0.931  1.673   -4.335  1.00 13.33 ? 150 VAL A CG1 1 
ATOM   325  C  CG2 . VAL A 1 58  ? 1.302   1.744   -3.151  1.00 11.53 ? 150 VAL A CG2 1 
ATOM   326  N  N   . TYR A 1 59  ? -0.714  -1.068  -6.466  1.00 14.22 ? 151 TYR A N   1 
ATOM   327  C  CA  . TYR A 1 59  ? -1.356  -1.315  -7.760  1.00 13.78 ? 151 TYR A CA  1 
ATOM   328  C  C   . TYR A 1 59  ? -2.829  -1.656  -7.557  1.00 13.18 ? 151 TYR A C   1 
ATOM   329  O  O   . TYR A 1 59  ? -3.244  -2.105  -6.486  1.00 12.62 ? 151 TYR A O   1 
ATOM   330  C  CB  . TYR A 1 59  ? -0.611  -2.397  -8.583  1.00 14.39 ? 151 TYR A CB  1 
ATOM   331  C  CG  . TYR A 1 59  ? -0.421  -3.737  -7.894  1.00 16.28 ? 151 TYR A CG  1 
ATOM   332  C  CD1 . TYR A 1 59  ? -1.270  -4.801  -8.171  1.00 17.84 ? 151 TYR A CD1 1 
ATOM   333  C  CD2 . TYR A 1 59  ? 0.631   -3.951  -6.993  1.00 19.13 ? 151 TYR A CD2 1 
ATOM   334  C  CE1 . TYR A 1 59  ? -1.103  -6.036  -7.573  1.00 19.81 ? 151 TYR A CE1 1 
ATOM   335  C  CE2 . TYR A 1 59  ? 0.803   -5.188  -6.370  1.00 20.88 ? 151 TYR A CE2 1 
ATOM   336  C  CZ  . TYR A 1 59  ? -0.073  -6.227  -6.678  1.00 22.12 ? 151 TYR A CZ  1 
ATOM   337  O  OH  . TYR A 1 59  ? 0.058   -7.462  -6.099  1.00 24.73 ? 151 TYR A OH  1 
ATOM   338  N  N   . LEU A 1 60  ? -3.627  -1.404  -8.582  1.00 12.58 ? 152 LEU A N   1 
ATOM   339  C  CA  . LEU A 1 60  ? -5.059  -1.582  -8.470  1.00 13.26 ? 152 LEU A CA  1 
ATOM   340  C  C   . LEU A 1 60  ? -5.476  -2.760  -9.365  1.00 14.22 ? 152 LEU A C   1 
ATOM   341  O  O   . LEU A 1 60  ? -5.677  -2.596  -10.574 1.00 15.22 ? 152 LEU A O   1 
ATOM   342  C  CB  . LEU A 1 60  ? -5.781  -0.279  -8.875  1.00 13.08 ? 152 LEU A CB  1 
ATOM   343  C  CG  . LEU A 1 60  ? -7.294  -0.230  -8.644  1.00 12.47 ? 152 LEU A CG  1 
ATOM   344  C  CD1 . LEU A 1 60  ? -7.610  -0.359  -7.148  1.00 11.26 ? 152 LEU A CD1 1 
ATOM   345  C  CD2 . LEU A 1 60  ? -7.899  1.054   -9.252  1.00 11.34 ? 152 LEU A CD2 1 
ATOM   346  N  N   . LEU A 1 61  ? -5.565  -3.945  -8.772  1.00 14.46 ? 153 LEU A N   1 
ATOM   347  C  CA  . LEU A 1 61  ? -5.941  -5.147  -9.513  1.00 14.95 ? 153 LEU A CA  1 
ATOM   348  C  C   . LEU A 1 61  ? -7.292  -4.915  -10.205 1.00 15.86 ? 153 LEU A C   1 
ATOM   349  O  O   . LEU A 1 61  ? -8.145  -4.228  -9.661  1.00 15.64 ? 153 LEU A O   1 
ATOM   350  C  CB  . LEU A 1 61  ? -6.018  -6.350  -8.569  1.00 14.97 ? 153 LEU A CB  1 
ATOM   351  C  CG  . LEU A 1 61  ? -4.669  -6.925  -8.142  1.00 14.03 ? 153 LEU A CG  1 
ATOM   352  C  CD1 . LEU A 1 61  ? -4.866  -8.008  -7.070  1.00 14.80 ? 153 LEU A CD1 1 
ATOM   353  C  CD2 . LEU A 1 61  ? -3.918  -7.483  -9.343  1.00 15.26 ? 153 LEU A CD2 1 
ATOM   354  N  N   . PRO A 1 62  ? -7.487  -5.499  -11.400 1.00 16.16 ? 154 PRO A N   1 
ATOM   355  C  CA  . PRO A 1 62  ? -6.582  -6.453  -12.049 1.00 16.43 ? 154 PRO A CA  1 
ATOM   356  C  C   . PRO A 1 62  ? -5.508  -5.856  -12.988 1.00 16.33 ? 154 PRO A C   1 
ATOM   357  O  O   . PRO A 1 62  ? -4.911  -6.595  -13.772 1.00 17.35 ? 154 PRO A O   1 
ATOM   358  C  CB  . PRO A 1 62  ? -7.555  -7.344  -12.832 1.00 16.56 ? 154 PRO A CB  1 
ATOM   359  C  CG  . PRO A 1 62  ? -8.599  -6.373  -13.292 1.00 16.85 ? 154 PRO A CG  1 
ATOM   360  C  CD  . PRO A 1 62  ? -8.787  -5.417  -12.100 1.00 16.49 ? 154 PRO A CD  1 
ATOM   361  N  N   . ASP A 1 63  ? -5.272  -4.547  -12.914 1.00 16.31 ? 155 ASP A N   1 
ATOM   362  C  CA  . ASP A 1 63  ? -4.195  -3.904  -13.663 1.00 16.60 ? 155 ASP A CA  1 
ATOM   363  C  C   . ASP A 1 63  ? -2.872  -4.111  -12.927 1.00 16.75 ? 155 ASP A C   1 
ATOM   364  O  O   . ASP A 1 63  ? -2.594  -3.440  -11.934 1.00 16.96 ? 155 ASP A O   1 
ATOM   365  C  CB  . ASP A 1 63  ? -4.483  -2.401  -13.838 1.00 16.15 ? 155 ASP A CB  1 
ATOM   366  C  CG  . ASP A 1 63  ? -3.461  -1.691  -14.728 1.00 16.95 ? 155 ASP A CG  1 
ATOM   367  O  OD1 . ASP A 1 63  ? -2.365  -2.246  -14.983 1.00 17.08 ? 155 ASP A OD1 1 
ATOM   368  O  OD2 . ASP A 1 63  ? -3.761  -0.565  -15.183 1.00 16.16 ? 155 ASP A OD2 1 
ATOM   369  N  N   . LYS A 1 64  ? -2.061  -5.029  -13.439 1.00 17.46 ? 156 LYS A N   1 
ATOM   370  C  CA  . LYS A 1 64  ? -0.753  -5.343  -12.858 1.00 18.52 ? 156 LYS A CA  1 
ATOM   371  C  C   . LYS A 1 64  ? 0.386   -4.552  -13.509 1.00 19.01 ? 156 LYS A C   1 
ATOM   372  O  O   . LYS A 1 64  ? 1.544   -4.657  -13.097 1.00 19.42 ? 156 LYS A O   1 
ATOM   373  C  CB  . LYS A 1 64  ? -0.501  -6.852  -12.947 1.00 19.11 ? 156 LYS A CB  1 
ATOM   374  C  CG  . LYS A 1 64  ? -1.394  -7.657  -12.027 1.00 19.88 ? 156 LYS A CG  1 
ATOM   375  C  CD  . LYS A 1 64  ? -1.330  -9.157  -12.338 1.00 25.17 ? 156 LYS A CD  1 
ATOM   376  C  CE  . LYS A 1 64  ? -2.538  -9.894  -11.763 1.00 28.05 ? 156 LYS A CE  1 
ATOM   377  N  NZ  . LYS A 1 64  ? -2.362  -11.383 -11.815 1.00 30.80 ? 156 LYS A NZ  1 
ATOM   378  N  N   . ARG A 1 65  ? 0.053   -3.765  -14.529 1.00 19.03 ? 157 ARG A N   1 
ATOM   379  C  CA  . ARG A 1 65  ? 1.049   -2.989  -15.264 1.00 19.96 ? 157 ARG A CA  1 
ATOM   380  C  C   . ARG A 1 65  ? 1.324   -1.631  -14.624 1.00 20.43 ? 157 ARG A C   1 
ATOM   381  O  O   . ARG A 1 65  ? 2.478   -1.178  -14.583 1.00 21.20 ? 157 ARG A O   1 
ATOM   382  C  CB  . ARG A 1 65  ? 0.623   -2.774  -16.711 1.00 19.54 ? 157 ARG A CB  1 
ATOM   383  C  CG  . ARG A 1 65  ? 0.496   -4.028  -17.519 1.00 21.95 ? 157 ARG A CG  1 
ATOM   384  C  CD  . ARG A 1 65  ? 0.609   -3.736  -18.987 1.00 24.84 ? 157 ARG A CD  1 
ATOM   385  N  NE  . ARG A 1 65  ? -0.320  -2.704  -19.419 1.00 26.12 ? 157 ARG A NE  1 
ATOM   386  C  CZ  . ARG A 1 65  ? -0.605  -2.437  -20.689 1.00 28.95 ? 157 ARG A CZ  1 
ATOM   387  N  NH1 . ARG A 1 65  ? -0.027  -3.131  -21.670 1.00 28.11 ? 157 ARG A NH1 1 
ATOM   388  N  NH2 . ARG A 1 65  ? -1.486  -1.481  -20.978 1.00 28.56 ? 157 ARG A NH2 1 
ATOM   389  N  N   . ARG A 1 66  ? 0.265   -0.978  -14.154 1.00 19.88 ? 158 ARG A N   1 
ATOM   390  C  CA  . ARG A 1 66  ? 0.397   0.323   -13.529 1.00 20.65 ? 158 ARG A CA  1 
ATOM   391  C  C   . ARG A 1 66  ? 0.665   0.106   -12.056 1.00 20.17 ? 158 ARG A C   1 
ATOM   392  O  O   . ARG A 1 66  ? -0.260  -0.077  -11.271 1.00 19.72 ? 158 ARG A O   1 
ATOM   393  C  CB  . ARG A 1 66  ? -0.853  1.173   -13.753 1.00 20.35 ? 158 ARG A CB  1 
ATOM   394  C  CG  . ARG A 1 66  ? -0.974  1.642   -15.194 1.00 25.06 ? 158 ARG A CG  1 
ATOM   395  C  CD  . ARG A 1 66  ? -2.206  2.484   -15.418 1.00 30.65 ? 158 ARG A CD  1 
ATOM   396  N  NE  . ARG A 1 66  ? -2.524  2.560   -16.846 1.00 36.20 ? 158 ARG A NE  1 
ATOM   397  C  CZ  . ARG A 1 66  ? -3.564  3.211   -17.370 1.00 37.61 ? 158 ARG A CZ  1 
ATOM   398  N  NH1 . ARG A 1 66  ? -4.424  3.872   -16.595 1.00 37.14 ? 158 ARG A NH1 1 
ATOM   399  N  NH2 . ARG A 1 66  ? -3.743  3.200   -18.687 1.00 37.79 ? 158 ARG A NH2 1 
ATOM   400  N  N   . ARG A 1 67  ? 1.949   0.078   -11.711 1.00 20.35 ? 159 ARG A N   1 
ATOM   401  C  CA  . ARG A 1 67  ? 2.399   -0.140  -10.341 1.00 20.89 ? 159 ARG A CA  1 
ATOM   402  C  C   . ARG A 1 67  ? 3.366   0.979   -9.932  1.00 19.92 ? 159 ARG A C   1 
ATOM   403  O  O   . ARG A 1 67  ? 4.147   1.477   -10.763 1.00 19.69 ? 159 ARG A O   1 
ATOM   404  C  CB  . ARG A 1 67  ? 3.029   -1.531  -10.177 1.00 22.08 ? 159 ARG A CB  1 
ATOM   405  C  CG  . ARG A 1 67  ? 3.955   -1.995  -11.317 1.00 27.10 ? 159 ARG A CG  1 
ATOM   406  C  CD  . ARG A 1 67  ? 4.360   -3.479  -11.147 1.00 34.98 ? 159 ARG A CD  1 
ATOM   407  N  NE  . ARG A 1 67  ? 3.235   -4.316  -10.710 1.00 40.30 ? 159 ARG A NE  1 
ATOM   408  C  CZ  . ARG A 1 67  ? 3.315   -5.606  -10.376 1.00 43.12 ? 159 ARG A CZ  1 
ATOM   409  N  NH1 . ARG A 1 67  ? 4.482   -6.244  -10.423 1.00 44.20 ? 159 ARG A NH1 1 
ATOM   410  N  NH2 . ARG A 1 67  ? 2.219   -6.262  -9.985  1.00 43.59 ? 159 ARG A NH2 1 
ATOM   411  N  N   . TYR A 1 68  ? 3.275   1.407   -8.676  1.00 18.71 ? 160 TYR A N   1 
ATOM   412  C  CA  . TYR A 1 68  ? 4.100   2.512   -8.162  1.00 18.19 ? 160 TYR A CA  1 
ATOM   413  C  C   . TYR A 1 68  ? 4.740   2.064   -6.886  1.00 17.67 ? 160 TYR A C   1 
ATOM   414  O  O   . TYR A 1 68  ? 4.174   1.236   -6.181  1.00 17.91 ? 160 TYR A O   1 
ATOM   415  C  CB  . TYR A 1 68  ? 3.229   3.745   -7.897  1.00 17.85 ? 160 TYR A CB  1 
ATOM   416  C  CG  . TYR A 1 68  ? 2.432   4.099   -9.115  1.00 19.31 ? 160 TYR A CG  1 
ATOM   417  C  CD1 . TYR A 1 68  ? 1.081   3.758   -9.226  1.00 18.92 ? 160 TYR A CD1 1 
ATOM   418  C  CD2 . TYR A 1 68  ? 3.056   4.709   -10.199 1.00 21.79 ? 160 TYR A CD2 1 
ATOM   419  C  CE1 . TYR A 1 68  ? 0.368   4.054   -10.394 1.00 21.04 ? 160 TYR A CE1 1 
ATOM   420  C  CE2 . TYR A 1 68  ? 2.365   5.013   -11.349 1.00 23.14 ? 160 TYR A CE2 1 
ATOM   421  C  CZ  . TYR A 1 68  ? 1.023   4.685   -11.446 1.00 23.09 ? 160 TYR A CZ  1 
ATOM   422  O  OH  . TYR A 1 68  ? 0.375   4.994   -12.624 1.00 24.60 ? 160 TYR A OH  1 
ATOM   423  N  N   . GLU A 1 69  ? 5.917   2.606   -6.595  1.00 17.22 ? 161 GLU A N   1 
ATOM   424  C  CA  . GLU A 1 69  ? 6.662   2.235   -5.394  1.00 17.27 ? 161 GLU A CA  1 
ATOM   425  C  C   . GLU A 1 69  ? 7.107   3.470   -4.664  1.00 16.40 ? 161 GLU A C   1 
ATOM   426  O  O   . GLU A 1 69  ? 7.652   4.405   -5.277  1.00 16.00 ? 161 GLU A O   1 
ATOM   427  C  CB  . GLU A 1 69  ? 7.857   1.336   -5.724  1.00 17.80 ? 161 GLU A CB  1 
ATOM   428  C  CG  . GLU A 1 69  ? 7.398   -0.010  -6.243  1.00 21.54 ? 161 GLU A CG  1 
ATOM   429  C  CD  . GLU A 1 69  ? 8.511   -0.985  -6.493  1.00 25.22 ? 161 GLU A CD  1 
ATOM   430  O  OE1 . GLU A 1 69  ? 9.686   -0.558  -6.582  1.00 27.31 ? 161 GLU A OE1 1 
ATOM   431  O  OE2 . GLU A 1 69  ? 8.197   -2.190  -6.600  1.00 27.49 ? 161 GLU A OE2 1 
ATOM   432  N  N   . THR A 1 70  ? 6.839   3.478   -3.363  1.00 15.18 ? 162 THR A N   1 
ATOM   433  C  CA  . THR A 1 70  ? 7.330   4.521   -2.477  1.00 14.03 ? 162 THR A CA  1 
ATOM   434  C  C   . THR A 1 70  ? 8.851   4.463   -2.427  1.00 14.42 ? 162 THR A C   1 
ATOM   435  O  O   . THR A 1 70  ? 9.453   3.444   -2.789  1.00 13.35 ? 162 THR A O   1 
ATOM   436  C  CB  . THR A 1 70  ? 6.817   4.376   -1.012  1.00 14.27 ? 162 THR A CB  1 
ATOM   437  O  OG1 . THR A 1 70  ? 7.449   3.252   -0.367  1.00 12.89 ? 162 THR A OG1 1 
ATOM   438  C  CG2 . THR A 1 70  ? 5.276   4.264   -0.955  1.00 13.23 ? 162 THR A CG2 1 
ATOM   439  N  N   . LYS A 1 71  ? 9.449   5.564   -1.976  1.00 14.27 ? 163 LYS A N   1 
ATOM   440  C  CA  . LYS A 1 71  ? 10.823  5.578   -1.520  1.00 15.32 ? 163 LYS A CA  1 
ATOM   441  C  C   . LYS A 1 71  ? 11.036  4.507   -0.435  1.00 15.04 ? 163 LYS A C   1 
ATOM   442  O  O   . LYS A 1 71  ? 10.085  4.097   0.276   1.00 15.28 ? 163 LYS A O   1 
ATOM   443  C  CB  . LYS A 1 71  ? 11.180  6.954   -0.948  1.00 15.21 ? 163 LYS A CB  1 
ATOM   444  C  CG  . LYS A 1 71  ? 11.187  8.071   -1.983  1.00 19.02 ? 163 LYS A CG  1 
ATOM   445  C  CD  . LYS A 1 71  ? 11.731  9.374   -1.377  1.00 23.99 ? 163 LYS A CD  1 
ATOM   446  C  CE  . LYS A 1 71  ? 11.680  10.546  -2.371  1.00 24.71 ? 163 LYS A CE  1 
ATOM   447  N  NZ  . LYS A 1 71  ? 12.376  10.240  -3.677  1.00 24.79 ? 163 LYS A NZ  1 
ATOM   448  N  N   . VAL A 1 72  ? 12.287  4.070   -0.323  1.00 15.15 ? 164 VAL A N   1 
ATOM   449  C  CA  . VAL A 1 72  ? 12.718  3.158   0.727   1.00 15.44 ? 164 VAL A CA  1 
ATOM   450  C  C   . VAL A 1 72  ? 13.080  3.956   1.974   1.00 15.31 ? 164 VAL A C   1 
ATOM   451  O  O   . VAL A 1 72  ? 13.704  5.031   1.889   1.00 15.27 ? 164 VAL A O   1 
ATOM   452  C  CB  . VAL A 1 72  ? 13.963  2.337   0.273   1.00 15.79 ? 164 VAL A CB  1 
ATOM   453  C  CG1 . VAL A 1 72  ? 14.544  1.478   1.444   1.00 15.42 ? 164 VAL A CG1 1 
ATOM   454  C  CG2 . VAL A 1 72  ? 13.634  1.474   -0.971  1.00 16.48 ? 164 VAL A CG2 1 
ATOM   455  N  N   . HIS A 1 73  ? 12.711  3.423   3.135   1.00 14.94 ? 165 HIS A N   1 
ATOM   456  C  CA  . HIS A 1 73  ? 13.083  4.050   4.393   1.00 14.87 ? 165 HIS A CA  1 
ATOM   457  C  C   . HIS A 1 73  ? 14.031  3.159   5.153   1.00 14.91 ? 165 HIS A C   1 
ATOM   458  O  O   . HIS A 1 73  ? 13.777  1.959   5.281   1.00 14.64 ? 165 HIS A O   1 
ATOM   459  C  CB  . HIS A 1 73  ? 11.834  4.406   5.190   1.00 14.18 ? 165 HIS A CB  1 
ATOM   460  C  CG  . HIS A 1 73  ? 11.088  5.553   4.580   1.00 14.90 ? 165 HIS A CG  1 
ATOM   461  N  ND1 . HIS A 1 73  ? 10.306  5.408   3.453   1.00 14.39 ? 165 HIS A ND1 1 
ATOM   462  C  CD2 . HIS A 1 73  ? 11.111  6.878   4.852   1.00 13.09 ? 165 HIS A CD2 1 
ATOM   463  C  CE1 . HIS A 1 73  ? 9.840   6.591   3.084   1.00 11.98 ? 165 HIS A CE1 1 
ATOM   464  N  NE2 . HIS A 1 73  ? 10.306  7.499   3.923   1.00 15.94 ? 165 HIS A NE2 1 
ATOM   465  N  N   . ARG A 1 74  ? 15.134  3.750   5.618   1.00 14.49 ? 166 ARG A N   1 
ATOM   466  C  CA  . ARG A 1 74  ? 16.227  2.989   6.222   1.00 14.59 ? 166 ARG A CA  1 
ATOM   467  C  C   . ARG A 1 74  ? 15.962  2.448   7.623   1.00 14.27 ? 166 ARG A C   1 
ATOM   468  O  O   . ARG A 1 74  ? 15.640  3.210   8.533   1.00 14.81 ? 166 ARG A O   1 
ATOM   469  C  CB  . ARG A 1 74  ? 17.522  3.825   6.236   1.00 15.02 ? 166 ARG A CB  1 
ATOM   470  C  CG  . ARG A 1 74  ? 18.767  2.944   6.476   1.00 15.69 ? 166 ARG A CG  1 
ATOM   471  C  CD  . ARG A 1 74  ? 20.084  3.717   6.610   1.00 17.42 ? 166 ARG A CD  1 
ATOM   472  N  NE  . ARG A 1 74  ? 21.139  2.732   6.864   1.00 18.36 ? 166 ARG A NE  1 
ATOM   473  C  CZ  . ARG A 1 74  ? 21.499  2.295   8.067   1.00 17.55 ? 166 ARG A CZ  1 
ATOM   474  N  NH1 . ARG A 1 74  ? 22.441  1.364   8.155   1.00 18.11 ? 166 ARG A NH1 1 
ATOM   475  N  NH2 . ARG A 1 74  ? 20.928  2.772   9.176   1.00 18.05 ? 166 ARG A NH2 1 
ATOM   476  N  N   . GLN A 1 75  ? 16.125  1.126   7.787   1.00 14.29 ? 167 GLN A N   1 
ATOM   477  C  CA  . GLN A 1 75  ? 16.177  0.469   9.097   1.00 14.02 ? 167 GLN A CA  1 
ATOM   478  C  C   . GLN A 1 75  ? 15.144  1.000   10.097  1.00 14.19 ? 167 GLN A C   1 
ATOM   479  O  O   . GLN A 1 75  ? 15.490  1.565   11.150  1.00 13.19 ? 167 GLN A O   1 
ATOM   480  C  CB  . GLN A 1 75  ? 17.602  0.523   9.684   1.00 14.36 ? 167 GLN A CB  1 
ATOM   481  C  CG  . GLN A 1 75  ? 18.630  -0.308  8.875   1.00 13.60 ? 167 GLN A CG  1 
ATOM   482  C  CD  . GLN A 1 75  ? 18.383  -1.801  9.021   1.00 15.84 ? 167 GLN A CD  1 
ATOM   483  O  OE1 . GLN A 1 75  ? 18.632  -2.378  10.085  1.00 15.60 ? 167 GLN A OE1 1 
ATOM   484  N  NE2 . GLN A 1 75  ? 17.879  -2.436  7.961   1.00 13.71 ? 167 GLN A NE2 1 
ATOM   485  N  N   . THR A 1 76  ? 13.875  0.823   9.746   1.00 13.51 ? 168 THR A N   1 
ATOM   486  C  CA  . THR A 1 76  ? 12.787  1.232   10.615  1.00 14.24 ? 168 THR A CA  1 
ATOM   487  C  C   . THR A 1 76  ? 11.593  0.309   10.446  1.00 14.06 ? 168 THR A C   1 
ATOM   488  O  O   . THR A 1 76  ? 11.298  -0.137  9.336   1.00 14.64 ? 168 THR A O   1 
ATOM   489  C  CB  . THR A 1 76  ? 12.394  2.712   10.369  1.00 13.99 ? 168 THR A CB  1 
ATOM   490  O  OG1 . THR A 1 76  ? 11.304  3.043   11.214  1.00 16.40 ? 168 THR A OG1 1 
ATOM   491  C  CG2 . THR A 1 76  ? 12.041  2.972   8.862   1.00 14.15 ? 168 THR A CG2 1 
ATOM   492  N  N   . LEU A 1 77  ? 10.901  0.018   11.543  1.00 14.85 ? 169 LEU A N   1 
ATOM   493  C  CA  . LEU A 1 77  ? 9.673   -0.771  11.465  1.00 15.23 ? 169 LEU A CA  1 
ATOM   494  C  C   . LEU A 1 77  ? 8.438   0.127   11.580  1.00 15.44 ? 169 LEU A C   1 
ATOM   495  O  O   . LEU A 1 77  ? 7.299   -0.350  11.558  1.00 15.28 ? 169 LEU A O   1 
ATOM   496  C  CB  . LEU A 1 77  ? 9.682   -1.886  12.515  1.00 15.03 ? 169 LEU A CB  1 
ATOM   497  C  CG  . LEU A 1 77  ? 10.948  -2.757  12.456  1.00 15.57 ? 169 LEU A CG  1 
ATOM   498  C  CD1 . LEU A 1 77  ? 10.895  -3.767  13.557  1.00 17.14 ? 169 LEU A CD1 1 
ATOM   499  C  CD2 . LEU A 1 77  ? 11.096  -3.461  11.100  1.00 13.18 ? 169 LEU A CD2 1 
ATOM   500  N  N   . ASN A 1 78  ? 8.681   1.436   11.671  1.00 15.79 ? 170 ASN A N   1 
ATOM   501  C  CA  . ASN A 1 78  ? 7.613   2.441   11.767  1.00 16.16 ? 170 ASN A CA  1 
ATOM   502  C  C   . ASN A 1 78  ? 7.814   3.576   10.752  1.00 15.85 ? 170 ASN A C   1 
ATOM   503  O  O   . ASN A 1 78  ? 7.883   4.755   11.136  1.00 15.71 ? 170 ASN A O   1 
ATOM   504  C  CB  . ASN A 1 78  ? 7.522   3.005   13.202  1.00 16.82 ? 170 ASN A CB  1 
ATOM   505  C  CG  . ASN A 1 78  ? 7.210   1.930   14.251  1.00 19.05 ? 170 ASN A CG  1 
ATOM   506  O  OD1 . ASN A 1 78  ? 6.099   1.405   14.321  1.00 20.37 ? 170 ASN A OD1 1 
ATOM   507  N  ND2 . ASN A 1 78  ? 8.199   1.611   15.077  1.00 19.71 ? 170 ASN A ND2 1 
ATOM   508  N  N   . PRO A 1 79  ? 7.918   3.225   9.449   1.00 15.27 ? 171 PRO A N   1 
ATOM   509  C  CA  . PRO A 1 79  ? 8.230   4.219   8.428   1.00 14.80 ? 171 PRO A CA  1 
ATOM   510  C  C   . PRO A 1 79  ? 7.123   5.256   8.241   1.00 15.08 ? 171 PRO A C   1 
ATOM   511  O  O   . PRO A 1 79  ? 5.934   4.944   8.361   1.00 14.42 ? 171 PRO A O   1 
ATOM   512  C  CB  . PRO A 1 79  ? 8.407   3.372   7.158   1.00 14.60 ? 171 PRO A CB  1 
ATOM   513  C  CG  . PRO A 1 79  ? 7.533   2.167   7.393   1.00 14.58 ? 171 PRO A CG  1 
ATOM   514  C  CD  . PRO A 1 79  ? 7.736   1.879   8.861   1.00 15.10 ? 171 PRO A CD  1 
ATOM   515  N  N   . HIS A 1 80  ? 7.535   6.490   7.982   1.00 15.16 ? 172 HIS A N   1 
ATOM   516  C  CA  . HIS A 1 80  ? 6.630   7.523   7.543   1.00 15.98 ? 172 HIS A CA  1 
ATOM   517  C  C   . HIS A 1 80  ? 6.832   7.713   6.053   1.00 16.02 ? 172 HIS A C   1 
ATOM   518  O  O   . HIS A 1 80  ? 7.931   8.048   5.590   1.00 16.34 ? 172 HIS A O   1 
ATOM   519  C  CB  . HIS A 1 80  ? 6.876   8.811   8.323   1.00 16.86 ? 172 HIS A CB  1 
ATOM   520  C  CG  . HIS A 1 80  ? 6.736   8.634   9.803   1.00 19.62 ? 172 HIS A CG  1 
ATOM   521  N  ND1 . HIS A 1 80  ? 7.224   9.547   10.714  1.00 22.87 ? 172 HIS A ND1 1 
ATOM   522  C  CD2 . HIS A 1 80  ? 6.180   7.636   10.529  1.00 19.85 ? 172 HIS A CD2 1 
ATOM   523  C  CE1 . HIS A 1 80  ? 6.946   9.132   11.937  1.00 24.49 ? 172 HIS A CE1 1 
ATOM   524  N  NE2 . HIS A 1 80  ? 6.326   7.968   11.853  1.00 23.58 ? 172 HIS A NE2 1 
ATOM   525  N  N   . PHE A 1 81  ? 5.769   7.459   5.300   1.00 15.93 ? 173 PHE A N   1 
ATOM   526  C  CA  . PHE A 1 81  ? 5.855   7.465   3.843   1.00 15.53 ? 173 PHE A CA  1 
ATOM   527  C  C   . PHE A 1 81  ? 5.466   8.815   3.216   1.00 15.91 ? 173 PHE A C   1 
ATOM   528  O  O   . PHE A 1 81  ? 6.278   9.413   2.488   1.00 16.19 ? 173 PHE A O   1 
ATOM   529  C  CB  . PHE A 1 81  ? 5.023   6.308   3.247   1.00 15.47 ? 173 PHE A CB  1 
ATOM   530  C  CG  . PHE A 1 81  ? 5.571   4.932   3.563   1.00 14.47 ? 173 PHE A CG  1 
ATOM   531  C  CD1 . PHE A 1 81  ? 6.759   4.479   2.972   1.00 15.24 ? 173 PHE A CD1 1 
ATOM   532  C  CD2 . PHE A 1 81  ? 4.893   4.090   4.438   1.00 14.83 ? 173 PHE A CD2 1 
ATOM   533  C  CE1 . PHE A 1 81  ? 7.261   3.197   3.253   1.00 13.81 ? 173 PHE A CE1 1 
ATOM   534  C  CE2 . PHE A 1 81  ? 5.384   2.805   4.734   1.00 14.14 ? 173 PHE A CE2 1 
ATOM   535  C  CZ  . PHE A 1 81  ? 6.571   2.366   4.150   1.00 13.82 ? 173 PHE A CZ  1 
ATOM   536  N  N   . GLY A 1 82  ? 4.234   9.269   3.483   1.00 15.79 ? 174 GLY A N   1 
ATOM   537  C  CA  . GLY A 1 82  ? 3.705   10.512  2.900   1.00 16.32 ? 174 GLY A CA  1 
ATOM   538  C  C   . GLY A 1 82  ? 3.709   10.538  1.378   1.00 15.77 ? 174 GLY A C   1 
ATOM   539  O  O   . GLY A 1 82  ? 4.060   11.546  0.773   1.00 15.22 ? 174 GLY A O   1 
ATOM   540  N  N   . GLU A 1 83  ? 3.321   9.421   0.762   1.00 15.66 ? 175 GLU A N   1 
ATOM   541  C  CA  . GLU A 1 83  ? 3.299   9.301   -0.697  1.00 15.08 ? 175 GLU A CA  1 
ATOM   542  C  C   . GLU A 1 83  ? 1.850   9.261   -1.165  1.00 15.24 ? 175 GLU A C   1 
ATOM   543  O  O   . GLU A 1 83  ? 0.968   8.829   -0.424  1.00 15.54 ? 175 GLU A O   1 
ATOM   544  C  CB  . GLU A 1 83  ? 4.005   8.015   -1.137  1.00 15.31 ? 175 GLU A CB  1 
ATOM   545  C  CG  . GLU A 1 83  ? 5.445   7.892   -0.626  1.00 14.70 ? 175 GLU A CG  1 
ATOM   546  C  CD  . GLU A 1 83  ? 6.497   7.906   -1.719  1.00 15.25 ? 175 GLU A CD  1 
ATOM   547  O  OE1 . GLU A 1 83  ? 6.185   8.116   -2.923  1.00 16.54 ? 175 GLU A OE1 1 
ATOM   548  O  OE2 . GLU A 1 83  ? 7.668   7.681   -1.365  1.00 14.42 ? 175 GLU A OE2 1 
ATOM   549  N  N   . THR A 1 84  ? 1.600   9.722   -2.384  1.00 14.67 ? 176 THR A N   1 
ATOM   550  C  CA  . THR A 1 84  ? 0.267   9.594   -2.971  1.00 14.37 ? 176 THR A CA  1 
ATOM   551  C  C   . THR A 1 84  ? 0.395   9.235   -4.439  1.00 14.91 ? 176 THR A C   1 
ATOM   552  O  O   . THR A 1 84  ? 1.117   9.911   -5.178  1.00 15.02 ? 176 THR A O   1 
ATOM   553  C  CB  . THR A 1 84  ? -0.556  10.894  -2.836  1.00 14.22 ? 176 THR A CB  1 
ATOM   554  O  OG1 . THR A 1 84  ? -0.542  11.320  -1.474  1.00 14.04 ? 176 THR A OG1 1 
ATOM   555  C  CG2 . THR A 1 84  ? -2.016  10.674  -3.295  1.00 13.10 ? 176 THR A CG2 1 
ATOM   556  N  N   . PHE A 1 85  ? -0.296  8.164   -4.846  1.00 14.56 ? 177 PHE A N   1 
ATOM   557  C  CA  . PHE A 1 85  ? -0.354  7.741   -6.246  1.00 14.57 ? 177 PHE A CA  1 
ATOM   558  C  C   . PHE A 1 85  ? -1.807  7.750   -6.687  1.00 14.30 ? 177 PHE A C   1 
ATOM   559  O  O   . PHE A 1 85  ? -2.708  7.922   -5.855  1.00 15.37 ? 177 PHE A O   1 
ATOM   560  C  CB  . PHE A 1 85  ? 0.232   6.326   -6.413  1.00 14.77 ? 177 PHE A CB  1 
ATOM   561  C  CG  . PHE A 1 85  ? 1.594   6.149   -5.777  1.00 14.09 ? 177 PHE A CG  1 
ATOM   562  C  CD1 . PHE A 1 85  ? 2.687   6.892   -6.229  1.00 14.35 ? 177 PHE A CD1 1 
ATOM   563  C  CD2 . PHE A 1 85  ? 1.777   5.257   -4.724  1.00 15.36 ? 177 PHE A CD2 1 
ATOM   564  C  CE1 . PHE A 1 85  ? 3.957   6.742   -5.646  1.00 16.55 ? 177 PHE A CE1 1 
ATOM   565  C  CE2 . PHE A 1 85  ? 3.046   5.091   -4.139  1.00 14.93 ? 177 PHE A CE2 1 
ATOM   566  C  CZ  . PHE A 1 85  ? 4.136   5.835   -4.606  1.00 14.43 ? 177 PHE A CZ  1 
ATOM   567  N  N   . ALA A 1 86  ? -2.054  7.552   -7.976  1.00 14.28 ? 178 ALA A N   1 
ATOM   568  C  CA  . ALA A 1 86  ? -3.440  7.466   -8.431  1.00 14.26 ? 178 ALA A CA  1 
ATOM   569  C  C   . ALA A 1 86  ? -3.626  6.536   -9.607  1.00 14.24 ? 178 ALA A C   1 
ATOM   570  O  O   . ALA A 1 86  ? -2.673  6.232   -10.352 1.00 14.10 ? 178 ALA A O   1 
ATOM   571  C  CB  . ALA A 1 86  ? -4.009  8.847   -8.738  1.00 14.38 ? 178 ALA A CB  1 
ATOM   572  N  N   . PHE A 1 87  ? -4.872  6.099   -9.772  1.00 13.82 ? 179 PHE A N   1 
ATOM   573  C  CA  . PHE A 1 87  ? -5.242  5.163   -10.823 1.00 14.93 ? 179 PHE A CA  1 
ATOM   574  C  C   . PHE A 1 87  ? -6.477  5.681   -11.543 1.00 15.58 ? 179 PHE A C   1 
ATOM   575  O  O   . PHE A 1 87  ? -7.460  6.082   -10.913 1.00 14.98 ? 179 PHE A O   1 
ATOM   576  C  CB  . PHE A 1 87  ? -5.513  3.778   -10.235 1.00 14.05 ? 179 PHE A CB  1 
ATOM   577  C  CG  . PHE A 1 87  ? -4.370  3.248   -9.420  1.00 14.05 ? 179 PHE A CG  1 
ATOM   578  C  CD1 . PHE A 1 87  ? -3.334  2.555   -10.033 1.00 12.94 ? 179 PHE A CD1 1 
ATOM   579  C  CD2 . PHE A 1 87  ? -4.313  3.481   -8.040  1.00 14.23 ? 179 PHE A CD2 1 
ATOM   580  C  CE1 . PHE A 1 87  ? -2.249  2.086   -9.280  1.00 14.73 ? 179 PHE A CE1 1 
ATOM   581  C  CE2 . PHE A 1 87  ? -3.241  3.004   -7.274  1.00 14.61 ? 179 PHE A CE2 1 
ATOM   582  C  CZ  . PHE A 1 87  ? -2.207  2.314   -7.898  1.00 13.95 ? 179 PHE A CZ  1 
ATOM   583  N  N   . LYS A 1 88  ? -6.411  5.702   -12.863 1.00 17.16 ? 180 LYS A N   1 
ATOM   584  C  CA  . LYS A 1 88  ? -7.556  6.153   -13.646 1.00 18.84 ? 180 LYS A CA  1 
ATOM   585  C  C   . LYS A 1 88  ? -8.521  4.982   -13.775 1.00 18.50 ? 180 LYS A C   1 
ATOM   586  O  O   . LYS A 1 88  ? -8.172  3.924   -14.321 1.00 18.38 ? 180 LYS A O   1 
ATOM   587  C  CB  . LYS A 1 88  ? -7.133  6.694   -15.011 1.00 19.68 ? 180 LYS A CB  1 
ATOM   588  C  CG  . LYS A 1 88  ? -8.327  7.192   -15.846 1.00 23.31 ? 180 LYS A CG  1 
ATOM   589  C  CD  . LYS A 1 88  ? -7.931  8.302   -16.812 1.00 29.27 ? 180 LYS A CD  1 
ATOM   590  C  CE  . LYS A 1 88  ? -9.167  8.977   -17.418 1.00 33.29 ? 180 LYS A CE  1 
ATOM   591  N  NZ  . LYS A 1 88  ? -8.949  10.448  -17.660 1.00 34.97 ? 180 LYS A NZ  1 
ATOM   592  N  N   . VAL A 1 89  ? -9.720  5.171   -13.224 1.00 18.16 ? 181 VAL A N   1 
ATOM   593  C  CA  . VAL A 1 89  ? -10.759 4.136   -13.210 1.00 17.87 ? 181 VAL A CA  1 
ATOM   594  C  C   . VAL A 1 89  ? -12.132 4.797   -13.072 1.00 17.63 ? 181 VAL A C   1 
ATOM   595  O  O   . VAL A 1 89  ? -12.338 5.577   -12.143 1.00 18.51 ? 181 VAL A O   1 
ATOM   596  C  CB  . VAL A 1 89  ? -10.537 3.091   -12.058 1.00 18.17 ? 181 VAL A CB  1 
ATOM   597  C  CG1 . VAL A 1 89  ? -10.344 3.784   -10.696 1.00 17.43 ? 181 VAL A CG1 1 
ATOM   598  C  CG2 . VAL A 1 89  ? -11.700 2.090   -12.005 1.00 17.08 ? 181 VAL A CG2 1 
ATOM   599  N  N   . PRO A 1 90  ? -13.070 4.518   -14.017 1.00 17.69 ? 182 PRO A N   1 
ATOM   600  C  CA  . PRO A 1 90  ? -14.419 5.083   -13.915 1.00 17.36 ? 182 PRO A CA  1 
ATOM   601  C  C   . PRO A 1 90  ? -15.082 4.592   -12.649 1.00 16.71 ? 182 PRO A C   1 
ATOM   602  O  O   . PRO A 1 90  ? -14.925 3.418   -12.273 1.00 16.02 ? 182 PRO A O   1 
ATOM   603  C  CB  . PRO A 1 90  ? -15.151 4.505   -15.146 1.00 17.41 ? 182 PRO A CB  1 
ATOM   604  C  CG  . PRO A 1 90  ? -14.061 4.167   -16.098 1.00 18.86 ? 182 PRO A CG  1 
ATOM   605  C  CD  . PRO A 1 90  ? -12.921 3.696   -15.229 1.00 17.58 ? 182 PRO A CD  1 
ATOM   606  N  N   . TYR A 1 91  ? -15.827 5.481   -12.009 1.00 16.63 ? 183 TYR A N   1 
ATOM   607  C  CA  . TYR A 1 91  ? -16.454 5.167   -10.747 1.00 17.07 ? 183 TYR A CA  1 
ATOM   608  C  C   . TYR A 1 91  ? -17.274 3.873   -10.795 1.00 16.76 ? 183 TYR A C   1 
ATOM   609  O  O   . TYR A 1 91  ? -17.197 3.037   -9.881  1.00 16.46 ? 183 TYR A O   1 
ATOM   610  C  CB  . TYR A 1 91  ? -17.328 6.329   -10.287 1.00 17.22 ? 183 TYR A CB  1 
ATOM   611  C  CG  . TYR A 1 91  ? -17.606 6.237   -8.816  1.00 20.92 ? 183 TYR A CG  1 
ATOM   612  C  CD1 . TYR A 1 91  ? -16.550 6.305   -7.893  1.00 23.01 ? 183 TYR A CD1 1 
ATOM   613  C  CD2 . TYR A 1 91  ? -18.893 6.047   -8.335  1.00 23.35 ? 183 TYR A CD2 1 
ATOM   614  C  CE1 . TYR A 1 91  ? -16.782 6.213   -6.533  1.00 26.64 ? 183 TYR A CE1 1 
ATOM   615  C  CE2 . TYR A 1 91  ? -19.140 5.957   -6.965  1.00 25.69 ? 183 TYR A CE2 1 
ATOM   616  C  CZ  . TYR A 1 91  ? -18.078 6.040   -6.073  1.00 27.60 ? 183 TYR A CZ  1 
ATOM   617  O  OH  . TYR A 1 91  ? -18.281 5.952   -4.703  1.00 31.90 ? 183 TYR A OH  1 
ATOM   618  N  N   . VAL A 1 92  ? -18.032 3.718   -11.878 1.00 16.37 ? 184 VAL A N   1 
ATOM   619  C  CA  . VAL A 1 92  ? -18.865 2.526   -12.140 1.00 16.93 ? 184 VAL A CA  1 
ATOM   620  C  C   . VAL A 1 92  ? -18.095 1.183   -12.065 1.00 17.35 ? 184 VAL A C   1 
ATOM   621  O  O   . VAL A 1 92  ? -18.677 0.157   -11.689 1.00 17.28 ? 184 VAL A O   1 
ATOM   622  C  CB  . VAL A 1 92  ? -19.614 2.663   -13.494 1.00 15.97 ? 184 VAL A CB  1 
ATOM   623  C  CG1 . VAL A 1 92  ? -18.639 2.661   -14.700 1.00 17.20 ? 184 VAL A CG1 1 
ATOM   624  C  CG2 . VAL A 1 92  ? -20.720 1.596   -13.657 1.00 17.06 ? 184 VAL A CG2 1 
ATOM   625  N  N   . GLU A 1 93  ? -16.803 1.210   -12.403 1.00 17.44 ? 185 GLU A N   1 
ATOM   626  C  CA  . GLU A 1 93  ? -15.962 -0.005  -12.444 1.00 18.28 ? 185 GLU A CA  1 
ATOM   627  C  C   . GLU A 1 93  ? -15.259 -0.300  -11.108 1.00 17.96 ? 185 GLU A C   1 
ATOM   628  O  O   . GLU A 1 93  ? -14.716 -1.392  -10.897 1.00 17.19 ? 185 GLU A O   1 
ATOM   629  C  CB  . GLU A 1 93  ? -14.903 0.114   -13.546 1.00 18.68 ? 185 GLU A CB  1 
ATOM   630  C  CG  . GLU A 1 93  ? -15.410 0.165   -15.004 1.00 22.05 ? 185 GLU A CG  1 
ATOM   631  C  CD  . GLU A 1 93  ? -14.262 0.284   -16.024 1.00 26.57 ? 185 GLU A CD  1 
ATOM   632  O  OE1 . GLU A 1 93  ? -13.121 -0.105  -15.687 1.00 26.96 ? 185 GLU A OE1 1 
ATOM   633  O  OE2 . GLU A 1 93  ? -14.485 0.765   -17.165 1.00 28.54 ? 185 GLU A OE2 1 
ATOM   634  N  N   . LEU A 1 94  ? -15.272 0.675   -10.207 1.00 18.23 ? 186 LEU A N   1 
ATOM   635  C  CA  . LEU A 1 94  ? -14.421 0.630   -9.016  1.00 18.87 ? 186 LEU A CA  1 
ATOM   636  C  C   . LEU A 1 94  ? -14.682 -0.569  -8.107  1.00 18.25 ? 186 LEU A C   1 
ATOM   637  O  O   . LEU A 1 94  ? -13.748 -1.156  -7.570  1.00 17.13 ? 186 LEU A O   1 
ATOM   638  C  CB  . LEU A 1 94  ? -14.526 1.955   -8.248  1.00 19.34 ? 186 LEU A CB  1 
ATOM   639  C  CG  . LEU A 1 94  ? -13.450 2.303   -7.221  1.00 21.84 ? 186 LEU A CG  1 
ATOM   640  C  CD1 . LEU A 1 94  ? -12.037 1.943   -7.660  1.00 20.52 ? 186 LEU A CD1 1 
ATOM   641  C  CD2 . LEU A 1 94  ? -13.568 3.789   -6.907  1.00 23.61 ? 186 LEU A CD2 1 
ATOM   642  N  N   . GLY A 1 95  ? -15.945 -0.969  -7.980  1.00 18.29 ? 187 GLY A N   1 
ATOM   643  C  CA  . GLY A 1 95  ? -16.311 -2.100  -7.123  1.00 18.72 ? 187 GLY A CA  1 
ATOM   644  C  C   . GLY A 1 95  ? -15.669 -3.422  -7.495  1.00 19.21 ? 187 GLY A C   1 
ATOM   645  O  O   . GLY A 1 95  ? -15.557 -4.335  -6.653  1.00 20.03 ? 187 GLY A O   1 
ATOM   646  N  N   . GLY A 1 96  ? -15.237 -3.538  -8.750  1.00 18.78 ? 188 GLY A N   1 
ATOM   647  C  CA  . GLY A 1 96  ? -14.582 -4.752  -9.227  1.00 18.40 ? 188 GLY A CA  1 
ATOM   648  C  C   . GLY A 1 96  ? -13.067 -4.729  -9.129  1.00 18.28 ? 188 GLY A C   1 
ATOM   649  O  O   . GLY A 1 96  ? -12.399 -5.636  -9.628  1.00 18.75 ? 188 GLY A O   1 
ATOM   650  N  N   . ARG A 1 97  ? -12.531 -3.690  -8.499  1.00 16.64 ? 189 ARG A N   1 
ATOM   651  C  CA  . ARG A 1 97  ? -11.089 -3.504  -8.374  1.00 15.52 ? 189 ARG A CA  1 
ATOM   652  C  C   . ARG A 1 97  ? -10.655 -3.897  -6.966  1.00 14.59 ? 189 ARG A C   1 
ATOM   653  O  O   . ARG A 1 97  ? -11.432 -3.806  -6.026  1.00 14.21 ? 189 ARG A O   1 
ATOM   654  C  CB  . ARG A 1 97  ? -10.715 -2.031  -8.627  1.00 14.66 ? 189 ARG A CB  1 
ATOM   655  C  CG  . ARG A 1 97  ? -11.158 -1.468  -9.981  1.00 14.88 ? 189 ARG A CG  1 
ATOM   656  C  CD  . ARG A 1 97  ? -10.531 -2.215  -11.158 1.00 18.74 ? 189 ARG A CD  1 
ATOM   657  N  NE  . ARG A 1 97  ? -9.107  -1.919  -11.294 1.00 18.90 ? 189 ARG A NE  1 
ATOM   658  C  CZ  . ARG A 1 97  ? -8.575  -1.086  -12.191 1.00 20.37 ? 189 ARG A CZ  1 
ATOM   659  N  NH1 . ARG A 1 97  ? -9.353  -0.441  -13.070 1.00 17.36 ? 189 ARG A NH1 1 
ATOM   660  N  NH2 . ARG A 1 97  ? -7.249  -0.910  -12.223 1.00 15.55 ? 189 ARG A NH2 1 
ATOM   661  N  N   . VAL A 1 98  ? -9.408  -4.339  -6.837  1.00 14.23 ? 190 VAL A N   1 
ATOM   662  C  CA  . VAL A 1 98  ? -8.835  -4.669  -5.542  1.00 14.15 ? 190 VAL A CA  1 
ATOM   663  C  C   . VAL A 1 98  ? -7.517  -3.922  -5.389  1.00 13.64 ? 190 VAL A C   1 
ATOM   664  O  O   . VAL A 1 98  ? -6.575  -4.148  -6.148  1.00 13.65 ? 190 VAL A O   1 
ATOM   665  C  CB  . VAL A 1 98  ? -8.594  -6.194  -5.391  1.00 14.75 ? 190 VAL A CB  1 
ATOM   666  C  CG1 . VAL A 1 98  ? -7.907  -6.509  -4.042  1.00 14.03 ? 190 VAL A CG1 1 
ATOM   667  C  CG2 . VAL A 1 98  ? -9.922  -6.977  -5.533  1.00 16.13 ? 190 VAL A CG2 1 
ATOM   668  N  N   . LEU A 1 99  ? -7.471  -2.999  -4.435  1.00 13.68 ? 191 LEU A N   1 
ATOM   669  C  CA  . LEU A 1 99  ? -6.244  -2.239  -4.213  1.00 13.60 ? 191 LEU A CA  1 
ATOM   670  C  C   . LEU A 1 99  ? -5.258  -3.102  -3.443  1.00 13.44 ? 191 LEU A C   1 
ATOM   671  O  O   . LEU A 1 99  ? -5.616  -3.717  -2.447  1.00 14.16 ? 191 LEU A O   1 
ATOM   672  C  CB  . LEU A 1 99  ? -6.539  -0.948  -3.459  1.00 13.15 ? 191 LEU A CB  1 
ATOM   673  C  CG  . LEU A 1 99  ? -5.332  -0.110  -3.016  1.00 14.37 ? 191 LEU A CG  1 
ATOM   674  C  CD1 . LEU A 1 99  ? -4.553  0.459   -4.216  1.00 13.91 ? 191 LEU A CD1 1 
ATOM   675  C  CD2 . LEU A 1 99  ? -5.808  0.996   -2.089  1.00 14.74 ? 191 LEU A CD2 1 
ATOM   676  N  N   . VAL A 1 100 ? -4.022  -3.165  -3.915  1.00 13.20 ? 192 VAL A N   1 
ATOM   677  C  CA  . VAL A 1 100 ? -2.979  -3.904  -3.210  1.00 13.14 ? 192 VAL A CA  1 
ATOM   678  C  C   . VAL A 1 100 ? -1.873  -2.939  -2.837  1.00 13.52 ? 192 VAL A C   1 
ATOM   679  O  O   . VAL A 1 100 ? -1.318  -2.237  -3.694  1.00 13.75 ? 192 VAL A O   1 
ATOM   680  C  CB  . VAL A 1 100 ? -2.399  -5.048  -4.058  1.00 13.46 ? 192 VAL A CB  1 
ATOM   681  C  CG1 . VAL A 1 100 ? -1.290  -5.798  -3.281  1.00 12.77 ? 192 VAL A CG1 1 
ATOM   682  C  CG2 . VAL A 1 100 ? -3.512  -6.014  -4.463  1.00 13.94 ? 192 VAL A CG2 1 
ATOM   683  N  N   . MET A 1 101 ? -1.574  -2.908  -1.546  1.00 13.98 ? 193 MET A N   1 
ATOM   684  C  CA  . MET A 1 101 ? -0.460  -2.139  -1.028  1.00 13.83 ? 193 MET A CA  1 
ATOM   685  C  C   . MET A 1 101 ? 0.497   -3.154  -0.408  1.00 13.79 ? 193 MET A C   1 
ATOM   686  O  O   . MET A 1 101 ? 0.269   -3.632  0.708   1.00 13.34 ? 193 MET A O   1 
ATOM   687  C  CB  . MET A 1 101 ? -0.969  -1.104  -0.021  1.00 13.77 ? 193 MET A CB  1 
ATOM   688  C  CG  . MET A 1 101 ? -1.863  -0.015  -0.663  1.00 14.41 ? 193 MET A CG  1 
ATOM   689  S  SD  . MET A 1 101 ? -2.808  0.985   0.508   1.00 14.95 ? 193 MET A SD  1 
ATOM   690  C  CE  . MET A 1 101 ? -3.994  -0.230  1.099   1.00 15.55 ? 193 MET A CE  1 
ATOM   691  N  N   . ALA A 1 102 ? 1.532   -3.523  -1.165  1.00 13.46 ? 194 ALA A N   1 
ATOM   692  C  CA  . ALA A 1 102 ? 2.435   -4.606  -0.746  1.00 13.73 ? 194 ALA A CA  1 
ATOM   693  C  C   . ALA A 1 102 ? 3.701   -4.007  -0.144  1.00 13.73 ? 194 ALA A C   1 
ATOM   694  O  O   . ALA A 1 102 ? 4.428   -3.265  -0.814  1.00 13.77 ? 194 ALA A O   1 
ATOM   695  C  CB  . ALA A 1 102 ? 2.779   -5.484  -1.902  1.00 13.26 ? 194 ALA A CB  1 
ATOM   696  N  N   . VAL A 1 103 ? 3.937   -4.328  1.124   1.00 14.03 ? 195 VAL A N   1 
ATOM   697  C  CA  . VAL A 1 103 ? 5.066   -3.761  1.871   1.00 14.11 ? 195 VAL A CA  1 
ATOM   698  C  C   . VAL A 1 103 ? 6.267   -4.706  1.738   1.00 13.86 ? 195 VAL A C   1 
ATOM   699  O  O   . VAL A 1 103 ? 6.169   -5.908  2.011   1.00 13.56 ? 195 VAL A O   1 
ATOM   700  C  CB  . VAL A 1 103 ? 4.710   -3.488  3.367   1.00 13.96 ? 195 VAL A CB  1 
ATOM   701  C  CG1 . VAL A 1 103 ? 5.899   -2.833  4.119   1.00 14.26 ? 195 VAL A CG1 1 
ATOM   702  C  CG2 . VAL A 1 103 ? 3.434   -2.621  3.504   1.00 14.33 ? 195 VAL A CG2 1 
ATOM   703  N  N   . TYR A 1 104 ? 7.388   -4.154  1.293   1.00 13.81 ? 196 TYR A N   1 
ATOM   704  C  CA  . TYR A 1 104 ? 8.601   -4.923  1.108   1.00 13.93 ? 196 TYR A CA  1 
ATOM   705  C  C   . TYR A 1 104 ? 9.748   -4.339  1.925   1.00 14.43 ? 196 TYR A C   1 
ATOM   706  O  O   . TYR A 1 104 ? 9.697   -3.191  2.360   1.00 13.86 ? 196 TYR A O   1 
ATOM   707  C  CB  . TYR A 1 104 ? 9.002   -4.935  -0.361  1.00 14.48 ? 196 TYR A CB  1 
ATOM   708  C  CG  . TYR A 1 104 ? 8.134   -5.785  -1.238  1.00 15.11 ? 196 TYR A CG  1 
ATOM   709  C  CD1 . TYR A 1 104 ? 8.454   -7.117  -1.477  1.00 15.98 ? 196 TYR A CD1 1 
ATOM   710  C  CD2 . TYR A 1 104 ? 7.006   -5.247  -1.866  1.00 17.74 ? 196 TYR A CD2 1 
ATOM   711  C  CE1 . TYR A 1 104 ? 7.665   -7.910  -2.303  1.00 18.44 ? 196 TYR A CE1 1 
ATOM   712  C  CE2 . TYR A 1 104 ? 6.211   -6.030  -2.703  1.00 19.31 ? 196 TYR A CE2 1 
ATOM   713  C  CZ  . TYR A 1 104 ? 6.544   -7.359  -2.906  1.00 18.86 ? 196 TYR A CZ  1 
ATOM   714  O  OH  . TYR A 1 104 ? 5.769   -8.140  -3.728  1.00 21.25 ? 196 TYR A OH  1 
ATOM   715  N  N   . ASP A 1 105 ? 10.766  -5.172  2.119   1.00 14.76 ? 197 ASP A N   1 
ATOM   716  C  CA  . ASP A 1 105 ? 11.994  -4.809  2.804   1.00 14.93 ? 197 ASP A CA  1 
ATOM   717  C  C   . ASP A 1 105 ? 13.097  -4.781  1.759   1.00 15.37 ? 197 ASP A C   1 
ATOM   718  O  O   . ASP A 1 105 ? 13.455  -5.808  1.169   1.00 15.20 ? 197 ASP A O   1 
ATOM   719  C  CB  . ASP A 1 105 ? 12.275  -5.841  3.911   1.00 15.16 ? 197 ASP A CB  1 
ATOM   720  C  CG  . ASP A 1 105 ? 13.744  -5.914  4.299   1.00 16.10 ? 197 ASP A CG  1 
ATOM   721  O  OD1 . ASP A 1 105 ? 14.356  -4.852  4.561   1.00 12.97 ? 197 ASP A OD1 1 
ATOM   722  O  OD2 . ASP A 1 105 ? 14.275  -7.050  4.332   1.00 14.20 ? 197 ASP A OD2 1 
ATOM   723  N  N   . PHE A 1 106 ? 13.621  -3.589  1.509   1.00 15.40 ? 198 PHE A N   1 
ATOM   724  C  CA  . PHE A 1 106 ? 14.733  -3.426  0.586   1.00 16.68 ? 198 PHE A CA  1 
ATOM   725  C  C   . PHE A 1 106 ? 16.012  -4.065  1.164   1.00 16.63 ? 198 PHE A C   1 
ATOM   726  O  O   . PHE A 1 106 ? 16.302  -3.877  2.347   1.00 16.63 ? 198 PHE A O   1 
ATOM   727  C  CB  . PHE A 1 106 ? 14.972  -1.939  0.345   1.00 16.76 ? 198 PHE A CB  1 
ATOM   728  C  CG  . PHE A 1 106 ? 16.211  -1.651  -0.428  1.00 21.42 ? 198 PHE A CG  1 
ATOM   729  C  CD1 . PHE A 1 106 ? 17.412  -1.351  0.231   1.00 26.37 ? 198 PHE A CD1 1 
ATOM   730  C  CD2 . PHE A 1 106 ? 16.189  -1.674  -1.809  1.00 23.78 ? 198 PHE A CD2 1 
ATOM   731  C  CE1 . PHE A 1 106 ? 18.572  -1.086  -0.506  1.00 27.85 ? 198 PHE A CE1 1 
ATOM   732  C  CE2 . PHE A 1 106 ? 17.334  -1.418  -2.543  1.00 27.49 ? 198 PHE A CE2 1 
ATOM   733  C  CZ  . PHE A 1 106 ? 18.518  -1.124  -1.893  1.00 27.32 ? 198 PHE A CZ  1 
ATOM   734  N  N   . ASP A 1 107 ? 16.737  -4.822  0.328   1.00 16.37 ? 199 ASP A N   1 
ATOM   735  C  CA  . ASP A 1 107 ? 18.041  -5.417  0.688   1.00 16.07 ? 199 ASP A CA  1 
ATOM   736  C  C   . ASP A 1 107 ? 19.107  -5.025  -0.323  1.00 16.43 ? 199 ASP A C   1 
ATOM   737  O  O   . ASP A 1 107 ? 18.813  -4.811  -1.498  1.00 16.15 ? 199 ASP A O   1 
ATOM   738  C  CB  . ASP A 1 107 ? 17.960  -6.943  0.743   1.00 15.31 ? 199 ASP A CB  1 
ATOM   739  C  CG  . ASP A 1 107 ? 17.277  -7.454  1.987   1.00 15.40 ? 199 ASP A CG  1 
ATOM   740  O  OD1 . ASP A 1 107 ? 17.114  -6.705  2.969   1.00 15.57 ? 199 ASP A OD1 1 
ATOM   741  O  OD2 . ASP A 1 107 ? 16.900  -8.639  2.009   1.00 15.71 ? 199 ASP A OD2 1 
ATOM   742  N  N   . ARG A 1 108 ? 20.351  -4.943  0.144   1.00 16.77 ? 200 ARG A N   1 
ATOM   743  C  CA  . ARG A 1 108 ? 21.488  -4.601  -0.696  1.00 17.67 ? 200 ARG A CA  1 
ATOM   744  C  C   . ARG A 1 108 ? 22.166  -5.824  -1.307  1.00 17.64 ? 200 ARG A C   1 
ATOM   745  O  O   . ARG A 1 108 ? 22.762  -5.719  -2.378  1.00 18.43 ? 200 ARG A O   1 
ATOM   746  C  CB  . ARG A 1 108 ? 22.514  -3.805  0.110   1.00 18.42 ? 200 ARG A CB  1 
ATOM   747  C  CG  . ARG A 1 108 ? 22.044  -2.395  0.441   1.00 21.93 ? 200 ARG A CG  1 
ATOM   748  C  CD  . ARG A 1 108 ? 23.224  -1.437  0.638   1.00 26.86 ? 200 ARG A CD  1 
ATOM   749  N  NE  . ARG A 1 108 ? 24.096  -1.419  -0.540  1.00 30.73 ? 200 ARG A NE  1 
ATOM   750  C  CZ  . ARG A 1 108 ? 24.047  -0.520  -1.529  1.00 31.71 ? 200 ARG A CZ  1 
ATOM   751  N  NH1 . ARG A 1 108 ? 23.167  0.483   -1.511  1.00 31.59 ? 200 ARG A NH1 1 
ATOM   752  N  NH2 . ARG A 1 108 ? 24.894  -0.624  -2.549  1.00 31.76 ? 200 ARG A NH2 1 
ATOM   753  N  N   . PHE A 1 109 ? 22.045  -6.975  -0.649  1.00 17.41 ? 201 PHE A N   1 
ATOM   754  C  CA  . PHE A 1 109 ? 22.842  -8.158  -1.001  1.00 17.66 ? 201 PHE A CA  1 
ATOM   755  C  C   . PHE A 1 109 ? 22.014  -9.388  -1.374  1.00 17.64 ? 201 PHE A C   1 
ATOM   756  O  O   . PHE A 1 109 ? 22.566  -10.476 -1.612  1.00 17.42 ? 201 PHE A O   1 
ATOM   757  C  CB  . PHE A 1 109 ? 23.796  -8.477  0.149   1.00 16.97 ? 201 PHE A CB  1 
ATOM   758  C  CG  . PHE A 1 109 ? 24.635  -7.290  0.584   1.00 17.51 ? 201 PHE A CG  1 
ATOM   759  C  CD1 . PHE A 1 109 ? 25.557  -6.716  -0.287  1.00 19.27 ? 201 PHE A CD1 1 
ATOM   760  C  CD2 . PHE A 1 109 ? 24.507  -6.762  1.867   1.00 18.74 ? 201 PHE A CD2 1 
ATOM   761  C  CE1 . PHE A 1 109 ? 26.347  -5.623  0.118   1.00 20.63 ? 201 PHE A CE1 1 
ATOM   762  C  CE2 . PHE A 1 109 ? 25.290  -5.670  2.277   1.00 19.58 ? 201 PHE A CE2 1 
ATOM   763  C  CZ  . PHE A 1 109 ? 26.203  -5.107  1.405   1.00 18.50 ? 201 PHE A CZ  1 
ATOM   764  N  N   . SER A 1 110 ? 20.692  -9.218  -1.411  1.00 17.08 ? 202 SER A N   1 
ATOM   765  C  CA  . SER A 1 110 ? 19.779  -10.282 -1.851  1.00 16.90 ? 202 SER A CA  1 
ATOM   766  C  C   . SER A 1 110 ? 18.489  -9.641  -2.341  1.00 17.18 ? 202 SER A C   1 
ATOM   767  O  O   . SER A 1 110 ? 18.327  -8.412  -2.251  1.00 16.36 ? 202 SER A O   1 
ATOM   768  C  CB  . SER A 1 110 ? 19.507  -11.276 -0.724  1.00 17.53 ? 202 SER A CB  1 
ATOM   769  O  OG  . SER A 1 110 ? 18.823  -10.655 0.358   1.00 16.99 ? 202 SER A OG  1 
ATOM   770  N  N   . ARG A 1 111 ? 17.561  -10.459 -2.843  1.00 17.17 ? 203 ARG A N   1 
ATOM   771  C  CA  . ARG A 1 111 ? 16.282  -9.939  -3.328  1.00 18.17 ? 203 ARG A CA  1 
ATOM   772  C  C   . ARG A 1 111 ? 15.587  -9.240  -2.175  1.00 17.21 ? 203 ARG A C   1 
ATOM   773  O  O   . ARG A 1 111 ? 15.749  -9.633  -1.018  1.00 16.05 ? 203 ARG A O   1 
ATOM   774  C  CB  . ARG A 1 111 ? 15.357  -11.068 -3.796  1.00 19.28 ? 203 ARG A CB  1 
ATOM   775  C  CG  . ARG A 1 111 ? 15.849  -11.912 -4.945  1.00 23.94 ? 203 ARG A CG  1 
ATOM   776  C  CD  . ARG A 1 111 ? 14.745  -12.912 -5.306  1.00 32.01 ? 203 ARG A CD  1 
ATOM   777  N  NE  . ARG A 1 111 ? 13.459  -12.216 -5.430  1.00 36.92 ? 203 ARG A NE  1 
ATOM   778  C  CZ  . ARG A 1 111 ? 12.906  -11.850 -6.588  1.00 39.94 ? 203 ARG A CZ  1 
ATOM   779  N  NH1 . ARG A 1 111 ? 11.747  -11.202 -6.592  1.00 41.25 ? 203 ARG A NH1 1 
ATOM   780  N  NH2 . ARG A 1 111 ? 13.498  -12.140 -7.745  1.00 40.32 ? 203 ARG A NH2 1 
ATOM   781  N  N   . ASN A 1 112 ? 14.786  -8.230  -2.480  1.00 17.07 ? 204 ASN A N   1 
ATOM   782  C  CA  . ASN A 1 112 ? 13.957  -7.613  -1.441  1.00 17.21 ? 204 ASN A CA  1 
ATOM   783  C  C   . ASN A 1 112 ? 12.943  -8.601  -0.888  1.00 17.10 ? 204 ASN A C   1 
ATOM   784  O  O   . ASN A 1 112 ? 12.480  -9.489  -1.615  1.00 16.47 ? 204 ASN A O   1 
ATOM   785  C  CB  . ASN A 1 112 ? 13.259  -6.358  -1.981  1.00 17.50 ? 204 ASN A CB  1 
ATOM   786  C  CG  . ASN A 1 112 ? 14.254  -5.310  -2.480  1.00 20.05 ? 204 ASN A CG  1 
ATOM   787  O  OD1 . ASN A 1 112 ? 15.443  -5.349  -2.135  1.00 21.85 ? 204 ASN A OD1 1 
ATOM   788  N  ND2 . ASN A 1 112 ? 13.774  -4.375  -3.303  1.00 20.77 ? 204 ASN A ND2 1 
ATOM   789  N  N   . ASP A 1 113 ? 12.600  -8.447  0.392   1.00 16.57 ? 205 ASP A N   1 
ATOM   790  C  CA  . ASP A 1 113 ? 11.782  -9.439  1.087   1.00 16.77 ? 205 ASP A CA  1 
ATOM   791  C  C   . ASP A 1 113 ? 10.378  -8.921  1.286   1.00 17.02 ? 205 ASP A C   1 
ATOM   792  O  O   . ASP A 1 113 ? 10.205  -7.769  1.664   1.00 17.63 ? 205 ASP A O   1 
ATOM   793  C  CB  . ASP A 1 113 ? 12.418  -9.785  2.443   1.00 16.33 ? 205 ASP A CB  1 
ATOM   794  C  CG  . ASP A 1 113 ? 13.812  -10.356 2.281   1.00 18.31 ? 205 ASP A CG  1 
ATOM   795  O  OD1 . ASP A 1 113 ? 14.037  -11.076 1.287   1.00 17.57 ? 205 ASP A OD1 1 
ATOM   796  O  OD2 . ASP A 1 113 ? 14.689  -10.060 3.111   1.00 18.80 ? 205 ASP A OD2 1 
ATOM   797  N  N   . ALA A 1 114 ? 9.379   -9.769  1.024   1.00 16.63 ? 206 ALA A N   1 
ATOM   798  C  CA  . ALA A 1 114 ? 7.995   -9.417  1.349   1.00 16.62 ? 206 ALA A CA  1 
ATOM   799  C  C   . ALA A 1 114 ? 7.820   -9.316  2.853   1.00 16.67 ? 206 ALA A C   1 
ATOM   800  O  O   . ALA A 1 114 ? 8.195   -10.235 3.590   1.00 16.55 ? 206 ALA A O   1 
ATOM   801  C  CB  . ALA A 1 114 ? 7.036   -10.447 0.789   1.00 16.64 ? 206 ALA A CB  1 
ATOM   802  N  N   . ILE A 1 115 ? 7.248   -8.209  3.316   1.00 15.84 ? 207 ILE A N   1 
ATOM   803  C  CA  . ILE A 1 115 ? 6.877   -8.110  4.716   1.00 16.61 ? 207 ILE A CA  1 
ATOM   804  C  C   . ILE A 1 115 ? 5.425   -8.576  4.834   1.00 16.83 ? 207 ILE A C   1 
ATOM   805  O  O   . ILE A 1 115 ? 5.126   -9.497  5.585   1.00 16.93 ? 207 ILE A O   1 
ATOM   806  C  CB  . ILE A 1 115 ? 7.054   -6.695  5.293   1.00 16.18 ? 207 ILE A CB  1 
ATOM   807  C  CG1 . ILE A 1 115 ? 8.511   -6.231  5.098   1.00 17.03 ? 207 ILE A CG1 1 
ATOM   808  C  CG2 . ILE A 1 115 ? 6.658   -6.676  6.778   1.00 16.71 ? 207 ILE A CG2 1 
ATOM   809  C  CD1 . ILE A 1 115 ? 8.846   -4.931  5.767   1.00 15.11 ? 207 ILE A CD1 1 
ATOM   810  N  N   . GLY A 1 116 ? 4.540   -7.948  4.066   1.00 16.13 ? 208 GLY A N   1 
ATOM   811  C  CA  . GLY A 1 116 ? 3.146   -8.368  4.015   1.00 16.19 ? 208 GLY A CA  1 
ATOM   812  C  C   . GLY A 1 116 ? 2.390   -7.378  3.166   1.00 17.00 ? 208 GLY A C   1 
ATOM   813  O  O   . GLY A 1 116 ? 2.958   -6.380  2.698   1.00 15.78 ? 208 GLY A O   1 
ATOM   814  N  N   . GLU A 1 117 ? 1.102   -7.638  2.956   1.00 16.93 ? 209 GLU A N   1 
ATOM   815  C  CA  . GLU A 1 117 ? 0.329   -6.735  2.120   1.00 17.65 ? 209 GLU A CA  1 
ATOM   816  C  C   . GLU A 1 117 ? -1.044  -6.439  2.685   1.00 17.13 ? 209 GLU A C   1 
ATOM   817  O  O   . GLU A 1 117 ? -1.557  -7.176  3.526   1.00 18.09 ? 209 GLU A O   1 
ATOM   818  C  CB  . GLU A 1 117 ? 0.254   -7.255  0.685   1.00 18.19 ? 209 GLU A CB  1 
ATOM   819  C  CG  . GLU A 1 117 ? -0.372  -8.612  0.551   1.00 20.93 ? 209 GLU A CG  1 
ATOM   820  C  CD  . GLU A 1 117 ? -0.310  -9.124  -0.872  1.00 24.75 ? 209 GLU A CD  1 
ATOM   821  O  OE1 . GLU A 1 117 ? -1.302  -9.744  -1.267  1.00 26.48 ? 209 GLU A OE1 1 
ATOM   822  O  OE2 . GLU A 1 117 ? 0.709   -8.904  -1.585  1.00 26.36 ? 209 GLU A OE2 1 
ATOM   823  N  N   . VAL A 1 118 ? -1.608  -5.321  2.244   1.00 17.07 ? 210 VAL A N   1 
ATOM   824  C  CA  . VAL A 1 118 ? -2.966  -4.955  2.578   1.00 16.03 ? 210 VAL A CA  1 
ATOM   825  C  C   . VAL A 1 118 ? -3.760  -4.966  1.268   1.00 16.09 ? 210 VAL A C   1 
ATOM   826  O  O   . VAL A 1 118 ? -3.409  -4.274  0.312   1.00 15.43 ? 210 VAL A O   1 
ATOM   827  C  CB  . VAL A 1 118 ? -3.029  -3.573  3.266   1.00 15.89 ? 210 VAL A CB  1 
ATOM   828  C  CG1 . VAL A 1 118 ? -4.469  -3.132  3.483   1.00 16.47 ? 210 VAL A CG1 1 
ATOM   829  C  CG2 . VAL A 1 118 ? -2.290  -3.609  4.599   1.00 15.25 ? 210 VAL A CG2 1 
ATOM   830  N  N   . ARG A 1 119 ? -4.807  -5.781  1.233   1.00 15.65 ? 211 ARG A N   1 
ATOM   831  C  CA  . ARG A 1 119 ? -5.665  -5.883  0.059   1.00 17.21 ? 211 ARG A CA  1 
ATOM   832  C  C   . ARG A 1 119 ? -6.998  -5.266  0.411   1.00 16.85 ? 211 ARG A C   1 
ATOM   833  O  O   . ARG A 1 119 ? -7.629  -5.654  1.407   1.00 16.72 ? 211 ARG A O   1 
ATOM   834  C  CB  . ARG A 1 119 ? -5.870  -7.342  -0.360  1.00 17.41 ? 211 ARG A CB  1 
ATOM   835  C  CG  . ARG A 1 119 ? -4.613  -7.992  -0.857  1.00 20.62 ? 211 ARG A CG  1 
ATOM   836  C  CD  . ARG A 1 119 ? -4.913  -9.130  -1.854  1.00 23.22 ? 211 ARG A CD  1 
ATOM   837  N  NE  . ARG A 1 119 ? -3.664  -9.528  -2.485  1.00 24.63 ? 211 ARG A NE  1 
ATOM   838  C  CZ  . ARG A 1 119 ? -3.541  -10.021 -3.706  1.00 26.37 ? 211 ARG A CZ  1 
ATOM   839  N  NH1 . ARG A 1 119 ? -4.615  -10.214 -4.471  1.00 25.51 ? 211 ARG A NH1 1 
ATOM   840  N  NH2 . ARG A 1 119 ? -2.328  -10.325 -4.148  1.00 27.48 ? 211 ARG A NH2 1 
ATOM   841  N  N   . VAL A 1 120 ? -7.425  -4.298  -0.386  1.00 16.44 ? 212 VAL A N   1 
ATOM   842  C  CA  . VAL A 1 120 ? -8.680  -3.616  -0.107  1.00 16.50 ? 212 VAL A CA  1 
ATOM   843  C  C   . VAL A 1 120 ? -9.579  -3.826  -1.324  1.00 17.46 ? 212 VAL A C   1 
ATOM   844  O  O   . VAL A 1 120 ? -9.373  -3.180  -2.352  1.00 16.92 ? 212 VAL A O   1 
ATOM   845  C  CB  . VAL A 1 120 ? -8.502  -2.094  0.134   1.00 16.58 ? 212 VAL A CB  1 
ATOM   846  C  CG1 . VAL A 1 120 ? -9.834  -1.444  0.502   1.00 16.50 ? 212 VAL A CG1 1 
ATOM   847  C  CG2 . VAL A 1 120 ? -7.461  -1.804  1.217   1.00 15.70 ? 212 VAL A CG2 1 
ATOM   848  N  N   . PRO A 1 121 ? -10.558 -4.747  -1.220  1.00 18.26 ? 213 PRO A N   1 
ATOM   849  C  CA  . PRO A 1 121 ? -11.593 -4.802  -2.265  1.00 18.24 ? 213 PRO A CA  1 
ATOM   850  C  C   . PRO A 1 121 ? -12.381 -3.487  -2.243  1.00 18.11 ? 213 PRO A C   1 
ATOM   851  O  O   . PRO A 1 121 ? -12.969 -3.114  -1.215  1.00 17.26 ? 213 PRO A O   1 
ATOM   852  C  CB  . PRO A 1 121 ? -12.469 -6.000  -1.859  1.00 18.91 ? 213 PRO A CB  1 
ATOM   853  C  CG  . PRO A 1 121 ? -12.147 -6.275  -0.427  1.00 19.24 ? 213 PRO A CG  1 
ATOM   854  C  CD  . PRO A 1 121 ? -10.753 -5.769  -0.174  1.00 18.77 ? 213 PRO A CD  1 
ATOM   855  N  N   . MET A 1 122 ? -12.370 -2.784  -3.373  1.00 17.77 ? 214 MET A N   1 
ATOM   856  C  CA  . MET A 1 122 ? -12.915 -1.437  -3.430  1.00 17.95 ? 214 MET A CA  1 
ATOM   857  C  C   . MET A 1 122 ? -14.430 -1.409  -3.224  1.00 18.37 ? 214 MET A C   1 
ATOM   858  O  O   . MET A 1 122 ? -14.992 -0.374  -2.902  1.00 18.11 ? 214 MET A O   1 
ATOM   859  C  CB  . MET A 1 122 ? -12.497 -0.740  -4.723  1.00 18.30 ? 214 MET A CB  1 
ATOM   860  C  CG  . MET A 1 122 ? -10.993 -0.485  -4.806  1.00 17.11 ? 214 MET A CG  1 
ATOM   861  S  SD  . MET A 1 122 ? -10.344 0.438   -3.388  1.00 18.59 ? 214 MET A SD  1 
ATOM   862  C  CE  . MET A 1 122 ? -11.211 1.971   -3.562  1.00 15.24 ? 214 MET A CE  1 
ATOM   863  N  N   . SER A 1 123 ? -15.074 -2.563  -3.395  1.00 18.63 ? 215 SER A N   1 
ATOM   864  C  CA  . SER A 1 123 ? -16.481 -2.726  -3.000  1.00 19.34 ? 215 SER A CA  1 
ATOM   865  C  C   . SER A 1 123 ? -16.716 -2.583  -1.487  1.00 19.70 ? 215 SER A C   1 
ATOM   866  O  O   . SER A 1 123 ? -17.859 -2.424  -1.061  1.00 19.51 ? 215 SER A O   1 
ATOM   867  C  CB  . SER A 1 123 ? -17.005 -4.087  -3.461  1.00 18.81 ? 215 SER A CB  1 
ATOM   868  O  OG  . SER A 1 123 ? -16.165 -5.137  -2.991  1.00 20.32 ? 215 SER A OG  1 
ATOM   869  N  N   . SER A 1 124 ? -15.648 -2.658  -0.679  1.00 19.79 ? 216 SER A N   1 
ATOM   870  C  CA  . SER A 1 124 ? -15.784 -2.606  0.781   1.00 20.36 ? 216 SER A CA  1 
ATOM   871  C  C   . SER A 1 124 ? -15.660 -1.190  1.328   1.00 21.10 ? 216 SER A C   1 
ATOM   872  O  O   . SER A 1 124 ? -15.844 -0.971  2.517   1.00 21.25 ? 216 SER A O   1 
ATOM   873  C  CB  . SER A 1 124 ? -14.768 -3.537  1.463   1.00 20.33 ? 216 SER A CB  1 
ATOM   874  O  OG  . SER A 1 124 ? -13.428 -3.093  1.263   1.00 20.13 ? 216 SER A OG  1 
ATOM   875  N  N   . VAL A 1 125 ? -15.366 -0.250  0.434   1.00 21.66 ? 217 VAL A N   1 
ATOM   876  C  CA  . VAL A 1 125 ? -15.119 1.162   0.729   1.00 23.65 ? 217 VAL A CA  1 
ATOM   877  C  C   . VAL A 1 125 ? -16.262 2.020   0.164   1.00 23.53 ? 217 VAL A C   1 
ATOM   878  O  O   . VAL A 1 125 ? -16.814 1.707   -0.885  1.00 24.22 ? 217 VAL A O   1 
ATOM   879  C  CB  . VAL A 1 125 ? -13.795 1.615   0.023   1.00 23.39 ? 217 VAL A CB  1 
ATOM   880  C  CG1 . VAL A 1 125 ? -13.451 3.041   0.362   1.00 26.16 ? 217 VAL A CG1 1 
ATOM   881  C  CG2 . VAL A 1 125 ? -12.633 0.702   0.403   1.00 25.63 ? 217 VAL A CG2 1 
ATOM   882  N  N   . ASP A 1 126 ? -16.615 3.112   0.826   1.00 24.54 ? 218 ASP A N   1 
ATOM   883  C  CA  . ASP A 1 126 ? -17.548 4.054   0.200   1.00 25.25 ? 218 ASP A CA  1 
ATOM   884  C  C   . ASP A 1 126 ? -16.799 5.356   -0.030  1.00 24.69 ? 218 ASP A C   1 
ATOM   885  O  O   . ASP A 1 126 ? -16.407 6.018   0.932   1.00 25.05 ? 218 ASP A O   1 
ATOM   886  C  CB  . ASP A 1 126 ? -18.806 4.272   1.064   1.00 25.99 ? 218 ASP A CB  1 
ATOM   887  C  CG  . ASP A 1 126 ? -19.830 5.215   0.409   1.00 28.97 ? 218 ASP A CG  1 
ATOM   888  O  OD1 . ASP A 1 126 ? -19.432 6.251   -0.188  1.00 31.02 ? 218 ASP A OD1 1 
ATOM   889  O  OD2 . ASP A 1 126 ? -21.040 4.917   0.499   1.00 29.70 ? 218 ASP A OD2 1 
ATOM   890  N  N   . LEU A 1 127 ? -16.611 5.727   -1.293  1.00 23.98 ? 219 LEU A N   1 
ATOM   891  C  CA  . LEU A 1 127 ? -15.767 6.889   -1.605  1.00 24.15 ? 219 LEU A CA  1 
ATOM   892  C  C   . LEU A 1 127 ? -16.484 8.171   -2.020  1.00 24.37 ? 219 LEU A C   1 
ATOM   893  O  O   . LEU A 1 127 ? -15.896 9.023   -2.692  1.00 22.70 ? 219 LEU A O   1 
ATOM   894  C  CB  . LEU A 1 127 ? -14.680 6.515   -2.613  1.00 24.03 ? 219 LEU A CB  1 
ATOM   895  C  CG  . LEU A 1 127 ? -13.580 5.664   -1.977  1.00 24.26 ? 219 LEU A CG  1 
ATOM   896  C  CD1 . LEU A 1 127 ? -12.576 5.240   -3.036  1.00 23.64 ? 219 LEU A CD1 1 
ATOM   897  C  CD2 . LEU A 1 127 ? -12.894 6.416   -0.814  1.00 24.18 ? 219 LEU A CD2 1 
ATOM   898  N  N   . GLY A 1 128 ? -17.742 8.304   -1.592  1.00 24.69 ? 220 GLY A N   1 
ATOM   899  C  CA  . GLY A 1 128 ? -18.488 9.560   -1.724  1.00 25.67 ? 220 GLY A CA  1 
ATOM   900  C  C   . GLY A 1 128 ? -17.737 10.713  -1.086  1.00 25.85 ? 220 GLY A C   1 
ATOM   901  O  O   . GLY A 1 128 ? -17.794 11.856  -1.573  1.00 26.48 ? 220 GLY A O   1 
ATOM   902  N  N   . ARG A 1 129 ? -17.049 10.402  0.012   1.00 25.63 ? 221 ARG A N   1 
ATOM   903  C  CA  . ARG A 1 129 ? -16.074 11.296  0.631   1.00 26.07 ? 221 ARG A CA  1 
ATOM   904  C  C   . ARG A 1 129 ? -14.804 10.499  0.956   1.00 25.72 ? 221 ARG A C   1 
ATOM   905  O  O   . ARG A 1 129 ? -14.860 9.264   1.063   1.00 25.25 ? 221 ARG A O   1 
ATOM   906  C  CB  . ARG A 1 129 ? -16.638 11.970  1.900   1.00 26.03 ? 221 ARG A CB  1 
ATOM   907  C  CG  . ARG A 1 129 ? -17.739 13.040  1.650   1.00 26.70 ? 221 ARG A CG  1 
ATOM   908  C  CD  . ARG A 1 129 ? -17.254 14.271  0.843   1.00 27.18 ? 221 ARG A CD  1 
ATOM   909  N  NE  . ARG A 1 129 ? -18.277 15.327  0.772   1.00 28.36 ? 221 ARG A NE  1 
ATOM   910  C  CZ  . ARG A 1 129 ? -19.285 15.361  -0.108  1.00 29.48 ? 221 ARG A CZ  1 
ATOM   911  N  NH1 . ARG A 1 129 ? -20.159 16.361  -0.074  1.00 28.63 ? 221 ARG A NH1 1 
ATOM   912  N  NH2 . ARG A 1 129 ? -19.437 14.395  -1.013  1.00 28.10 ? 221 ARG A NH2 1 
ATOM   913  N  N   . PRO A 1 130 ? -13.654 11.196  1.086   1.00 25.45 ? 222 PRO A N   1 
ATOM   914  C  CA  . PRO A 1 130 ? -12.392 10.494  1.319   1.00 25.24 ? 222 PRO A CA  1 
ATOM   915  C  C   . PRO A 1 130 ? -12.342 9.749   2.644   1.00 25.27 ? 222 PRO A C   1 
ATOM   916  O  O   . PRO A 1 130 ? -13.049 10.100  3.605   1.00 25.51 ? 222 PRO A O   1 
ATOM   917  C  CB  . PRO A 1 130 ? -11.355 11.614  1.313   1.00 25.26 ? 222 PRO A CB  1 
ATOM   918  C  CG  . PRO A 1 130 ? -11.985 12.706  0.491   1.00 25.67 ? 222 PRO A CG  1 
ATOM   919  C  CD  . PRO A 1 130 ? -13.437 12.637  0.835   1.00 25.42 ? 222 PRO A CD  1 
ATOM   920  N  N   . VAL A 1 131 ? -11.493 8.730   2.691   1.00 24.66 ? 223 VAL A N   1 
ATOM   921  C  CA  . VAL A 1 131 ? -11.362 7.906   3.879   1.00 24.29 ? 223 VAL A CA  1 
ATOM   922  C  C   . VAL A 1 131 ? -9.899  7.768   4.264   1.00 23.74 ? 223 VAL A C   1 
ATOM   923  O  O   . VAL A 1 131 ? -9.014  7.827   3.415   1.00 22.92 ? 223 VAL A O   1 
ATOM   924  C  CB  . VAL A 1 131 ? -12.001 6.500   3.695   1.00 24.69 ? 223 VAL A CB  1 
ATOM   925  C  CG1 . VAL A 1 131 ? -13.486 6.613   3.333   1.00 26.10 ? 223 VAL A CG1 1 
ATOM   926  C  CG2 . VAL A 1 131 ? -11.268 5.674   2.664   1.00 25.59 ? 223 VAL A CG2 1 
ATOM   927  N  N   . GLN A 1 132 ? -9.658  7.602   5.553   1.00 22.98 ? 224 GLN A N   1 
ATOM   928  C  CA  . GLN A 1 132 ? -8.313  7.363   6.058   1.00 23.01 ? 224 GLN A CA  1 
ATOM   929  C  C   . GLN A 1 132 ? -8.443  6.223   7.060   1.00 22.14 ? 224 GLN A C   1 
ATOM   930  O  O   . GLN A 1 132 ? -9.331  6.258   7.924   1.00 21.47 ? 224 GLN A O   1 
ATOM   931  C  CB  . GLN A 1 132 ? -7.767  8.631   6.702   1.00 23.52 ? 224 GLN A CB  1 
ATOM   932  C  CG  . GLN A 1 132 ? -6.385  8.498   7.336   1.00 26.18 ? 224 GLN A CG  1 
ATOM   933  C  CD  . GLN A 1 132 ? -6.041  9.673   8.236   1.00 29.16 ? 224 GLN A CD  1 
ATOM   934  O  OE1 . GLN A 1 132 ? -6.319  9.661   9.442   1.00 32.12 ? 224 GLN A OE1 1 
ATOM   935  N  NE2 . GLN A 1 132 ? -5.414  10.682  7.665   1.00 30.92 ? 224 GLN A NE2 1 
ATOM   936  N  N   . ALA A 1 133 ? -7.605  5.195   6.921   1.00 20.73 ? 225 ALA A N   1 
ATOM   937  C  CA  . ALA A 1 133 ? -7.773  3.975   7.723   1.00 19.71 ? 225 ALA A CA  1 
ATOM   938  C  C   . ALA A 1 133 ? -6.470  3.243   7.965   1.00 19.43 ? 225 ALA A C   1 
ATOM   939  O  O   . ALA A 1 133 ? -5.488  3.445   7.248   1.00 18.21 ? 225 ALA A O   1 
ATOM   940  C  CB  . ALA A 1 133 ? -8.784  3.020   7.058   1.00 20.14 ? 225 ALA A CB  1 
ATOM   941  N  N   . TRP A 1 134 ? -6.475  2.405   9.003   1.00 18.85 ? 226 TRP A N   1 
ATOM   942  C  CA  . TRP A 1 134 ? -5.383  1.493   9.281   1.00 19.20 ? 226 TRP A CA  1 
ATOM   943  C  C   . TRP A 1 134 ? -5.852  0.080   8.954   1.00 19.32 ? 226 TRP A C   1 
ATOM   944  O  O   . TRP A 1 134 ? -7.008  -0.276  9.228   1.00 18.85 ? 226 TRP A O   1 
ATOM   945  C  CB  . TRP A 1 134 ? -5.031  1.535   10.763  1.00 19.38 ? 226 TRP A CB  1 
ATOM   946  C  CG  . TRP A 1 134 ? -4.276  2.755   11.249  1.00 19.07 ? 226 TRP A CG  1 
ATOM   947  C  CD1 . TRP A 1 134 ? -4.807  3.911   11.752  1.00 18.06 ? 226 TRP A CD1 1 
ATOM   948  C  CD2 . TRP A 1 134 ? -2.860  2.890   11.337  1.00 17.16 ? 226 TRP A CD2 1 
ATOM   949  N  NE1 . TRP A 1 134 ? -3.801  4.772   12.131  1.00 18.38 ? 226 TRP A NE1 1 
ATOM   950  C  CE2 . TRP A 1 134 ? -2.594  4.168   11.885  1.00 18.50 ? 226 TRP A CE2 1 
ATOM   951  C  CE3 . TRP A 1 134 ? -1.780  2.057   10.998  1.00 16.57 ? 226 TRP A CE3 1 
ATOM   952  C  CZ2 . TRP A 1 134 ? -1.290  4.637   12.094  1.00 18.13 ? 226 TRP A CZ2 1 
ATOM   953  C  CZ3 . TRP A 1 134 ? -0.485  2.523   11.212  1.00 17.84 ? 226 TRP A CZ3 1 
ATOM   954  C  CH2 . TRP A 1 134 ? -0.255  3.800   11.765  1.00 18.05 ? 226 TRP A CH2 1 
ATOM   955  N  N   . ARG A 1 135 ? -4.966  -0.731  8.388   1.00 19.08 ? 227 ARG A N   1 
ATOM   956  C  CA  . ARG A 1 135 ? -5.270  -2.144  8.161   1.00 19.83 ? 227 ARG A CA  1 
ATOM   957  C  C   . ARG A 1 135 ? -4.061  -3.014  8.461   1.00 19.46 ? 227 ARG A C   1 
ATOM   958  O  O   . ARG A 1 135 ? -2.924  -2.623  8.182   1.00 18.36 ? 227 ARG A O   1 
ATOM   959  C  CB  . ARG A 1 135 ? -5.715  -2.383  6.723   1.00 19.66 ? 227 ARG A CB  1 
ATOM   960  C  CG  . ARG A 1 135 ? -7.073  -1.790  6.397   1.00 24.54 ? 227 ARG A CG  1 
ATOM   961  C  CD  . ARG A 1 135 ? -8.173  -2.795  6.473   1.00 32.09 ? 227 ARG A CD  1 
ATOM   962  N  NE  . ARG A 1 135 ? -8.708  -3.072  5.138   1.00 37.46 ? 227 ARG A NE  1 
ATOM   963  C  CZ  . ARG A 1 135 ? -9.724  -3.898  4.889   1.00 39.33 ? 227 ARG A CZ  1 
ATOM   964  N  NH1 . ARG A 1 135 ? -10.326 -4.539  5.889   1.00 41.47 ? 227 ARG A NH1 1 
ATOM   965  N  NH2 . ARG A 1 135 ? -10.139 -4.084  3.641   1.00 39.35 ? 227 ARG A NH2 1 
ATOM   966  N  N   . GLU A 1 136 ? -4.313  -4.207  9.001   1.00 19.13 ? 228 GLU A N   1 
ATOM   967  C  CA  . GLU A 1 136 ? -3.221  -5.151  9.294   1.00 19.48 ? 228 GLU A CA  1 
ATOM   968  C  C   . GLU A 1 136 ? -2.667  -5.725  8.006   1.00 19.19 ? 228 GLU A C   1 
ATOM   969  O  O   . GLU A 1 136 ? -3.434  -6.030  7.081   1.00 18.26 ? 228 GLU A O   1 
ATOM   970  C  CB  . GLU A 1 136 ? -3.697  -6.305  10.183  1.00 19.75 ? 228 GLU A CB  1 
ATOM   971  C  CG  . GLU A 1 136 ? -4.301  -5.879  11.527  1.00 22.53 ? 228 GLU A CG  1 
ATOM   972  C  CD  . GLU A 1 136 ? -3.265  -5.252  12.447  1.00 25.23 ? 228 GLU A CD  1 
ATOM   973  O  OE1 . GLU A 1 136 ? -2.211  -5.875  12.663  1.00 28.50 ? 228 GLU A OE1 1 
ATOM   974  O  OE2 . GLU A 1 136 ? -3.493  -4.127  12.929  1.00 26.97 ? 228 GLU A OE2 1 
ATOM   975  N  N   . LEU A 1 137 ? -1.344  -5.895  7.957   1.00 18.23 ? 229 LEU A N   1 
ATOM   976  C  CA  . LEU A 1 137 ? -0.699  -6.593  6.846   1.00 18.86 ? 229 LEU A CA  1 
ATOM   977  C  C   . LEU A 1 137 ? -0.996  -8.081  6.962   1.00 19.66 ? 229 LEU A C   1 
ATOM   978  O  O   . LEU A 1 137 ? -1.066  -8.609  8.066   1.00 19.44 ? 229 LEU A O   1 
ATOM   979  C  CB  . LEU A 1 137 ? 0.811   -6.398  6.881   1.00 18.06 ? 229 LEU A CB  1 
ATOM   980  C  CG  . LEU A 1 137 ? 1.428   -5.198  6.166   1.00 17.09 ? 229 LEU A CG  1 
ATOM   981  C  CD1 . LEU A 1 137 ? 0.980   -3.895  6.819   1.00 16.27 ? 229 LEU A CD1 1 
ATOM   982  C  CD2 . LEU A 1 137 ? 2.944   -5.331  6.226   1.00 15.62 ? 229 LEU A CD2 1 
ATOM   983  N  N   . GLN A 1 138 ? -1.162  -8.736  5.816   1.00 20.57 ? 230 GLN A N   1 
ATOM   984  C  CA  . GLN A 1 138 ? -1.419  -10.168 5.730   1.00 22.48 ? 230 GLN A CA  1 
ATOM   985  C  C   . GLN A 1 138 ? -0.348  -10.763 4.835   1.00 23.13 ? 230 GLN A C   1 
ATOM   986  O  O   . GLN A 1 138 ? 0.250   -10.051 4.024   1.00 22.06 ? 230 GLN A O   1 
ATOM   987  C  CB  . GLN A 1 138 ? -2.780  -10.433 5.086   1.00 23.20 ? 230 GLN A CB  1 
ATOM   988  C  CG  . GLN A 1 138 ? -3.951  -9.730  5.754   1.00 28.26 ? 230 GLN A CG  1 
ATOM   989  C  CD  . GLN A 1 138 ? -4.473  -10.463 6.969   1.00 33.78 ? 230 GLN A CD  1 
ATOM   990  O  OE1 . GLN A 1 138 ? -4.151  -10.107 8.109   1.00 37.33 ? 230 GLN A OE1 1 
ATOM   991  N  NE2 . GLN A 1 138 ? -5.296  -11.492 6.737   1.00 36.31 ? 230 GLN A NE2 1 
ATOM   992  N  N   . ALA A 1 139 ? -0.110  -12.064 4.953   1.00 24.18 ? 231 ALA A N   1 
ATOM   993  C  CA  . ALA A 1 139 ? 0.756   -12.736 3.985   1.00 26.29 ? 231 ALA A CA  1 
ATOM   994  C  C   . ALA A 1 139 ? 0.084   -12.734 2.602   1.00 27.90 ? 231 ALA A C   1 
ATOM   995  O  O   . ALA A 1 139 ? -1.151  -12.751 2.509   1.00 27.82 ? 231 ALA A O   1 
ATOM   996  C  CB  . ALA A 1 139 ? 1.073   -14.171 4.438   1.00 26.55 ? 231 ALA A CB  1 
ATOM   997  N  N   . ALA A 1 140 ? 0.897   -12.690 1.545   1.00 30.05 ? 232 ALA A N   1 
ATOM   998  C  CA  . ALA A 1 140 ? 0.428   -12.846 0.152   1.00 32.18 ? 232 ALA A CA  1 
ATOM   999  C  C   . ALA A 1 140 ? -0.380  -14.138 -0.047  1.00 33.88 ? 232 ALA A C   1 
ATOM   1000 O  O   . ALA A 1 140 ? -0.016  -15.175 0.511   1.00 33.93 ? 232 ALA A O   1 
ATOM   1001 C  CB  . ALA A 1 140 ? 1.615   -12.824 -0.804  1.00 32.48 ? 232 ALA A CB  1 
ATOM   1002 N  N   . PRO A 1 141 ? -1.474  -14.080 -0.848  1.00 35.40 ? 233 PRO A N   1 
ATOM   1003 C  CA  . PRO A 1 141 ? -2.329  -15.251 -1.090  1.00 36.16 ? 233 PRO A CA  1 
ATOM   1004 C  C   . PRO A 1 141 ? -1.794  -16.152 -2.189  1.00 36.56 ? 233 PRO A C   1 
ATOM   1005 O  O   . PRO A 1 141 ? -0.591  -16.390 -2.248  1.00 37.49 ? 233 PRO A O   1 
ATOM   1006 C  CB  . PRO A 1 141 ? -3.663  -14.633 -1.533  1.00 36.43 ? 233 PRO A CB  1 
ATOM   1007 C  CG  . PRO A 1 141 ? -3.357  -13.213 -1.930  1.00 36.43 ? 233 PRO A CG  1 
ATOM   1008 C  CD  . PRO A 1 141 ? -1.909  -12.923 -1.647  1.00 35.37 ? 233 PRO A CD  1 
HETATM 1009 CA CA  . CA  B 2 .   ? 16.764  -4.819  4.476   1.00 15.61 ? 301 CA  A CA  1 
HETATM 1010 CA CA  . CA  C 2 .   ? 15.996  -8.524  4.334   1.00 16.43 ? 302 CA  A CA  1 
HETATM 1011 CA CA  . CA  D 2 .   ? 16.490  -10.659 0.964   1.00 16.37 ? 303 CA  A CA  1 
HETATM 1012 C  C   . ACT E 3 .   ? 21.026  -6.739  3.064   1.00 19.25 ? 304 ACT A C   1 
HETATM 1013 O  O   . ACT E 3 .   ? 20.997  -7.497  2.066   1.00 18.57 ? 304 ACT A O   1 
HETATM 1014 O  OXT . ACT E 3 .   ? 21.127  -5.507  2.838   1.00 18.84 ? 304 ACT A OXT 1 
HETATM 1015 C  CH3 . ACT E 3 .   ? 20.936  -7.274  4.461   1.00 19.38 ? 304 ACT A CH3 1 
HETATM 1016 O  O   . HOH F 4 .   ? -2.410  -2.859  16.012  1.00 29.13 ? 401 HOH A O   1 
HETATM 1017 O  O   . HOH F 4 .   ? -9.352  17.501  -9.930  1.00 29.44 ? 402 HOH A O   1 
HETATM 1018 O  O   . HOH F 4 .   ? -2.026  4.637   -12.805 1.00 19.47 ? 403 HOH A O   1 
HETATM 1019 O  O   . HOH F 4 .   ? -5.419  11.169  5.236   1.00 41.03 ? 404 HOH A O   1 
HETATM 1020 O  O   . HOH F 4 .   ? -5.525  -3.913  14.363  1.00 26.41 ? 405 HOH A O   1 
HETATM 1021 O  O   . HOH F 4 .   ? 1.242   -7.080  14.048  1.00 24.10 ? 406 HOH A O   1 
HETATM 1022 O  O   . HOH F 4 .   ? -21.190 7.555   -1.447  1.00 40.05 ? 407 HOH A O   1 
HETATM 1023 O  O   . HOH F 4 .   ? 10.003  -3.988  -5.694  1.00 30.92 ? 408 HOH A O   1 
HETATM 1024 O  O   . HOH F 4 .   ? 4.346   13.886  1.727   1.00 29.89 ? 409 HOH A O   1 
HETATM 1025 O  O   . HOH F 4 .   ? -11.684 -1.383  -14.005 1.00 28.06 ? 410 HOH A O   1 
HETATM 1026 O  O   . HOH F 4 .   ? -13.611 -5.305  -5.305  1.00 20.92 ? 411 HOH A O   1 
HETATM 1027 O  O   . HOH F 4 .   ? -2.147  -9.990  16.500  1.00 34.44 ? 412 HOH A O   1 
HETATM 1028 O  O   . HOH F 4 .   ? 22.646  -3.826  4.048   1.00 27.81 ? 413 HOH A O   1 
HETATM 1029 O  O   . HOH F 4 .   ? -10.611 -7.501  -9.463  1.00 29.25 ? 414 HOH A O   1 
HETATM 1030 O  O   . HOH F 4 .   ? 20.468  -10.048 2.270   1.00 20.04 ? 415 HOH A O   1 
HETATM 1031 O  O   . HOH F 4 .   ? -5.198  13.766  -10.339 1.00 24.40 ? 416 HOH A O   1 
HETATM 1032 O  O   . HOH F 4 .   ? 3.280   -11.616 1.771   1.00 30.87 ? 417 HOH A O   1 
HETATM 1033 O  O   . HOH F 4 .   ? -5.885  9.621   -0.741  1.00 18.55 ? 418 HOH A O   1 
HETATM 1034 O  O   . HOH F 4 .   ? -17.969 7.554   2.382   1.00 36.12 ? 419 HOH A O   1 
HETATM 1035 O  O   . HOH F 4 .   ? -10.471 1.088   3.470   1.00 28.45 ? 420 HOH A O   1 
HETATM 1036 O  O   . HOH F 4 .   ? -21.982 2.793   1.773   1.00 27.24 ? 421 HOH A O   1 
HETATM 1037 O  O   . HOH F 4 .   ? 19.645  -1.272  12.273  1.00 25.18 ? 422 HOH A O   1 
HETATM 1038 O  O   . HOH F 4 .   ? 18.498  -4.921  10.842  1.00 18.27 ? 423 HOH A O   1 
HETATM 1039 O  O   . HOH F 4 .   ? 4.317   -0.018  -16.112 1.00 34.32 ? 424 HOH A O   1 
HETATM 1040 O  O   . HOH F 4 .   ? -4.710  -9.083  -14.699 1.00 29.65 ? 425 HOH A O   1 
HETATM 1041 O  O   . HOH F 4 .   ? 7.852   7.411   -4.888  1.00 17.36 ? 426 HOH A O   1 
HETATM 1042 O  O   . HOH F 4 .   ? -2.854  -0.724  -11.269 1.00 13.96 ? 427 HOH A O   1 
HETATM 1043 O  O   . HOH F 4 .   ? -13.753 -3.260  -12.552 1.00 25.17 ? 428 HOH A O   1 
HETATM 1044 O  O   . HOH F 4 .   ? 14.066  7.637   1.393   1.00 35.98 ? 429 HOH A O   1 
HETATM 1045 O  O   . HOH F 4 .   ? 9.114   -12.724 3.197   1.00 22.64 ? 430 HOH A O   1 
HETATM 1046 O  O   . HOH F 4 .   ? 3.817   8.224   13.560  1.00 20.37 ? 431 HOH A O   1 
HETATM 1047 O  O   . HOH F 4 .   ? -15.989 -6.558  -0.709  1.00 24.07 ? 432 HOH A O   1 
HETATM 1048 O  O   . HOH F 4 .   ? -6.924  15.298  -7.688  1.00 27.79 ? 433 HOH A O   1 
HETATM 1049 O  O   . HOH F 4 .   ? -11.818 -1.975  3.694   1.00 31.17 ? 434 HOH A O   1 
HETATM 1050 O  O   . HOH F 4 .   ? -11.793 7.543   -15.142 1.00 20.90 ? 435 HOH A O   1 
HETATM 1051 O  O   . HOH F 4 .   ? -10.847 0.838   -16.792 1.00 34.13 ? 436 HOH A O   1 
HETATM 1052 O  O   . HOH F 4 .   ? -15.858 10.141  -12.141 1.00 33.71 ? 437 HOH A O   1 
HETATM 1053 O  O   . HOH F 4 .   ? 8.204   7.807   1.294   1.00 15.01 ? 438 HOH A O   1 
HETATM 1054 O  O   . HOH F 4 .   ? -0.233  -4.802  14.190  1.00 23.87 ? 439 HOH A O   1 
HETATM 1055 O  O   . HOH F 4 .   ? -16.256 13.264  -14.177 1.00 20.29 ? 440 HOH A O   1 
HETATM 1056 O  O   . HOH F 4 .   ? 10.834  -1.474  -8.878  1.00 31.45 ? 441 HOH A O   1 
HETATM 1057 O  O   . HOH F 4 .   ? 15.064  5.876   8.596   1.00 13.65 ? 442 HOH A O   1 
HETATM 1058 O  O   . HOH F 4 .   ? 3.167   -5.483  15.038  1.00 26.20 ? 443 HOH A O   1 
HETATM 1059 O  O   . HOH F 4 .   ? -21.189 -0.715  -11.061 1.00 30.12 ? 444 HOH A O   1 
HETATM 1060 O  O   . HOH F 4 .   ? -6.029  0.316   -16.434 1.00 28.84 ? 445 HOH A O   1 
HETATM 1061 O  O   . HOH F 4 .   ? 4.009   4.526   12.565  1.00 23.95 ? 446 HOH A O   1 
HETATM 1062 O  O   . HOH F 4 .   ? 12.541  -13.028 0.054   1.00 35.19 ? 447 HOH A O   1 
HETATM 1063 O  O   . HOH F 4 .   ? 19.122  -4.287  4.277   1.00 16.24 ? 448 HOH A O   1 
HETATM 1064 O  O   . HOH F 4 .   ? 11.721  2.689   -4.177  1.00 28.98 ? 449 HOH A O   1 
HETATM 1065 O  O   . HOH F 4 .   ? 17.343  3.574   11.592  1.00 23.38 ? 450 HOH A O   1 
HETATM 1066 O  O   . HOH F 4 .   ? -13.749 12.616  -3.101  1.00 18.39 ? 451 HOH A O   1 
HETATM 1067 O  O   . HOH F 4 .   ? -13.463 10.224  -2.095  1.00 22.42 ? 452 HOH A O   1 
HETATM 1068 O  O   . HOH F 4 .   ? 20.685  -4.516  13.740  1.00 44.71 ? 453 HOH A O   1 
HETATM 1069 O  O   . HOH F 4 .   ? -5.129  -7.728  3.209   1.00 32.03 ? 454 HOH A O   1 
HETATM 1070 O  O   . HOH F 4 .   ? 4.985   -7.629  0.153   1.00 18.70 ? 455 HOH A O   1 
HETATM 1071 O  O   . HOH F 4 .   ? 10.282  6.975   8.178   1.00 18.19 ? 456 HOH A O   1 
HETATM 1072 O  O   . HOH F 4 .   ? 4.071   -12.005 4.931   1.00 36.74 ? 457 HOH A O   1 
HETATM 1073 O  O   . HOH F 4 .   ? 21.243  1.649   11.723  1.00 30.57 ? 458 HOH A O   1 
HETATM 1074 O  O   . HOH F 4 .   ? -2.657  12.849  -0.443  1.00 27.22 ? 459 HOH A O   1 
HETATM 1075 O  O   . HOH F 4 .   ? -20.144 -3.089  -2.551  1.00 21.38 ? 460 HOH A O   1 
HETATM 1076 O  O   . HOH F 4 .   ? 24.619  1.406   -4.475  1.00 31.22 ? 461 HOH A O   1 
HETATM 1077 O  O   . HOH F 4 .   ? 18.964  4.718   9.695   1.00 17.61 ? 462 HOH A O   1 
HETATM 1078 O  O   . HOH F 4 .   ? 9.626   -9.437  13.044  1.00 20.70 ? 463 HOH A O   1 
HETATM 1079 O  O   . HOH F 4 .   ? 3.734   -6.891  -5.233  1.00 29.26 ? 464 HOH A O   1 
HETATM 1080 O  O   . HOH F 4 .   ? -18.591 2.670   -7.452  1.00 31.88 ? 465 HOH A O   1 
HETATM 1081 O  O   . HOH F 4 .   ? 19.676  -1.229  4.992   1.00 29.53 ? 466 HOH A O   1 
HETATM 1082 O  O   . HOH F 4 .   ? 5.908   -7.212  13.996  1.00 31.26 ? 467 HOH A O   1 
HETATM 1083 O  O   . HOH F 4 .   ? -16.513 7.827   -13.462 1.00 17.24 ? 468 HOH A O   1 
HETATM 1084 O  O   . HOH F 4 .   ? 4.484   10.223  -3.796  1.00 14.83 ? 469 HOH A O   1 
HETATM 1085 O  O   . HOH F 4 .   ? 23.081  -12.304 0.509   1.00 32.35 ? 470 HOH A O   1 
HETATM 1086 O  O   . HOH F 4 .   ? -18.383 0.410   -8.502  1.00 19.92 ? 471 HOH A O   1 
HETATM 1087 O  O   . HOH F 4 .   ? 21.135  -6.566  -4.567  1.00 37.67 ? 472 HOH A O   1 
HETATM 1088 O  O   . HOH F 4 .   ? -4.706  0.845   -12.886 1.00 20.36 ? 473 HOH A O   1 
HETATM 1089 O  O   . HOH F 4 .   ? 14.740  -12.272 5.316   1.00 36.20 ? 474 HOH A O   1 
HETATM 1090 O  O   . HOH F 4 .   ? 7.821   -4.477  14.956  1.00 26.66 ? 475 HOH A O   1 
HETATM 1091 O  O   . HOH F 4 .   ? 21.985  1.715   4.331   1.00 24.54 ? 476 HOH A O   1 
HETATM 1092 O  O   . HOH F 4 .   ? -0.222  -7.980  10.723  1.00 28.73 ? 477 HOH A O   1 
HETATM 1093 O  O   . HOH F 4 .   ? -2.905  11.273  1.720   1.00 28.99 ? 478 HOH A O   1 
HETATM 1094 O  O   . HOH F 4 .   ? 7.061   -11.473 6.340   1.00 24.44 ? 479 HOH A O   1 
HETATM 1095 O  O   . HOH F 4 .   ? -4.690  3.447   -13.771 1.00 22.89 ? 480 HOH A O   1 
HETATM 1096 O  O   . HOH F 4 .   ? 19.625  -9.905  6.941   1.00 16.13 ? 481 HOH A O   1 
HETATM 1097 O  O   . HOH F 4 .   ? 14.041  -0.948  13.780  1.00 29.19 ? 482 HOH A O   1 
HETATM 1098 O  O   . HOH F 4 .   ? 9.915   -12.333 -0.253  1.00 30.85 ? 483 HOH A O   1 
HETATM 1099 O  O   . HOH F 4 .   ? 11.825  0.968   14.146  1.00 23.98 ? 484 HOH A O   1 
HETATM 1100 O  O   . HOH F 4 .   ? 14.329  5.116   -2.155  1.00 18.36 ? 485 HOH A O   1 
HETATM 1101 O  O   . HOH F 4 .   ? -17.410 0.342   -4.408  1.00 38.02 ? 486 HOH A O   1 
HETATM 1102 O  O   . HOH F 4 .   ? 8.569   11.091  3.242   1.00 53.67 ? 487 HOH A O   1 
HETATM 1103 O  O   . HOH F 4 .   ? -1.432  -13.297 7.281   1.00 30.61 ? 488 HOH A O   1 
HETATM 1104 O  O   . HOH F 4 .   ? -7.085  -5.163  9.305   1.00 27.18 ? 489 HOH A O   1 
HETATM 1105 O  O   . HOH F 4 .   ? 0.154   10.696  1.708   1.00 30.23 ? 490 HOH A O   1 
HETATM 1106 O  O   . HOH F 4 .   ? 6.533   4.734   -8.556  1.00 29.68 ? 491 HOH A O   1 
HETATM 1107 O  O   . HOH F 4 .   ? 9.719   4.567   -7.389  1.00 34.88 ? 492 HOH A O   1 
HETATM 1108 O  O   . HOH F 4 .   ? 10.966  6.013   11.185  1.00 31.72 ? 493 HOH A O   1 
HETATM 1109 O  O   . HOH F 4 .   ? 23.257  -0.601  6.050   1.00 29.80 ? 494 HOH A O   1 
HETATM 1110 O  O   . HOH F 4 .   ? 17.299  -11.821 2.670   1.00 17.09 ? 495 HOH A O   1 
HETATM 1111 O  O   . HOH F 4 .   ? -17.176 -7.643  -4.326  1.00 38.18 ? 496 HOH A O   1 
HETATM 1112 O  O   . HOH F 4 .   ? 5.403   -0.299  16.728  1.00 24.97 ? 497 HOH A O   1 
HETATM 1113 O  O   . HOH F 4 .   ? -16.573 3.604   -3.820  1.00 41.16 ? 498 HOH A O   1 
HETATM 1114 O  O   . HOH F 4 .   ? 20.582  -6.698  9.444   1.00 11.65 ? 499 HOH A O   1 
HETATM 1115 O  O   . HOH F 4 .   ? -6.499  6.812   10.595  1.00 23.62 ? 500 HOH A O   1 
HETATM 1116 O  O   . HOH F 4 .   ? 3.168   -9.379  0.253   1.00 32.85 ? 501 HOH A O   1 
HETATM 1117 O  O   . HOH F 4 .   ? -3.089  9.909   12.081  1.00 30.32 ? 502 HOH A O   1 
HETATM 1118 O  O   . HOH F 4 .   ? -8.362  10.907  3.229   1.00 38.73 ? 503 HOH A O   1 
HETATM 1119 O  O   . HOH F 4 .   ? 18.056  -9.785  4.751   1.00 16.40 ? 504 HOH A O   1 
HETATM 1120 O  O   . HOH F 4 .   ? 16.425  -12.859 -0.029  1.00 19.36 ? 505 HOH A O   1 
HETATM 1121 O  O   . HOH F 4 .   ? 20.462  -4.631  7.063   1.00 30.97 ? 506 HOH A O   1 
HETATM 1122 O  O   . HOH F 4 .   ? -4.372  -11.397 -9.194  1.00 36.66 ? 507 HOH A O   1 
HETATM 1123 O  O   . HOH F 4 .   ? 15.952  -2.699  15.231  1.00 42.73 ? 508 HOH A O   1 
HETATM 1124 O  O   . HOH F 4 .   ? 10.167  8.387   -5.437  1.00 35.19 ? 509 HOH A O   1 
HETATM 1125 O  O   . HOH F 4 .   ? 26.685  1.441   -0.445  1.00 47.61 ? 510 HOH A O   1 
HETATM 1126 O  O   . HOH F 4 .   ? 21.315  -2.169  7.508   1.00 43.19 ? 511 HOH A O   1 
HETATM 1127 O  O   . HOH F 4 .   ? -18.266 -1.723  -14.653 1.00 32.34 ? 512 HOH A O   1 
HETATM 1128 O  O   . HOH F 4 .   ? 0.568   -5.391  -24.585 1.00 21.27 ? 513 HOH A O   1 
HETATM 1129 O  O   . HOH F 4 .   ? -18.677 -7.356  -1.050  1.00 30.00 ? 514 HOH A O   1 
HETATM 1130 O  O   . HOH F 4 .   ? -5.384  12.182  -1.431  1.00 29.53 ? 515 HOH A O   1 
HETATM 1131 O  O   . HOH F 4 .   ? -7.273  5.917   -18.652 1.00 48.76 ? 516 HOH A O   1 
HETATM 1132 O  O   . HOH F 4 .   ? 13.053  7.859   6.932   1.00 34.55 ? 517 HOH A O   1 
HETATM 1133 O  O   . HOH F 4 .   ? -7.116  12.541  1.483   1.00 44.06 ? 518 HOH A O   1 
HETATM 1134 O  O   . HOH F 4 .   ? 7.187   7.784   -7.623  1.00 26.62 ? 519 HOH A O   1 
HETATM 1135 O  O   . HOH F 4 .   ? -4.614  -10.106 2.339   1.00 47.60 ? 520 HOH A O   1 
HETATM 1136 O  O   . HOH F 4 .   ? -13.260 -7.955  -5.767  1.00 41.73 ? 521 HOH A O   1 
HETATM 1137 O  O   . HOH F 4 .   ? -6.217  -9.764  -10.518 1.00 34.50 ? 522 HOH A O   1 
HETATM 1138 O  O   . HOH F 4 .   ? 11.502  10.238  11.342  1.00 37.31 ? 523 HOH A O   1 
HETATM 1139 O  O   . HOH F 4 .   ? -14.785 8.375   -15.467 1.00 24.36 ? 524 HOH A O   1 
HETATM 1140 O  O   . HOH F 4 .   ? -8.564  -8.903  -8.757  1.00 31.96 ? 525 HOH A O   1 
HETATM 1141 O  O   . HOH F 4 .   ? -2.952  12.569  4.150   1.00 38.00 ? 526 HOH A O   1 
HETATM 1142 O  O   . HOH F 4 .   ? 8.135   -12.433 8.745   1.00 41.52 ? 527 HOH A O   1 
HETATM 1143 O  O   . HOH F 4 .   ? 7.504   -1.146  -13.477 1.00 41.28 ? 528 HOH A O   1 
# 
